data_6XZ8
#
_entry.id   6XZ8
#
_cell.length_a   107.323
_cell.length_b   121.730
_cell.length_c   298.559
_cell.angle_alpha   90.000
_cell.angle_beta   90.000
_cell.angle_gamma   90.000
#
_symmetry.space_group_name_H-M   'I 2 2 2'
#
loop_
_entity.id
_entity.type
_entity.pdbx_description
1 polymer 'Cytochrome P450 11B2, mitochondrial'
2 non-polymer 'HEME C'
3 non-polymer ~{N}-[(1~{R})-1-[5-(6-chloranyl-1,1-dimethyl-3-oxidanylidene-isoindol-2-yl)pyridin-3-yl]ethyl]methanesulfonamide
4 water water
#
_entity_poly.entity_id   1
_entity_poly.type   'polypeptide(L)'
_entity_poly.pdbx_seq_one_letter_code
;MATKAARAPRTVLPFEAMPQHPGNRWLRLLQIWREQGYEHLHLEMHQTFQELGPIFRYNLGGPRMVCVMLPEDVEKLQQV
DSLHPCRMILEPWVAYRQHRGHKCGVFLLNGPEWRFNRLRLNPDVLSPKAVQRFLPMVDAVARDFSQALKKKVLQNARGS
LTLDVQPSIFHYTIEASNLALFGERLGLVGHSPSSASLNFLHALEVMFKSTVQLMFMPRSLSRWISPKVWKEHFEAWDCI
FQYGDNCIQKIYQELAFNRPQHYTGIVAELLLKAELSLEAIKANSMELTAGSVDTTAFPLLMTLFELARNPDVQQILRQE
SLAAAASISEHPQKATTELPLLRAALKETLRLYPVGLFLERVVSSDLVLQNYHIPAGTLVQVFLYSLGRNAALFPRPERY
NPQRWLDIRGSGRNFHHVPFGFGMRQCLGRRLAEAEMLLLLHHVLKHFLVETLTQEDIKMVYSFILRPGTSPLLTFRAIN
GGRHHHHHH
;
_entity_poly.pdbx_strand_id   A,B,C
#
loop_
_chem_comp.id
_chem_comp.type
_chem_comp.name
_chem_comp.formula
HEC non-polymer 'HEME C' 'C34 H34 Fe N4 O4'
O4T non-polymer ~{N}-[(1~{R})-1-[5-(6-chloranyl-1,1-dimethyl-3-oxidanylidene-isoindol-2-yl)pyridin-3-yl]ethyl]methanesulfonamide 'C18 H20 Cl N3 O3 S'
#
# COMPACT_ATOMS: atom_id res chain seq x y z
N THR A 11 54.77 37.60 19.70
CA THR A 11 54.35 37.08 21.01
C THR A 11 52.88 36.59 20.99
N VAL A 12 52.65 35.37 21.55
CA VAL A 12 51.34 34.68 21.65
C VAL A 12 50.41 35.46 22.57
N LEU A 13 49.26 35.84 22.03
CA LEU A 13 48.24 36.64 22.72
C LEU A 13 47.36 35.76 23.61
N PRO A 14 46.87 36.30 24.76
CA PRO A 14 46.02 35.48 25.64
C PRO A 14 44.67 35.13 25.01
N PHE A 15 43.94 34.18 25.63
CA PHE A 15 42.63 33.75 25.16
C PHE A 15 41.64 34.94 25.05
N GLU A 16 41.62 35.77 26.10
CA GLU A 16 40.75 36.93 26.24
C GLU A 16 40.95 38.01 25.15
N ALA A 17 42.14 38.06 24.52
CA ALA A 17 42.47 39.02 23.45
C ALA A 17 41.64 38.82 22.17
N MET A 18 41.16 37.59 21.96
CA MET A 18 40.37 37.11 20.82
C MET A 18 39.03 37.85 20.63
N PRO A 19 38.57 38.08 19.36
CA PRO A 19 37.22 38.65 19.15
C PRO A 19 36.14 37.77 19.80
N GLN A 20 35.11 38.41 20.39
CA GLN A 20 34.00 37.72 21.06
C GLN A 20 32.74 37.78 20.21
N HIS A 21 31.95 36.69 20.16
CA HIS A 21 30.68 36.64 19.42
C HIS A 21 29.72 37.68 20.03
N PRO A 22 29.09 38.53 19.18
CA PRO A 22 28.21 39.59 19.72
C PRO A 22 27.02 39.14 20.59
N GLY A 23 26.42 38.00 20.25
CA GLY A 23 25.27 37.44 20.95
C GLY A 23 25.53 36.89 22.34
N ASN A 24 24.61 36.03 22.81
CA ASN A 24 24.68 35.40 24.13
C ASN A 24 23.93 34.06 24.18
N ARG A 25 24.39 33.13 25.05
CA ARG A 25 23.82 31.79 25.23
C ARG A 25 22.32 31.78 25.66
N TRP A 26 21.81 32.88 26.26
CA TRP A 26 20.39 32.97 26.66
C TRP A 26 19.47 33.41 25.55
N LEU A 27 19.87 34.40 24.74
CA LEU A 27 19.04 34.89 23.64
C LEU A 27 18.97 33.85 22.53
N ARG A 28 20.04 33.03 22.40
CA ARG A 28 20.16 31.91 21.46
C ARG A 28 19.19 30.83 21.93
N LEU A 29 19.14 30.58 23.25
CA LEU A 29 18.30 29.58 23.90
C LEU A 29 16.82 29.89 23.71
N LEU A 30 16.46 31.17 23.88
CA LEU A 30 15.09 31.61 23.77
C LEU A 30 14.59 31.61 22.35
N GLN A 31 15.47 32.00 21.38
CA GLN A 31 15.12 32.00 19.95
C GLN A 31 14.94 30.55 19.46
N ILE A 32 15.71 29.58 20.03
CA ILE A 32 15.61 28.14 19.72
C ILE A 32 14.25 27.64 20.25
N TRP A 33 13.88 28.00 21.51
CA TRP A 33 12.60 27.58 22.09
C TRP A 33 11.49 28.06 21.19
N ARG A 34 11.61 29.32 20.69
CA ARG A 34 10.63 29.98 19.83
C ARG A 34 10.47 29.29 18.47
N GLU A 35 11.54 29.30 17.69
CA GLU A 35 11.58 28.78 16.33
C GLU A 35 11.54 27.25 16.22
N GLN A 36 11.72 26.51 17.35
CA GLN A 36 11.75 25.04 17.42
C GLN A 36 12.91 24.46 16.58
N GLY A 37 14.00 25.23 16.49
CA GLY A 37 15.21 24.92 15.75
C GLY A 37 16.16 26.10 15.58
N TYR A 38 17.29 25.83 14.93
CA TYR A 38 18.36 26.79 14.64
C TYR A 38 18.76 26.57 13.17
N GLU A 39 17.77 26.65 12.25
CA GLU A 39 17.93 26.41 10.82
C GLU A 39 18.99 27.27 10.13
N HIS A 40 19.31 28.45 10.69
CA HIS A 40 20.27 29.35 10.06
C HIS A 40 21.60 29.51 10.84
N LEU A 41 21.94 28.51 11.67
CA LEU A 41 23.18 28.48 12.44
C LEU A 41 24.42 28.71 11.55
N HIS A 42 24.48 27.99 10.42
CA HIS A 42 25.58 28.05 9.45
C HIS A 42 25.79 29.45 8.91
N LEU A 43 24.69 30.15 8.56
CA LEU A 43 24.69 31.50 8.05
C LEU A 43 25.01 32.50 9.13
N GLU A 44 24.59 32.20 10.39
CA GLU A 44 24.89 33.06 11.53
C GLU A 44 26.41 33.10 11.77
N MET A 45 27.02 31.90 11.90
CA MET A 45 28.46 31.73 12.11
C MET A 45 29.26 32.27 10.94
N HIS A 46 28.81 32.05 9.69
CA HIS A 46 29.48 32.54 8.48
C HIS A 46 29.56 34.07 8.45
N GLN A 47 28.48 34.74 8.91
CA GLN A 47 28.39 36.19 9.01
C GLN A 47 29.35 36.68 10.10
N THR A 48 29.41 35.95 11.25
CA THR A 48 30.28 36.29 12.38
C THR A 48 31.75 36.26 11.96
N PHE A 49 32.15 35.27 11.12
CA PHE A 49 33.51 35.14 10.59
C PHE A 49 33.86 36.28 9.65
N GLN A 50 32.87 36.73 8.84
CA GLN A 50 33.02 37.84 7.91
C GLN A 50 33.28 39.13 8.67
N GLU A 51 32.55 39.32 9.79
CA GLU A 51 32.61 40.49 10.67
C GLU A 51 33.79 40.51 11.66
N LEU A 52 34.20 39.34 12.23
CA LEU A 52 35.23 39.27 13.29
C LEU A 52 36.61 38.74 12.90
N GLY A 53 36.69 37.92 11.86
CA GLY A 53 37.95 37.31 11.45
C GLY A 53 37.85 35.80 11.38
N PRO A 54 38.96 35.07 11.18
CA PRO A 54 38.86 33.60 11.07
C PRO A 54 38.89 32.80 12.37
N ILE A 55 38.85 33.54 13.49
CA ILE A 55 38.85 33.01 14.86
C ILE A 55 38.08 33.98 15.77
N PHE A 56 37.22 33.41 16.63
CA PHE A 56 36.41 34.13 17.62
C PHE A 56 35.95 33.23 18.76
N ARG A 57 35.69 33.82 19.93
CA ARG A 57 35.25 33.10 21.13
C ARG A 57 33.78 33.33 21.49
N TYR A 58 33.03 32.23 21.77
CA TYR A 58 31.62 32.30 22.18
C TYR A 58 31.51 32.29 23.69
N ASN A 59 30.74 33.26 24.23
CA ASN A 59 30.54 33.39 25.66
C ASN A 59 29.52 32.37 26.17
N LEU A 60 30.02 31.40 26.92
CA LEU A 60 29.23 30.33 27.53
C LEU A 60 29.02 30.61 29.02
N GLY A 61 29.49 31.79 29.45
CA GLY A 61 29.40 32.29 30.82
C GLY A 61 30.28 31.57 31.83
N GLY A 62 31.31 30.91 31.33
CA GLY A 62 32.27 30.15 32.11
C GLY A 62 33.18 29.35 31.19
N PRO A 63 32.66 28.26 30.53
CA PRO A 63 33.50 27.48 29.61
C PRO A 63 34.07 28.28 28.42
N ARG A 64 35.20 27.80 27.90
CA ARG A 64 35.90 28.42 26.79
C ARG A 64 35.46 27.77 25.50
N MET A 65 34.99 28.58 24.56
CA MET A 65 34.54 28.07 23.27
C MET A 65 35.12 28.93 22.15
N VAL A 66 35.86 28.28 21.21
CA VAL A 66 36.51 28.94 20.09
C VAL A 66 35.92 28.41 18.79
N CYS A 67 35.81 29.29 17.78
CA CYS A 67 35.34 28.94 16.44
C CYS A 67 36.40 29.27 15.40
N VAL A 68 36.72 28.27 14.55
CA VAL A 68 37.74 28.38 13.49
C VAL A 68 37.19 27.97 12.13
N MET A 69 37.86 28.42 11.06
CA MET A 69 37.41 28.16 9.70
C MET A 69 38.59 28.02 8.75
N LEU A 70 39.77 27.77 9.30
CA LEU A 70 40.94 27.63 8.44
C LEU A 70 41.55 26.26 8.52
N PRO A 71 41.96 25.70 7.36
CA PRO A 71 42.61 24.38 7.38
C PRO A 71 43.92 24.35 8.19
N GLU A 72 44.65 25.50 8.28
CA GLU A 72 45.87 25.62 9.09
C GLU A 72 45.58 25.37 10.60
N ASP A 73 44.36 25.73 11.04
CA ASP A 73 43.87 25.58 12.40
C ASP A 73 43.43 24.13 12.68
N VAL A 74 43.02 23.40 11.62
CA VAL A 74 42.63 21.99 11.75
C VAL A 74 43.90 21.18 11.97
N GLU A 75 44.99 21.53 11.24
CA GLU A 75 46.31 20.91 11.32
C GLU A 75 46.83 20.96 12.75
N LYS A 76 46.71 22.15 13.40
CA LYS A 76 47.13 22.41 14.79
C LYS A 76 46.27 21.63 15.79
N LEU A 77 44.99 21.42 15.43
CA LEU A 77 44.04 20.69 16.26
C LEU A 77 44.35 19.19 16.31
N GLN A 78 44.75 18.62 15.17
CA GLN A 78 45.12 17.23 14.95
C GLN A 78 46.39 16.92 15.77
N GLN A 79 47.29 17.92 15.89
CA GLN A 79 48.53 17.81 16.65
C GLN A 79 48.23 17.54 18.13
N VAL A 80 47.22 18.25 18.66
CA VAL A 80 46.78 18.15 20.04
C VAL A 80 45.90 16.91 20.30
N ASP A 81 45.22 16.35 19.26
CA ASP A 81 44.28 15.21 19.32
C ASP A 81 44.50 14.25 20.52
N SER A 82 45.75 13.80 20.75
CA SER A 82 46.14 12.87 21.83
C SER A 82 45.62 11.46 21.60
N LEU A 83 45.84 10.57 22.57
CA LEU A 83 45.42 9.17 22.49
C LEU A 83 43.93 8.99 22.40
N HIS A 84 43.20 9.91 23.05
CA HIS A 84 41.76 9.91 23.11
C HIS A 84 41.20 11.26 22.72
N PRO A 85 41.02 11.57 21.42
CA PRO A 85 40.40 12.85 21.05
C PRO A 85 39.02 12.92 21.67
N CYS A 86 38.75 14.02 22.38
CA CYS A 86 37.49 14.28 23.08
C CYS A 86 36.58 15.15 22.29
N ARG A 87 35.30 14.81 22.36
CA ARG A 87 34.21 15.55 21.74
C ARG A 87 33.30 15.96 22.91
N MET A 88 32.34 16.86 22.66
CA MET A 88 31.38 17.23 23.71
C MET A 88 30.38 16.11 23.94
N ILE A 89 30.04 15.84 25.20
CA ILE A 89 29.07 14.78 25.50
C ILE A 89 27.69 15.21 24.96
N LEU A 90 27.15 14.44 23.97
CA LEU A 90 25.84 14.72 23.36
C LEU A 90 24.76 14.19 24.31
N GLU A 91 24.51 14.99 25.37
CA GLU A 91 23.61 14.71 26.49
C GLU A 91 22.27 14.08 26.09
N PRO A 92 21.48 14.60 25.08
CA PRO A 92 20.19 13.97 24.78
C PRO A 92 20.27 12.53 24.30
N TRP A 93 21.26 12.23 23.44
CA TRP A 93 21.50 10.91 22.86
C TRP A 93 21.91 9.95 23.97
N VAL A 94 22.93 10.34 24.78
CA VAL A 94 23.47 9.58 25.91
C VAL A 94 22.37 9.29 26.93
N ALA A 95 21.46 10.26 27.15
CA ALA A 95 20.28 10.14 28.03
C ALA A 95 19.35 8.99 27.62
N TYR A 96 19.14 8.77 26.30
CA TYR A 96 18.30 7.68 25.80
C TYR A 96 18.90 6.32 26.12
N ARG A 97 20.19 6.15 25.77
CA ARG A 97 20.98 4.94 25.99
C ARG A 97 21.04 4.62 27.47
N GLN A 98 21.24 5.63 28.33
CA GLN A 98 21.27 5.44 29.79
C GLN A 98 19.92 4.99 30.29
N HIS A 99 18.84 5.59 29.75
CA HIS A 99 17.46 5.28 30.14
C HIS A 99 17.06 3.84 29.75
N ARG A 100 17.33 3.45 28.49
CA ARG A 100 16.96 2.12 27.98
C ARG A 100 18.03 1.02 28.25
N GLY A 101 19.14 1.39 28.89
CA GLY A 101 20.23 0.48 29.24
C GLY A 101 21.08 -0.04 28.10
N HIS A 102 21.37 0.81 27.10
CA HIS A 102 22.20 0.45 25.95
C HIS A 102 23.61 1.00 26.10
N LYS A 103 24.57 0.30 25.50
CA LYS A 103 25.96 0.76 25.50
C LYS A 103 26.05 1.87 24.44
N CYS A 104 27.10 2.68 24.50
CA CYS A 104 27.28 3.74 23.52
C CYS A 104 28.16 3.26 22.40
N GLY A 105 27.89 3.80 21.22
CA GLY A 105 28.64 3.53 20.01
C GLY A 105 29.86 4.42 20.02
N VAL A 106 30.74 4.20 19.06
CA VAL A 106 32.01 4.92 18.98
C VAL A 106 31.83 6.47 18.89
N PHE A 107 30.72 6.97 18.30
CA PHE A 107 30.47 8.42 18.18
C PHE A 107 30.25 9.06 19.54
N LEU A 108 29.39 8.44 20.36
CA LEU A 108 29.01 8.89 21.71
C LEU A 108 30.00 8.52 22.81
N LEU A 109 31.04 7.76 22.45
CA LEU A 109 32.06 7.36 23.43
C LEU A 109 33.24 8.32 23.46
N ASN A 110 33.92 8.39 24.61
CA ASN A 110 35.10 9.22 24.81
C ASN A 110 36.13 8.45 25.62
N GLY A 111 37.39 8.80 25.45
CA GLY A 111 38.48 8.21 26.22
C GLY A 111 38.84 6.78 25.87
N PRO A 112 39.32 5.99 26.87
CA PRO A 112 39.75 4.60 26.59
C PRO A 112 38.65 3.73 25.99
N GLU A 113 37.40 3.86 26.48
CA GLU A 113 36.29 3.07 25.96
C GLU A 113 36.10 3.34 24.46
N TRP A 114 36.30 4.61 24.03
CA TRP A 114 36.20 4.99 22.62
C TRP A 114 37.29 4.29 21.81
N ARG A 115 38.57 4.38 22.27
CA ARG A 115 39.72 3.81 21.56
C ARG A 115 39.61 2.31 21.41
N PHE A 116 39.10 1.62 22.44
CA PHE A 116 38.88 0.17 22.43
C PHE A 116 37.87 -0.20 21.34
N ASN A 117 36.72 0.51 21.29
CA ASN A 117 35.69 0.26 20.29
C ASN A 117 36.25 0.53 18.90
N ARG A 118 36.84 1.73 18.65
CA ARG A 118 37.37 2.21 17.36
C ARG A 118 38.39 1.28 16.71
N LEU A 119 39.37 0.78 17.48
CA LEU A 119 40.40 -0.09 16.94
C LEU A 119 39.85 -1.44 16.47
N ARG A 120 38.74 -1.91 17.07
CA ARG A 120 38.07 -3.18 16.70
C ARG A 120 37.08 -3.01 15.52
N LEU A 121 36.71 -1.74 15.23
CA LEU A 121 35.79 -1.33 14.18
C LEU A 121 36.50 -0.98 12.88
N ASN A 122 37.58 -0.17 12.95
CA ASN A 122 38.34 0.27 11.78
C ASN A 122 38.66 -0.82 10.75
N PRO A 123 39.14 -2.06 11.11
CA PRO A 123 39.48 -3.03 10.06
C PRO A 123 38.32 -3.53 9.20
N ASP A 124 37.12 -3.55 9.76
CA ASP A 124 35.94 -4.10 9.08
C ASP A 124 35.06 -3.06 8.41
N VAL A 125 35.07 -1.82 8.93
CA VAL A 125 34.23 -0.72 8.46
C VAL A 125 34.98 0.23 7.53
N LEU A 126 36.21 0.61 7.90
CA LEU A 126 36.98 1.64 7.21
C LEU A 126 38.18 1.17 6.38
N SER A 127 38.88 0.09 6.78
CA SER A 127 40.10 -0.40 6.12
C SER A 127 39.95 -0.65 4.62
N PRO A 128 41.02 -0.46 3.80
CA PRO A 128 40.87 -0.69 2.35
C PRO A 128 40.56 -2.14 2.00
N LYS A 129 41.00 -3.08 2.86
CA LYS A 129 40.76 -4.52 2.70
C LYS A 129 39.25 -4.79 2.82
N ALA A 130 38.57 -4.05 3.73
CA ALA A 130 37.14 -4.15 3.95
C ALA A 130 36.37 -3.56 2.78
N VAL A 131 36.87 -2.45 2.19
CA VAL A 131 36.19 -1.80 1.05
C VAL A 131 36.27 -2.71 -0.16
N GLN A 132 37.39 -3.43 -0.33
CA GLN A 132 37.53 -4.38 -1.43
C GLN A 132 36.44 -5.42 -1.36
N ARG A 133 36.03 -5.78 -0.13
CA ARG A 133 35.03 -6.79 0.12
C ARG A 133 33.58 -6.29 -0.07
N PHE A 134 33.21 -5.09 0.44
CA PHE A 134 31.82 -4.64 0.30
C PHE A 134 31.55 -3.72 -0.92
N LEU A 135 32.58 -3.26 -1.62
CA LEU A 135 32.38 -2.45 -2.83
C LEU A 135 31.59 -3.21 -3.93
N PRO A 136 31.85 -4.52 -4.23
CA PRO A 136 31.04 -5.20 -5.25
C PRO A 136 29.55 -5.26 -4.92
N MET A 137 29.23 -5.36 -3.60
CA MET A 137 27.86 -5.35 -3.07
C MET A 137 27.20 -3.99 -3.35
N VAL A 138 27.89 -2.88 -3.04
CA VAL A 138 27.40 -1.52 -3.27
C VAL A 138 27.10 -1.29 -4.76
N ASP A 139 28.05 -1.69 -5.63
CA ASP A 139 27.94 -1.59 -7.09
C ASP A 139 26.67 -2.30 -7.58
N ALA A 140 26.36 -3.49 -7.03
CA ALA A 140 25.15 -4.26 -7.39
C ALA A 140 23.87 -3.45 -7.20
N VAL A 141 23.79 -2.68 -6.09
CA VAL A 141 22.63 -1.84 -5.74
C VAL A 141 22.65 -0.59 -6.63
N ALA A 142 23.86 -0.03 -6.89
CA ALA A 142 24.02 1.15 -7.75
C ALA A 142 23.51 0.87 -9.15
N ARG A 143 23.81 -0.33 -9.68
CA ARG A 143 23.36 -0.81 -10.99
C ARG A 143 21.83 -0.85 -11.01
N ASP A 144 21.22 -1.60 -10.03
CA ASP A 144 19.78 -1.75 -9.84
C ASP A 144 19.02 -0.40 -9.80
N PHE A 145 19.65 0.66 -9.25
CA PHE A 145 19.09 2.01 -9.20
C PHE A 145 18.92 2.56 -10.61
N SER A 146 20.01 2.58 -11.41
CA SER A 146 19.97 3.09 -12.77
C SER A 146 19.06 2.27 -13.66
N GLN A 147 19.11 0.93 -13.55
CA GLN A 147 18.29 0.08 -14.41
C GLN A 147 16.80 0.20 -14.11
N ALA A 148 16.44 0.50 -12.84
CA ALA A 148 15.06 0.72 -12.46
C ALA A 148 14.58 2.04 -13.06
N LEU A 149 15.46 3.06 -13.00
CA LEU A 149 15.23 4.40 -13.54
C LEU A 149 15.06 4.34 -15.07
N LYS A 150 16.02 3.67 -15.76
CA LYS A 150 16.04 3.47 -17.21
C LYS A 150 14.71 2.89 -17.69
N LYS A 151 14.19 1.85 -16.98
CA LYS A 151 12.91 1.20 -17.29
C LYS A 151 11.75 2.20 -17.31
N LYS A 152 11.67 3.06 -16.28
CA LYS A 152 10.63 4.08 -16.15
C LYS A 152 10.79 5.17 -17.21
N VAL A 153 12.06 5.62 -17.44
CA VAL A 153 12.46 6.62 -18.42
C VAL A 153 12.02 6.23 -19.85
N LEU A 154 12.22 4.96 -20.22
CA LEU A 154 11.92 4.48 -21.56
C LEU A 154 10.43 4.31 -21.86
N GLN A 155 9.58 4.22 -20.82
CA GLN A 155 8.12 4.13 -20.96
C GLN A 155 7.50 5.43 -21.48
N ASN A 156 8.14 6.58 -21.15
CA ASN A 156 7.73 7.93 -21.58
C ASN A 156 8.24 8.22 -23.01
N ALA A 157 7.41 8.90 -23.80
CA ALA A 157 7.68 9.25 -25.20
C ALA A 157 8.98 10.04 -25.44
N ARG A 158 9.24 11.06 -24.61
CA ARG A 158 10.45 11.88 -24.75
C ARG A 158 11.71 11.21 -24.17
N GLY A 159 11.61 9.91 -23.87
CA GLY A 159 12.69 9.09 -23.32
C GLY A 159 13.43 9.73 -22.17
N SER A 160 12.68 10.28 -21.21
CA SER A 160 13.18 10.97 -20.03
C SER A 160 12.11 11.03 -18.95
N LEU A 161 12.54 11.01 -17.67
CA LEU A 161 11.66 11.11 -16.49
C LEU A 161 12.07 12.31 -15.66
N THR A 162 11.07 13.15 -15.31
CA THR A 162 11.29 14.35 -14.49
C THR A 162 10.67 14.09 -13.11
N LEU A 163 11.47 14.23 -12.03
CA LEU A 163 11.02 13.92 -10.67
C LEU A 163 11.86 14.53 -9.55
N ASP A 164 11.39 14.32 -8.30
CA ASP A 164 12.08 14.64 -7.06
C ASP A 164 12.84 13.33 -6.80
N VAL A 165 14.17 13.38 -6.93
CA VAL A 165 14.98 12.16 -6.78
C VAL A 165 15.17 11.77 -5.35
N GLN A 166 15.03 12.73 -4.41
CA GLN A 166 15.25 12.55 -2.96
C GLN A 166 14.72 11.22 -2.41
N PRO A 167 13.42 10.85 -2.61
CA PRO A 167 12.94 9.56 -2.08
C PRO A 167 13.74 8.35 -2.58
N SER A 168 14.01 8.29 -3.90
CA SER A 168 14.77 7.24 -4.58
C SER A 168 16.18 7.13 -3.99
N ILE A 169 16.89 8.28 -3.89
CA ILE A 169 18.25 8.39 -3.33
C ILE A 169 18.32 7.89 -1.88
N PHE A 170 17.30 8.18 -1.08
CA PHE A 170 17.22 7.73 0.30
C PHE A 170 17.03 6.21 0.37
N HIS A 171 16.17 5.65 -0.49
CA HIS A 171 15.91 4.22 -0.52
C HIS A 171 17.10 3.48 -1.10
N TYR A 172 17.96 4.20 -1.84
CA TYR A 172 19.22 3.65 -2.35
C TYR A 172 20.21 3.52 -1.20
N THR A 173 20.45 4.64 -0.45
CA THR A 173 21.38 4.67 0.69
C THR A 173 20.97 3.66 1.77
N ILE A 174 19.63 3.44 2.00
CA ILE A 174 19.13 2.41 2.95
C ILE A 174 19.50 1.01 2.44
N GLU A 175 19.20 0.72 1.14
CA GLU A 175 19.46 -0.57 0.53
C GLU A 175 20.96 -0.90 0.48
N ALA A 176 21.78 0.06 -0.05
CA ALA A 176 23.23 -0.04 -0.21
C ALA A 176 23.94 -0.27 1.11
N SER A 177 23.53 0.47 2.17
CA SER A 177 24.09 0.35 3.52
C SER A 177 23.71 -0.98 4.15
N ASN A 178 22.44 -1.41 4.03
CA ASN A 178 21.98 -2.67 4.60
C ASN A 178 22.72 -3.84 4.01
N LEU A 179 22.92 -3.83 2.68
CA LEU A 179 23.66 -4.88 1.99
C LEU A 179 25.12 -4.87 2.42
N ALA A 180 25.70 -3.68 2.68
CA ALA A 180 27.11 -3.57 3.07
C ALA A 180 27.35 -3.99 4.52
N LEU A 181 26.37 -3.74 5.40
CA LEU A 181 26.48 -4.04 6.82
C LEU A 181 26.04 -5.43 7.17
N PHE A 182 24.81 -5.80 6.73
CA PHE A 182 24.19 -7.06 7.06
C PHE A 182 24.14 -8.09 5.94
N GLY A 183 24.43 -7.66 4.72
CA GLY A 183 24.39 -8.54 3.56
C GLY A 183 22.99 -8.99 3.21
N GLU A 184 22.01 -8.08 3.36
CA GLU A 184 20.61 -8.36 3.07
C GLU A 184 20.02 -7.37 2.08
N ARG A 185 19.34 -7.91 1.07
CA ARG A 185 18.66 -7.08 0.10
C ARG A 185 17.28 -6.79 0.66
N LEU A 186 16.99 -5.50 0.90
CA LEU A 186 15.71 -5.04 1.45
C LEU A 186 14.58 -4.90 0.40
N GLY A 187 14.94 -4.85 -0.89
CA GLY A 187 14.00 -4.71 -2.01
C GLY A 187 13.41 -3.32 -2.19
N LEU A 188 14.08 -2.30 -1.62
CA LEU A 188 13.65 -0.90 -1.66
C LEU A 188 13.94 -0.25 -2.99
N VAL A 189 15.15 -0.51 -3.54
CA VAL A 189 15.57 0.02 -4.84
C VAL A 189 14.73 -0.66 -5.92
N GLY A 190 14.02 0.16 -6.71
CA GLY A 190 13.17 -0.30 -7.80
C GLY A 190 11.73 -0.60 -7.44
N HIS A 191 11.36 -0.47 -6.15
CA HIS A 191 10.01 -0.75 -5.69
C HIS A 191 9.45 0.34 -4.79
N SER A 192 8.14 0.21 -4.46
CA SER A 192 7.41 1.12 -3.57
C SER A 192 8.07 1.10 -2.17
N PRO A 193 8.28 2.29 -1.55
CA PRO A 193 8.91 2.32 -0.22
C PRO A 193 8.14 1.58 0.85
N SER A 194 8.88 0.88 1.72
CA SER A 194 8.36 0.10 2.84
C SER A 194 7.81 1.05 3.89
N SER A 195 6.84 0.56 4.69
CA SER A 195 6.25 1.30 5.80
C SER A 195 7.37 1.48 6.84
N ALA A 196 8.17 0.41 7.03
CA ALA A 196 9.31 0.38 7.93
C ALA A 196 10.34 1.44 7.54
N SER A 197 10.65 1.55 6.23
CA SER A 197 11.63 2.52 5.75
C SER A 197 11.17 3.93 5.98
N LEU A 198 9.94 4.25 5.57
CA LEU A 198 9.38 5.60 5.72
C LEU A 198 9.34 6.05 7.17
N ASN A 199 8.91 5.15 8.08
CA ASN A 199 8.85 5.41 9.51
C ASN A 199 10.24 5.63 10.09
N PHE A 200 11.24 4.89 9.58
CA PHE A 200 12.64 4.99 9.97
C PHE A 200 13.18 6.36 9.57
N LEU A 201 12.94 6.75 8.30
CA LEU A 201 13.36 8.03 7.73
C LEU A 201 12.73 9.16 8.49
N HIS A 202 11.43 9.02 8.83
CA HIS A 202 10.71 10.04 9.59
C HIS A 202 11.28 10.14 11.00
N ALA A 203 11.49 9.00 11.68
CA ALA A 203 12.07 8.93 13.03
C ALA A 203 13.39 9.69 13.11
N LEU A 204 14.29 9.51 12.10
CA LEU A 204 15.60 10.18 12.03
C LEU A 204 15.42 11.69 11.94
N GLU A 205 14.56 12.12 11.02
CA GLU A 205 14.20 13.52 10.76
C GLU A 205 13.79 14.21 12.08
N VAL A 206 12.88 13.55 12.85
CA VAL A 206 12.37 13.99 14.17
C VAL A 206 13.50 14.00 15.21
N MET A 207 14.25 12.90 15.34
CA MET A 207 15.39 12.76 16.26
C MET A 207 16.36 13.92 16.06
N PHE A 208 16.74 14.23 14.80
CA PHE A 208 17.66 15.30 14.46
C PHE A 208 17.09 16.65 14.84
N LYS A 209 15.78 16.89 14.56
CA LYS A 209 15.05 18.14 14.88
C LYS A 209 15.05 18.37 16.40
N SER A 210 14.66 17.35 17.18
CA SER A 210 14.56 17.38 18.62
C SER A 210 15.92 17.51 19.25
N THR A 211 17.00 16.99 18.60
CA THR A 211 18.37 17.08 19.09
C THR A 211 18.69 18.55 19.25
N VAL A 212 18.62 19.33 18.14
CA VAL A 212 18.85 20.79 18.12
C VAL A 212 18.07 21.53 19.24
N GLN A 213 16.81 21.15 19.43
CA GLN A 213 15.94 21.71 20.44
C GLN A 213 16.46 21.48 21.88
N LEU A 214 17.03 20.31 22.18
CA LEU A 214 17.51 19.94 23.52
C LEU A 214 19.00 20.16 23.77
N MET A 215 19.76 20.17 22.69
CA MET A 215 21.21 20.29 22.52
C MET A 215 21.83 21.57 23.07
N PHE A 216 21.12 22.73 22.96
CA PHE A 216 21.70 24.02 23.32
C PHE A 216 21.38 24.51 24.74
N MET A 217 20.88 23.61 25.60
CA MET A 217 20.52 23.92 26.99
C MET A 217 20.69 22.72 27.92
N PRO A 218 21.00 22.93 29.22
CA PRO A 218 21.22 21.79 30.11
C PRO A 218 19.94 21.00 30.39
N ARG A 219 20.10 19.71 30.74
CA ARG A 219 19.01 18.79 31.07
C ARG A 219 18.15 19.41 32.17
N SER A 220 18.80 20.14 33.10
CA SER A 220 18.19 20.85 34.23
C SER A 220 17.16 21.89 33.81
N LEU A 221 17.36 22.50 32.63
CA LEU A 221 16.49 23.56 32.09
C LEU A 221 15.46 23.00 31.12
N SER A 222 15.94 22.26 30.08
CA SER A 222 15.13 21.63 29.03
C SER A 222 14.10 20.68 29.59
N ARG A 223 14.35 20.17 30.81
CA ARG A 223 13.49 19.28 31.57
C ARG A 223 12.10 19.88 31.71
N TRP A 224 12.03 21.17 32.12
CA TRP A 224 10.82 21.94 32.39
C TRP A 224 10.43 22.93 31.31
N ILE A 225 11.44 23.45 30.58
CA ILE A 225 11.23 24.38 29.48
C ILE A 225 10.57 23.62 28.31
N SER A 226 11.15 22.44 27.96
CA SER A 226 10.67 21.64 26.84
C SER A 226 10.53 20.14 27.15
N PRO A 227 9.70 19.71 28.13
CA PRO A 227 9.58 18.27 28.42
C PRO A 227 8.95 17.47 27.28
N LYS A 228 8.09 18.14 26.49
CA LYS A 228 7.38 17.56 25.35
C LYS A 228 8.38 17.18 24.27
N VAL A 229 9.51 17.92 24.18
CA VAL A 229 10.58 17.69 23.20
C VAL A 229 11.37 16.44 23.58
N TRP A 230 11.58 16.21 24.90
CA TRP A 230 12.27 15.03 25.43
C TRP A 230 11.47 13.78 25.09
N LYS A 231 10.11 13.85 25.19
CA LYS A 231 9.22 12.74 24.85
C LYS A 231 9.36 12.46 23.36
N GLU A 232 9.19 13.51 22.51
CA GLU A 232 9.29 13.48 21.06
C GLU A 232 10.56 12.74 20.65
N HIS A 233 11.71 13.15 21.24
CA HIS A 233 13.08 12.67 21.03
C HIS A 233 13.23 11.18 21.33
N PHE A 234 12.78 10.75 22.52
CA PHE A 234 12.84 9.36 22.98
C PHE A 234 11.91 8.45 22.19
N GLU A 235 10.69 8.93 21.84
CA GLU A 235 9.73 8.21 21.01
C GLU A 235 10.36 7.96 19.63
N ALA A 236 11.11 9.00 19.10
CA ALA A 236 11.81 8.94 17.83
C ALA A 236 12.91 7.87 17.90
N TRP A 237 13.76 7.89 18.97
CA TRP A 237 14.83 6.92 19.17
C TRP A 237 14.28 5.50 19.27
N ASP A 238 13.09 5.35 19.91
CA ASP A 238 12.37 4.07 20.09
C ASP A 238 12.13 3.39 18.73
N CYS A 239 11.78 4.20 17.70
CA CYS A 239 11.55 3.72 16.34
C CYS A 239 12.86 3.37 15.63
N ILE A 240 13.92 4.21 15.80
CA ILE A 240 15.27 4.02 15.22
C ILE A 240 15.87 2.72 15.76
N PHE A 241 15.74 2.48 17.08
CA PHE A 241 16.24 1.29 17.77
C PHE A 241 15.45 0.03 17.42
N GLN A 242 14.11 0.17 17.17
CA GLN A 242 13.22 -0.91 16.77
C GLN A 242 13.67 -1.41 15.39
N TYR A 243 14.03 -0.46 14.49
CA TYR A 243 14.50 -0.79 13.14
C TYR A 243 15.85 -1.48 13.23
N GLY A 244 16.76 -0.87 13.97
CA GLY A 244 18.11 -1.34 14.16
C GLY A 244 18.21 -2.70 14.80
N ASP A 245 17.43 -2.94 15.88
CA ASP A 245 17.43 -4.23 16.59
C ASP A 245 16.93 -5.37 15.72
N ASN A 246 15.95 -5.11 14.84
CA ASN A 246 15.40 -6.07 13.89
C ASN A 246 16.54 -6.60 12.97
N CYS A 247 17.39 -5.67 12.50
CA CYS A 247 18.56 -5.95 11.64
C CYS A 247 19.52 -6.90 12.35
N ILE A 248 19.91 -6.55 13.58
CA ILE A 248 20.86 -7.30 14.39
C ILE A 248 20.29 -8.68 14.80
N GLN A 249 19.01 -8.75 15.26
CA GLN A 249 18.37 -10.00 15.69
C GLN A 249 18.37 -11.06 14.58
N LYS A 250 18.21 -10.59 13.30
CA LYS A 250 18.25 -11.42 12.10
C LYS A 250 19.66 -12.04 11.90
N ILE A 251 20.69 -11.17 11.74
CA ILE A 251 22.09 -11.57 11.50
C ILE A 251 22.64 -12.40 12.64
N TYR A 252 22.30 -12.07 13.91
CA TYR A 252 22.78 -12.81 15.08
C TYR A 252 22.24 -14.23 15.10
N GLN A 253 20.96 -14.44 14.69
CA GLN A 253 20.35 -15.76 14.61
C GLN A 253 20.95 -16.56 13.43
N GLU A 254 21.08 -15.91 12.24
CA GLU A 254 21.63 -16.50 11.01
C GLU A 254 23.04 -17.06 11.24
N LEU A 255 23.93 -16.27 11.88
CA LEU A 255 25.31 -16.64 12.19
C LEU A 255 25.41 -17.68 13.28
N ALA A 256 24.45 -17.69 14.22
CA ALA A 256 24.43 -18.64 15.34
C ALA A 256 24.32 -20.09 14.87
N PHE A 257 23.61 -20.31 13.76
CA PHE A 257 23.37 -21.63 13.18
C PHE A 257 24.35 -22.03 12.07
N ASN A 258 24.98 -21.05 11.42
CA ASN A 258 25.97 -21.30 10.36
C ASN A 258 26.92 -20.09 10.20
N ARG A 259 28.22 -20.32 10.46
CA ARG A 259 29.31 -19.34 10.30
C ARG A 259 29.72 -19.43 8.81
N PRO A 260 29.42 -18.39 7.98
CA PRO A 260 29.69 -18.50 6.55
C PRO A 260 31.16 -18.48 6.15
N GLN A 261 31.42 -19.07 4.98
CA GLN A 261 32.74 -19.13 4.36
C GLN A 261 33.09 -17.77 3.73
N HIS A 262 32.19 -17.25 2.89
CA HIS A 262 32.31 -15.96 2.18
C HIS A 262 31.95 -14.72 3.03
N TYR A 263 32.17 -13.52 2.45
CA TYR A 263 31.85 -12.21 3.04
C TYR A 263 30.34 -11.95 2.89
N THR A 264 29.67 -11.64 4.01
CA THR A 264 28.23 -11.39 4.06
C THR A 264 27.93 -10.12 4.84
N GLY A 265 28.80 -9.11 4.71
CA GLY A 265 28.63 -7.82 5.37
C GLY A 265 29.62 -7.48 6.48
N ILE A 266 29.65 -6.20 6.87
CA ILE A 266 30.53 -5.63 7.91
C ILE A 266 30.21 -6.23 9.29
N VAL A 267 28.93 -6.11 9.71
CA VAL A 267 28.39 -6.56 10.99
C VAL A 267 28.63 -8.07 11.22
N ALA A 268 28.58 -8.87 10.12
CA ALA A 268 28.85 -10.31 10.19
C ALA A 268 30.29 -10.56 10.65
N GLU A 269 31.23 -9.75 10.12
CA GLU A 269 32.67 -9.78 10.45
C GLU A 269 32.86 -9.57 11.95
N LEU A 270 32.28 -8.46 12.44
CA LEU A 270 32.36 -8.04 13.84
C LEU A 270 31.86 -9.13 14.77
N LEU A 271 30.70 -9.71 14.42
CA LEU A 271 30.05 -10.79 15.18
C LEU A 271 30.89 -12.03 15.17
N LEU A 272 31.49 -12.38 14.02
CA LEU A 272 32.31 -13.58 13.91
C LEU A 272 33.63 -13.46 14.68
N LYS A 273 34.26 -12.26 14.61
CA LYS A 273 35.51 -11.97 15.31
C LYS A 273 35.32 -12.02 16.84
N ALA A 274 34.13 -11.58 17.33
CA ALA A 274 33.74 -11.50 18.74
C ALA A 274 34.81 -10.80 19.61
N GLU A 275 35.48 -9.76 19.06
CA GLU A 275 36.51 -8.96 19.73
C GLU A 275 35.82 -7.99 20.67
N LEU A 276 34.60 -7.56 20.29
CA LEU A 276 33.73 -6.67 21.08
C LEU A 276 32.57 -7.50 21.66
N SER A 277 31.94 -6.98 22.74
CA SER A 277 30.77 -7.62 23.37
C SER A 277 29.54 -7.50 22.48
N LEU A 278 28.52 -8.37 22.69
CA LEU A 278 27.33 -8.27 21.85
C LEU A 278 26.69 -6.90 22.02
N GLU A 279 26.69 -6.37 23.25
CA GLU A 279 26.14 -5.05 23.57
C GLU A 279 26.92 -3.91 22.90
N ALA A 280 28.26 -4.09 22.70
CA ALA A 280 29.14 -3.14 22.01
C ALA A 280 28.90 -3.22 20.51
N ILE A 281 28.74 -4.46 19.96
CA ILE A 281 28.46 -4.69 18.55
C ILE A 281 27.07 -4.11 18.23
N LYS A 282 26.07 -4.32 19.13
CA LYS A 282 24.70 -3.81 18.98
C LYS A 282 24.72 -2.29 18.88
N ALA A 283 25.46 -1.61 19.80
CA ALA A 283 25.61 -0.16 19.89
C ALA A 283 26.21 0.46 18.64
N ASN A 284 27.34 -0.08 18.17
CA ASN A 284 28.06 0.37 16.99
C ASN A 284 27.28 0.04 15.70
N SER A 285 26.60 -1.13 15.68
CA SER A 285 25.76 -1.56 14.56
C SER A 285 24.61 -0.56 14.36
N MET A 286 24.08 -0.01 15.47
CA MET A 286 22.99 0.98 15.49
C MET A 286 23.47 2.29 14.87
N GLU A 287 24.66 2.76 15.30
CA GLU A 287 25.29 3.97 14.79
C GLU A 287 25.52 3.87 13.29
N LEU A 288 25.96 2.71 12.82
CA LEU A 288 26.23 2.49 11.40
C LEU A 288 24.95 2.37 10.56
N THR A 289 23.88 1.72 11.09
CA THR A 289 22.61 1.55 10.35
C THR A 289 21.86 2.89 10.14
N ALA A 290 21.81 3.71 11.22
CA ALA A 290 21.12 5.00 11.24
C ALA A 290 22.02 6.12 10.72
N GLY A 291 23.33 6.00 10.92
CA GLY A 291 24.29 7.01 10.51
C GLY A 291 24.70 6.98 9.06
N SER A 292 24.19 6.01 8.30
CA SER A 292 24.51 5.84 6.89
C SER A 292 23.43 6.34 5.94
N VAL A 293 22.20 6.61 6.46
CA VAL A 293 21.02 7.01 5.68
C VAL A 293 21.08 8.46 5.16
N ASP A 294 20.82 9.47 6.05
CA ASP A 294 20.80 10.91 5.72
C ASP A 294 22.19 11.46 5.31
N THR A 295 23.26 10.97 5.95
CA THR A 295 24.63 11.42 5.69
C THR A 295 25.07 11.25 4.22
N THR A 296 24.81 10.08 3.63
CA THR A 296 25.22 9.77 2.26
C THR A 296 24.23 10.38 1.27
N ALA A 297 22.92 10.25 1.52
CA ALA A 297 21.87 10.70 0.62
C ALA A 297 21.79 12.20 0.37
N PHE A 298 22.17 13.06 1.34
CA PHE A 298 22.07 14.50 1.07
C PHE A 298 23.19 14.98 0.13
N PRO A 299 24.51 14.73 0.37
CA PRO A 299 25.53 15.14 -0.62
C PRO A 299 25.32 14.54 -2.03
N LEU A 300 24.64 13.37 -2.16
CA LEU A 300 24.34 12.74 -3.46
C LEU A 300 23.34 13.59 -4.25
N LEU A 301 22.28 14.07 -3.57
CA LEU A 301 21.22 14.93 -4.13
C LEU A 301 21.83 16.28 -4.60
N MET A 302 22.81 16.79 -3.82
CA MET A 302 23.54 18.02 -4.09
C MET A 302 24.48 17.88 -5.25
N THR A 303 25.03 16.66 -5.48
CA THR A 303 25.91 16.40 -6.63
C THR A 303 25.02 16.39 -7.86
N LEU A 304 23.89 15.61 -7.80
CA LEU A 304 22.94 15.52 -8.91
C LEU A 304 22.45 16.91 -9.33
N PHE A 305 22.12 17.78 -8.33
CA PHE A 305 21.70 19.17 -8.58
C PHE A 305 22.81 19.99 -9.26
N GLU A 306 24.01 20.03 -8.65
CA GLU A 306 25.15 20.78 -9.18
C GLU A 306 25.57 20.35 -10.58
N LEU A 307 25.40 19.04 -10.92
CA LEU A 307 25.73 18.51 -12.24
C LEU A 307 24.68 18.94 -13.25
N ALA A 308 23.41 19.04 -12.82
CA ALA A 308 22.29 19.50 -13.64
C ALA A 308 22.37 21.03 -13.87
N ARG A 309 23.09 21.73 -12.96
CA ARG A 309 23.33 23.16 -12.93
C ARG A 309 24.53 23.53 -13.79
N ASN A 310 25.60 22.70 -13.73
CA ASN A 310 26.86 22.86 -14.43
C ASN A 310 27.04 21.69 -15.47
N PRO A 311 26.41 21.81 -16.67
CA PRO A 311 26.45 20.73 -17.69
C PRO A 311 27.84 20.42 -18.25
N ASP A 312 28.68 21.46 -18.33
CA ASP A 312 30.06 21.38 -18.79
C ASP A 312 30.88 20.36 -17.96
N VAL A 313 30.74 20.43 -16.61
CA VAL A 313 31.36 19.55 -15.60
C VAL A 313 30.81 18.13 -15.79
N GLN A 314 29.47 18.01 -15.93
CA GLN A 314 28.74 16.75 -16.13
C GLN A 314 29.27 15.94 -17.36
N GLN A 315 29.55 16.63 -18.50
CA GLN A 315 30.08 15.96 -19.69
C GLN A 315 31.52 15.45 -19.48
N ILE A 316 32.33 16.18 -18.69
CA ILE A 316 33.71 15.81 -18.34
C ILE A 316 33.70 14.52 -17.49
N LEU A 317 32.80 14.49 -16.46
CA LEU A 317 32.62 13.34 -15.56
C LEU A 317 32.02 12.16 -16.31
N ARG A 318 31.11 12.42 -17.26
CA ARG A 318 30.47 11.38 -18.06
C ARG A 318 31.49 10.73 -18.99
N GLN A 319 32.31 11.57 -19.70
CA GLN A 319 33.38 11.10 -20.60
C GLN A 319 34.31 10.13 -19.85
N GLU A 320 34.68 10.48 -18.59
CA GLU A 320 35.53 9.70 -17.70
C GLU A 320 34.84 8.38 -17.35
N SER A 321 33.58 8.47 -16.84
CA SER A 321 32.77 7.32 -16.44
C SER A 321 32.47 6.36 -17.61
N LEU A 322 32.44 6.87 -18.87
CA LEU A 322 32.21 6.02 -20.03
C LEU A 322 33.45 5.27 -20.45
N ALA A 323 34.64 5.93 -20.34
CA ALA A 323 35.94 5.36 -20.68
C ALA A 323 36.27 4.21 -19.71
N ALA A 324 36.15 4.48 -18.40
CA ALA A 324 36.42 3.53 -17.32
C ALA A 324 35.27 2.53 -17.08
N ALA A 325 34.14 2.68 -17.81
CA ALA A 325 32.95 1.83 -17.69
C ALA A 325 33.23 0.33 -17.72
N ALA A 326 34.05 -0.11 -18.68
CA ALA A 326 34.41 -1.50 -18.92
C ALA A 326 35.21 -2.14 -17.78
N SER A 327 36.27 -1.46 -17.29
CA SER A 327 37.11 -1.97 -16.20
C SER A 327 36.37 -2.03 -14.87
N ILE A 328 35.44 -1.08 -14.62
CA ILE A 328 34.60 -1.03 -13.42
C ILE A 328 33.55 -2.17 -13.50
N SER A 329 33.10 -2.52 -14.71
CA SER A 329 32.16 -3.62 -14.93
C SER A 329 32.81 -4.96 -14.57
N GLU A 330 34.09 -5.13 -14.97
CA GLU A 330 34.89 -6.33 -14.68
C GLU A 330 35.27 -6.38 -13.20
N HIS A 331 35.76 -5.25 -12.65
CA HIS A 331 36.15 -5.12 -11.24
C HIS A 331 35.63 -3.83 -10.63
N PRO A 332 34.53 -3.90 -9.84
CA PRO A 332 33.96 -2.70 -9.24
C PRO A 332 34.91 -1.89 -8.35
N GLN A 333 35.81 -2.56 -7.61
CA GLN A 333 36.77 -1.89 -6.71
C GLN A 333 37.75 -0.94 -7.44
N LYS A 334 37.75 -0.98 -8.80
CA LYS A 334 38.55 -0.12 -9.66
C LYS A 334 37.93 1.27 -9.74
N ALA A 335 36.64 1.42 -9.36
CA ALA A 335 35.93 2.70 -9.39
C ALA A 335 36.57 3.77 -8.50
N THR A 336 37.24 3.35 -7.40
CA THR A 336 37.92 4.25 -6.46
C THR A 336 39.14 4.93 -7.10
N THR A 337 39.89 4.18 -7.91
CA THR A 337 41.11 4.62 -8.56
C THR A 337 40.92 5.17 -9.97
N GLU A 338 39.98 4.59 -10.75
CA GLU A 338 39.73 4.95 -12.16
C GLU A 338 38.69 6.09 -12.37
N LEU A 339 38.18 6.71 -11.28
CA LEU A 339 37.27 7.85 -11.39
C LEU A 339 37.83 9.05 -10.57
N PRO A 340 39.04 9.61 -10.92
CA PRO A 340 39.59 10.72 -10.12
C PRO A 340 38.79 12.03 -10.13
N LEU A 341 38.11 12.33 -11.26
CA LEU A 341 37.30 13.52 -11.42
C LEU A 341 36.01 13.40 -10.65
N LEU A 342 35.33 12.21 -10.73
CA LEU A 342 34.09 11.97 -10.01
C LEU A 342 34.34 12.04 -8.49
N ARG A 343 35.53 11.56 -8.03
CA ARG A 343 35.93 11.63 -6.63
C ARG A 343 36.10 13.10 -6.24
N ALA A 344 36.72 13.90 -7.15
CA ALA A 344 36.98 15.34 -7.00
C ALA A 344 35.68 16.15 -7.00
N ALA A 345 34.64 15.66 -7.72
CA ALA A 345 33.32 16.30 -7.76
C ALA A 345 32.64 16.17 -6.41
N LEU A 346 32.82 15.01 -5.74
CA LEU A 346 32.28 14.74 -4.42
C LEU A 346 32.97 15.62 -3.39
N LYS A 347 34.29 15.89 -3.56
CA LYS A 347 35.07 16.75 -2.66
C LYS A 347 34.47 18.17 -2.69
N GLU A 348 34.07 18.61 -3.92
CA GLU A 348 33.48 19.90 -4.27
C GLU A 348 32.04 20.02 -3.71
N THR A 349 31.27 18.92 -3.76
CA THR A 349 29.91 18.89 -3.22
C THR A 349 29.98 19.05 -1.70
N LEU A 350 30.94 18.37 -1.03
CA LEU A 350 31.10 18.45 0.41
C LEU A 350 31.70 19.78 0.86
N ARG A 351 32.47 20.45 -0.02
CA ARG A 351 33.09 21.76 0.27
C ARG A 351 31.99 22.82 0.42
N LEU A 352 31.05 22.82 -0.53
CA LEU A 352 29.93 23.76 -0.57
C LEU A 352 28.76 23.31 0.34
N TYR A 353 28.49 22.02 0.37
CA TYR A 353 27.39 21.48 1.15
C TYR A 353 27.85 20.40 2.15
N PRO A 354 28.47 20.81 3.31
CA PRO A 354 28.91 19.80 4.29
C PRO A 354 27.77 19.29 5.17
N VAL A 355 27.51 17.98 5.20
CA VAL A 355 26.46 17.47 6.10
C VAL A 355 26.89 17.70 7.56
N GLY A 356 28.19 17.60 7.78
CA GLY A 356 28.80 17.85 9.08
C GLY A 356 29.26 19.28 9.18
N LEU A 357 28.32 20.22 9.49
CA LEU A 357 28.61 21.66 9.52
C LEU A 357 29.89 22.00 10.29
N PHE A 358 30.08 21.41 11.48
CA PHE A 358 31.26 21.73 12.24
C PHE A 358 31.95 20.52 12.83
N LEU A 359 33.28 20.58 12.86
CA LEU A 359 34.09 19.55 13.51
C LEU A 359 34.21 20.05 14.96
N GLU A 360 34.29 19.13 15.94
CA GLU A 360 34.29 19.53 17.34
C GLU A 360 35.27 18.71 18.15
N ARG A 361 36.08 19.39 19.02
CA ARG A 361 37.08 18.80 19.92
C ARG A 361 37.21 19.58 21.22
N VAL A 362 37.12 18.89 22.36
CA VAL A 362 37.31 19.52 23.66
C VAL A 362 38.78 19.26 23.87
N VAL A 363 39.63 20.20 23.39
CA VAL A 363 41.10 20.06 23.38
C VAL A 363 41.63 19.49 24.71
N SER A 364 42.44 18.41 24.60
CA SER A 364 43.04 17.67 25.72
C SER A 364 44.23 18.38 26.38
N SER A 365 44.94 19.25 25.64
CA SER A 365 46.07 20.03 26.14
C SER A 365 45.99 21.47 25.59
N ASP A 366 46.92 22.35 26.03
CA ASP A 366 47.06 23.74 25.57
C ASP A 366 47.57 23.75 24.12
N LEU A 367 47.10 24.71 23.32
CA LEU A 367 47.55 24.92 21.94
C LEU A 367 47.46 26.39 21.56
N VAL A 368 48.00 26.76 20.40
CA VAL A 368 47.94 28.13 19.92
C VAL A 368 47.31 28.12 18.54
N LEU A 369 46.21 28.84 18.36
CA LEU A 369 45.49 28.97 17.08
C LEU A 369 45.39 30.43 16.68
N GLN A 370 45.86 30.78 15.46
CA GLN A 370 45.85 32.15 14.93
C GLN A 370 46.51 33.12 15.92
N ASN A 371 47.66 32.69 16.53
CA ASN A 371 48.48 33.39 17.56
C ASN A 371 47.68 33.78 18.83
N TYR A 372 46.74 32.91 19.22
CA TYR A 372 45.92 33.07 20.41
C TYR A 372 46.09 31.83 21.26
N HIS A 373 46.34 32.01 22.55
CA HIS A 373 46.48 30.89 23.47
C HIS A 373 45.10 30.20 23.67
N ILE A 374 45.04 28.89 23.37
CA ILE A 374 43.84 28.06 23.51
C ILE A 374 44.13 27.06 24.65
N PRO A 375 43.60 27.32 25.88
CA PRO A 375 43.89 26.42 27.02
C PRO A 375 43.29 25.03 26.91
N ALA A 376 43.79 24.09 27.71
CA ALA A 376 43.30 22.72 27.75
C ALA A 376 41.86 22.74 28.28
N GLY A 377 41.00 21.92 27.69
CA GLY A 377 39.59 21.84 28.05
C GLY A 377 38.68 22.73 27.24
N THR A 378 39.27 23.62 26.40
CA THR A 378 38.55 24.55 25.54
C THR A 378 37.86 23.83 24.38
N LEU A 379 36.61 24.22 24.12
CA LEU A 379 35.79 23.67 23.04
C LEU A 379 36.21 24.37 21.76
N VAL A 380 36.69 23.60 20.77
CA VAL A 380 37.10 24.15 19.46
C VAL A 380 36.16 23.58 18.38
N GLN A 381 35.47 24.47 17.63
CA GLN A 381 34.53 24.10 16.56
C GLN A 381 35.01 24.62 15.19
N VAL A 382 35.22 23.69 14.23
CA VAL A 382 35.69 24.01 12.88
C VAL A 382 34.48 24.10 11.96
N PHE A 383 34.05 25.34 11.59
CA PHE A 383 32.89 25.54 10.72
C PHE A 383 33.23 25.34 9.24
N LEU A 384 32.87 24.16 8.71
CA LEU A 384 33.14 23.68 7.36
C LEU A 384 32.45 24.48 6.26
N TYR A 385 31.30 25.10 6.56
CA TYR A 385 30.52 25.92 5.60
C TYR A 385 31.33 27.15 5.22
N SER A 386 31.87 27.85 6.24
CA SER A 386 32.70 29.04 6.12
C SER A 386 34.07 28.68 5.54
N LEU A 387 34.67 27.56 6.01
CA LEU A 387 35.97 27.04 5.58
C LEU A 387 36.00 26.84 4.07
N GLY A 388 34.97 26.17 3.54
CA GLY A 388 34.83 25.85 2.12
C GLY A 388 34.45 27.03 1.26
N ARG A 389 33.90 28.08 1.87
CA ARG A 389 33.47 29.29 1.17
C ARG A 389 34.44 30.49 1.28
N ASN A 390 35.71 30.25 1.62
CA ASN A 390 36.66 31.35 1.66
C ASN A 390 37.49 31.34 0.39
N ALA A 391 37.37 32.42 -0.39
CA ALA A 391 38.02 32.63 -1.68
C ALA A 391 39.55 32.56 -1.65
N ALA A 392 40.19 32.96 -0.52
CA ALA A 392 41.65 32.96 -0.36
C ALA A 392 42.24 31.57 -0.62
N LEU A 393 41.51 30.53 -0.19
CA LEU A 393 41.91 29.12 -0.31
C LEU A 393 41.18 28.33 -1.38
N PHE A 394 40.08 28.90 -1.93
CA PHE A 394 39.28 28.28 -2.99
C PHE A 394 38.88 29.41 -3.92
N PRO A 395 39.78 29.83 -4.85
CA PRO A 395 39.46 30.94 -5.78
C PRO A 395 38.15 30.69 -6.51
N ARG A 396 37.25 31.71 -6.52
CA ARG A 396 35.88 31.64 -7.03
C ARG A 396 35.17 30.50 -6.26
N PRO A 397 34.89 30.72 -4.95
CA PRO A 397 34.35 29.63 -4.13
C PRO A 397 32.93 29.19 -4.50
N GLU A 398 32.12 30.10 -5.09
CA GLU A 398 30.75 29.82 -5.53
C GLU A 398 30.73 28.88 -6.74
N ARG A 399 31.85 28.83 -7.50
CA ARG A 399 31.99 28.01 -8.68
C ARG A 399 32.15 26.54 -8.32
N TYR A 400 31.32 25.66 -8.92
CA TYR A 400 31.43 24.22 -8.74
C TYR A 400 32.46 23.73 -9.75
N ASN A 401 33.69 23.47 -9.27
CA ASN A 401 34.78 23.03 -10.10
C ASN A 401 35.58 21.85 -9.47
N PRO A 402 35.38 20.61 -9.96
CA PRO A 402 36.13 19.47 -9.42
C PRO A 402 37.62 19.53 -9.75
N GLN A 403 37.99 20.22 -10.84
CA GLN A 403 39.38 20.36 -11.29
C GLN A 403 40.28 21.05 -10.27
N ARG A 404 39.70 21.84 -9.33
CA ARG A 404 40.48 22.51 -8.29
C ARG A 404 41.20 21.52 -7.36
N TRP A 405 40.65 20.29 -7.19
CA TRP A 405 41.16 19.20 -6.35
C TRP A 405 42.21 18.33 -7.05
N LEU A 406 42.51 18.65 -8.32
CA LEU A 406 43.48 17.93 -9.16
C LEU A 406 44.70 18.81 -9.41
N ASP A 407 44.48 20.14 -9.49
CA ASP A 407 45.52 21.17 -9.69
C ASP A 407 46.36 21.27 -8.40
N ILE A 408 45.68 21.16 -7.22
CA ILE A 408 46.27 21.21 -5.87
C ILE A 408 46.38 19.81 -5.25
N ASN A 414 46.15 18.27 2.42
CA ASN A 414 46.68 19.44 3.12
C ASN A 414 45.60 20.14 3.99
N PHE A 415 44.63 19.33 4.51
CA PHE A 415 43.52 19.73 5.37
C PHE A 415 42.49 20.65 4.69
N HIS A 416 42.59 20.82 3.36
CA HIS A 416 41.65 21.62 2.57
C HIS A 416 40.31 20.88 2.46
N HIS A 417 40.40 19.52 2.44
CA HIS A 417 39.31 18.56 2.36
C HIS A 417 39.21 17.83 3.70
N VAL A 418 38.33 18.33 4.57
CA VAL A 418 38.10 17.75 5.89
C VAL A 418 36.59 17.48 6.17
N PRO A 419 35.75 17.07 5.18
CA PRO A 419 34.33 16.86 5.48
C PRO A 419 34.01 15.64 6.32
N PHE A 420 34.95 14.68 6.39
CA PHE A 420 34.82 13.45 7.18
C PHE A 420 35.62 13.56 8.48
N GLY A 421 36.08 14.77 8.77
CA GLY A 421 36.86 15.06 9.97
C GLY A 421 38.33 14.85 9.73
N PHE A 422 39.05 14.53 10.81
CA PHE A 422 40.49 14.37 10.81
C PHE A 422 40.91 13.41 11.92
N GLY A 423 42.12 12.89 11.81
CA GLY A 423 42.68 12.04 12.84
C GLY A 423 42.00 10.71 13.05
N MET A 424 42.24 10.13 14.24
CA MET A 424 41.76 8.81 14.64
C MET A 424 40.25 8.75 14.70
N ARG A 425 39.64 9.88 15.08
CA ARG A 425 38.21 10.11 15.24
C ARG A 425 37.47 10.38 13.92
N GLN A 426 38.22 10.52 12.81
CA GLN A 426 37.68 10.79 11.48
C GLN A 426 36.60 9.77 11.18
N CYS A 427 35.50 10.21 10.57
CA CYS A 427 34.36 9.42 10.14
C CYS A 427 34.68 7.95 9.85
N LEU A 428 34.01 7.06 10.58
CA LEU A 428 34.17 5.62 10.45
C LEU A 428 33.55 5.10 9.12
N GLY A 429 32.43 5.70 8.71
CA GLY A 429 31.73 5.33 7.49
C GLY A 429 32.14 6.09 6.25
N ARG A 430 33.28 6.80 6.33
CA ARG A 430 33.86 7.63 5.26
C ARG A 430 33.94 6.85 3.95
N ARG A 431 34.66 5.71 3.97
CA ARG A 431 34.90 4.91 2.78
C ARG A 431 33.65 4.20 2.24
N LEU A 432 32.67 3.86 3.13
CA LEU A 432 31.41 3.26 2.67
C LEU A 432 30.57 4.33 1.96
N ALA A 433 30.49 5.55 2.54
CA ALA A 433 29.74 6.68 1.97
C ALA A 433 30.29 7.03 0.59
N GLU A 434 31.62 7.24 0.47
CA GLU A 434 32.31 7.53 -0.79
C GLU A 434 31.99 6.49 -1.86
N ALA A 435 31.98 5.19 -1.47
CA ALA A 435 31.67 4.05 -2.35
C ALA A 435 30.24 4.11 -2.88
N GLU A 436 29.25 4.35 -1.98
CA GLU A 436 27.84 4.45 -2.35
C GLU A 436 27.64 5.64 -3.30
N MET A 437 28.27 6.79 -2.98
CA MET A 437 28.20 8.01 -3.78
C MET A 437 28.81 7.86 -5.15
N LEU A 438 30.08 7.40 -5.24
CA LEU A 438 30.79 7.21 -6.51
C LEU A 438 30.05 6.29 -7.48
N LEU A 439 29.64 5.13 -6.99
CA LEU A 439 28.99 4.10 -7.80
C LEU A 439 27.60 4.47 -8.29
N LEU A 440 26.78 5.21 -7.48
CA LEU A 440 25.47 5.62 -7.95
C LEU A 440 25.66 6.55 -9.15
N LEU A 441 26.52 7.57 -8.97
CA LEU A 441 26.84 8.59 -9.95
C LEU A 441 27.49 8.02 -11.21
N HIS A 442 28.39 7.03 -11.05
CA HIS A 442 29.01 6.40 -12.21
C HIS A 442 27.98 5.71 -13.10
N HIS A 443 27.06 4.99 -12.47
CA HIS A 443 26.00 4.27 -13.17
C HIS A 443 24.94 5.20 -13.74
N VAL A 444 24.73 6.37 -13.09
CA VAL A 444 23.77 7.37 -13.56
C VAL A 444 24.37 8.10 -14.78
N LEU A 445 25.63 8.56 -14.68
CA LEU A 445 26.34 9.26 -15.77
C LEU A 445 26.43 8.43 -17.05
N LYS A 446 26.61 7.11 -16.91
CA LYS A 446 26.71 6.13 -18.00
C LYS A 446 25.45 6.06 -18.89
N HIS A 447 24.25 6.29 -18.31
CA HIS A 447 22.99 6.15 -19.04
C HIS A 447 22.14 7.40 -19.17
N PHE A 448 22.25 8.35 -18.22
CA PHE A 448 21.42 9.54 -18.22
C PHE A 448 22.12 10.86 -18.29
N LEU A 449 21.36 11.88 -18.71
CA LEU A 449 21.70 13.30 -18.75
C LEU A 449 20.84 13.96 -17.67
N VAL A 450 21.48 14.56 -16.65
CA VAL A 450 20.73 15.21 -15.57
C VAL A 450 20.55 16.69 -15.95
N GLU A 451 19.28 17.17 -16.01
CA GLU A 451 18.93 18.54 -16.42
C GLU A 451 17.94 19.20 -15.48
N THR A 452 18.04 20.54 -15.31
CA THR A 452 17.09 21.30 -14.47
C THR A 452 16.99 22.77 -14.86
N LEU A 453 15.74 23.30 -14.80
CA LEU A 453 15.41 24.71 -15.04
C LEU A 453 15.63 25.54 -13.77
N THR A 454 15.70 24.86 -12.60
CA THR A 454 15.96 25.43 -11.27
C THR A 454 17.44 25.77 -11.24
N GLN A 455 17.80 26.98 -11.68
CA GLN A 455 19.18 27.41 -11.66
C GLN A 455 19.53 28.12 -10.34
N GLU A 456 18.50 28.56 -9.58
CA GLU A 456 18.57 29.19 -8.25
C GLU A 456 19.34 28.28 -7.25
N ASP A 457 20.17 28.86 -6.38
CA ASP A 457 20.89 28.12 -5.35
C ASP A 457 19.87 27.53 -4.35
N ILE A 458 20.11 26.28 -3.87
CA ILE A 458 19.20 25.70 -2.88
C ILE A 458 19.66 26.20 -1.53
N LYS A 459 18.72 26.72 -0.72
CA LYS A 459 19.08 27.18 0.62
C LYS A 459 19.33 25.96 1.49
N MET A 460 20.28 26.08 2.38
CA MET A 460 20.64 25.01 3.29
C MET A 460 20.04 25.27 4.65
N VAL A 461 19.66 24.19 5.36
CA VAL A 461 19.00 24.25 6.66
C VAL A 461 19.75 23.39 7.71
N TYR A 462 19.97 23.96 8.94
CA TYR A 462 20.64 23.23 10.02
C TYR A 462 19.64 22.50 10.91
N SER A 463 19.62 21.17 10.81
CA SER A 463 18.80 20.26 11.60
C SER A 463 19.74 19.11 12.03
N PHE A 464 20.81 19.47 12.78
CA PHE A 464 21.92 18.61 13.24
C PHE A 464 22.88 18.28 12.06
N ILE A 465 22.29 17.87 10.92
CA ILE A 465 22.92 17.61 9.62
C ILE A 465 22.63 18.86 8.78
N LEU A 466 23.52 19.25 7.86
CA LEU A 466 23.23 20.40 7.02
C LEU A 466 22.57 19.88 5.74
N ARG A 467 21.22 19.91 5.72
CA ARG A 467 20.39 19.41 4.65
C ARG A 467 19.79 20.54 3.79
N PRO A 468 19.57 20.30 2.48
CA PRO A 468 18.95 21.36 1.66
C PRO A 468 17.52 21.55 2.10
N GLY A 469 17.03 22.77 1.97
CA GLY A 469 15.67 23.11 2.37
C GLY A 469 14.65 22.55 1.42
N THR A 470 14.96 22.64 0.12
CA THR A 470 14.08 22.20 -0.95
C THR A 470 14.74 21.16 -1.84
N SER A 471 13.96 20.27 -2.45
CA SER A 471 14.46 19.26 -3.38
C SER A 471 14.04 19.73 -4.80
N PRO A 472 14.99 19.87 -5.76
CA PRO A 472 14.59 20.35 -7.08
C PRO A 472 14.04 19.27 -7.99
N LEU A 473 13.36 19.69 -9.05
CA LEU A 473 12.79 18.81 -10.06
C LEU A 473 13.92 18.54 -11.05
N LEU A 474 14.33 17.27 -11.18
CA LEU A 474 15.43 16.88 -12.04
C LEU A 474 14.98 15.98 -13.18
N THR A 475 15.36 16.31 -14.41
CA THR A 475 15.05 15.49 -15.58
C THR A 475 16.21 14.51 -15.76
N PHE A 476 15.89 13.27 -16.13
CA PHE A 476 16.88 12.21 -16.40
C PHE A 476 16.66 11.74 -17.83
N ARG A 477 17.39 12.33 -18.78
CA ARG A 477 17.21 11.96 -20.17
C ARG A 477 18.10 10.79 -20.55
N ALA A 478 17.49 9.78 -21.17
CA ALA A 478 18.21 8.60 -21.62
C ALA A 478 19.15 9.04 -22.75
N ILE A 479 20.46 8.72 -22.60
CA ILE A 479 21.49 9.08 -23.59
C ILE A 479 21.23 8.27 -24.88
N ASN A 480 20.81 6.98 -24.73
CA ASN A 480 20.45 6.08 -25.83
C ASN A 480 19.01 5.58 -25.64
N PRO B 9 -20.99 -54.76 40.39
CA PRO B 9 -19.81 -53.88 40.42
C PRO B 9 -19.79 -52.89 41.62
N ARG B 10 -19.31 -51.65 41.40
CA ARG B 10 -19.27 -50.56 42.39
C ARG B 10 -20.42 -49.60 42.09
N THR B 11 -20.91 -48.91 43.11
CA THR B 11 -22.02 -47.97 43.01
C THR B 11 -21.66 -46.76 42.15
N VAL B 12 -22.49 -46.50 41.13
CA VAL B 12 -22.41 -45.31 40.27
C VAL B 12 -22.90 -44.17 41.17
N LEU B 13 -22.06 -43.16 41.34
CA LEU B 13 -22.33 -42.03 42.20
C LEU B 13 -23.22 -41.00 41.51
N PRO B 14 -24.11 -40.27 42.27
CA PRO B 14 -24.97 -39.26 41.65
C PRO B 14 -24.19 -38.09 41.09
N PHE B 15 -24.84 -37.24 40.28
CA PHE B 15 -24.23 -36.06 39.67
C PHE B 15 -23.63 -35.15 40.73
N GLU B 16 -24.39 -34.86 41.79
CA GLU B 16 -24.02 -33.98 42.89
C GLU B 16 -22.75 -34.43 43.69
N ALA B 17 -22.41 -35.74 43.64
CA ALA B 17 -21.24 -36.27 44.31
C ALA B 17 -19.89 -35.84 43.66
N MET B 18 -19.97 -35.37 42.40
CA MET B 18 -18.84 -34.90 41.60
C MET B 18 -18.15 -33.68 42.18
N PRO B 19 -16.79 -33.59 42.08
CA PRO B 19 -16.10 -32.38 42.56
C PRO B 19 -16.65 -31.14 41.86
N GLN B 20 -16.81 -30.04 42.59
CA GLN B 20 -17.34 -28.81 42.02
C GLN B 20 -16.22 -27.82 41.81
N HIS B 21 -16.26 -27.04 40.69
CA HIS B 21 -15.28 -26.00 40.40
C HIS B 21 -15.35 -24.93 41.50
N PRO B 22 -14.19 -24.53 42.09
CA PRO B 22 -14.21 -23.55 43.19
C PRO B 22 -14.85 -22.19 42.92
N GLY B 23 -14.70 -21.68 41.69
CA GLY B 23 -15.21 -20.38 41.27
C GLY B 23 -16.72 -20.30 41.11
N ASN B 24 -17.16 -19.28 40.34
CA ASN B 24 -18.58 -19.04 40.04
C ASN B 24 -18.76 -18.25 38.74
N ARG B 25 -19.95 -18.42 38.10
CA ARG B 25 -20.37 -17.78 36.85
C ARG B 25 -20.31 -16.24 36.88
N TRP B 26 -20.70 -15.65 38.04
CA TRP B 26 -20.79 -14.22 38.28
C TRP B 26 -19.46 -13.51 38.38
N LEU B 27 -18.51 -14.07 39.14
CA LEU B 27 -17.16 -13.54 39.30
C LEU B 27 -16.45 -13.66 37.96
N ARG B 28 -16.65 -14.81 37.27
CA ARG B 28 -16.11 -15.13 35.95
C ARG B 28 -16.47 -14.02 34.96
N LEU B 29 -17.77 -13.65 34.88
CA LEU B 29 -18.24 -12.61 33.96
C LEU B 29 -17.69 -11.24 34.37
N LEU B 30 -17.54 -10.99 35.69
CA LEU B 30 -16.99 -9.74 36.22
C LEU B 30 -15.51 -9.61 35.83
N GLN B 31 -14.78 -10.75 35.81
CA GLN B 31 -13.38 -10.85 35.40
C GLN B 31 -13.29 -10.54 33.91
N ILE B 32 -14.10 -11.23 33.07
CA ILE B 32 -14.16 -11.03 31.61
C ILE B 32 -14.57 -9.57 31.29
N TRP B 33 -15.42 -8.92 32.11
CA TRP B 33 -15.76 -7.52 31.89
C TRP B 33 -14.52 -6.62 32.05
N ARG B 34 -13.76 -6.86 33.14
CA ARG B 34 -12.54 -6.18 33.57
C ARG B 34 -11.39 -6.42 32.58
N GLU B 35 -10.98 -7.68 32.41
CA GLU B 35 -9.87 -8.07 31.53
C GLU B 35 -10.19 -8.00 30.03
N GLN B 36 -11.48 -7.89 29.65
CA GLN B 36 -11.97 -7.87 28.26
C GLN B 36 -11.63 -9.17 27.50
N GLY B 37 -11.56 -10.27 28.26
CA GLY B 37 -11.24 -11.60 27.76
C GLY B 37 -10.97 -12.62 28.84
N TYR B 38 -10.70 -13.87 28.41
CA TYR B 38 -10.43 -15.04 29.26
C TYR B 38 -9.21 -15.77 28.65
N GLU B 39 -8.10 -15.03 28.46
CA GLU B 39 -6.85 -15.52 27.85
C GLU B 39 -6.23 -16.75 28.52
N HIS B 40 -6.45 -16.91 29.84
CA HIS B 40 -5.89 -17.98 30.69
C HIS B 40 -6.82 -19.21 30.90
N LEU B 41 -8.02 -19.25 30.27
CA LEU B 41 -9.03 -20.31 30.43
C LEU B 41 -8.46 -21.71 30.45
N HIS B 42 -7.60 -22.03 29.46
CA HIS B 42 -6.96 -23.34 29.30
C HIS B 42 -6.15 -23.74 30.52
N LEU B 43 -5.37 -22.77 31.05
CA LEU B 43 -4.53 -22.95 32.22
C LEU B 43 -5.34 -23.02 33.48
N GLU B 44 -6.49 -22.30 33.50
CA GLU B 44 -7.40 -22.32 34.65
C GLU B 44 -8.01 -23.72 34.79
N MET B 45 -8.58 -24.25 33.70
CA MET B 45 -9.18 -25.58 33.67
C MET B 45 -8.16 -26.67 33.91
N HIS B 46 -6.93 -26.53 33.35
CA HIS B 46 -5.84 -27.50 33.53
C HIS B 46 -5.44 -27.62 35.01
N GLN B 47 -5.42 -26.48 35.71
CA GLN B 47 -5.11 -26.39 37.13
C GLN B 47 -6.24 -27.04 37.95
N THR B 48 -7.51 -26.80 37.55
CA THR B 48 -8.70 -27.38 38.21
C THR B 48 -8.67 -28.90 38.14
N PHE B 49 -8.24 -29.47 36.99
CA PHE B 49 -8.12 -30.91 36.79
C PHE B 49 -7.02 -31.51 37.67
N GLN B 50 -5.91 -30.77 37.84
CA GLN B 50 -4.78 -31.15 38.68
C GLN B 50 -5.23 -31.23 40.14
N GLU B 51 -6.06 -30.26 40.57
CA GLU B 51 -6.61 -30.12 41.92
C GLU B 51 -7.82 -31.01 42.26
N LEU B 52 -8.74 -31.24 41.31
CA LEU B 52 -9.99 -31.98 41.56
C LEU B 52 -10.10 -33.41 41.00
N GLY B 53 -9.36 -33.74 39.95
CA GLY B 53 -9.43 -35.05 39.31
C GLY B 53 -9.71 -34.94 37.83
N PRO B 54 -9.99 -36.07 37.12
CA PRO B 54 -10.22 -35.97 35.66
C PRO B 54 -11.64 -35.68 35.24
N ILE B 55 -12.50 -35.35 36.23
CA ILE B 55 -13.91 -35.00 36.09
C ILE B 55 -14.33 -34.04 37.22
N PHE B 56 -15.03 -32.94 36.85
CA PHE B 56 -15.57 -31.93 37.77
C PHE B 56 -16.79 -31.21 37.16
N ARG B 57 -17.67 -30.67 38.04
CA ARG B 57 -18.88 -29.95 37.62
C ARG B 57 -18.79 -28.45 37.86
N TYR B 58 -19.17 -27.64 36.84
CA TYR B 58 -19.20 -26.17 36.93
C TYR B 58 -20.60 -25.69 37.31
N ASN B 59 -20.68 -24.83 38.32
CA ASN B 59 -21.95 -24.28 38.78
C ASN B 59 -22.44 -23.16 37.86
N LEU B 60 -23.50 -23.47 37.07
CA LEU B 60 -24.14 -22.52 36.16
C LEU B 60 -25.47 -22.00 36.77
N GLY B 61 -25.65 -22.28 38.07
CA GLY B 61 -26.79 -21.86 38.87
C GLY B 61 -28.13 -22.45 38.49
N GLY B 62 -28.09 -23.52 37.69
CA GLY B 62 -29.24 -24.23 37.18
C GLY B 62 -28.81 -25.35 36.26
N PRO B 63 -28.27 -25.02 35.04
CA PRO B 63 -27.82 -26.09 34.13
C PRO B 63 -26.68 -26.95 34.69
N ARG B 64 -26.59 -28.19 34.17
CA ARG B 64 -25.57 -29.16 34.56
C ARG B 64 -24.42 -29.06 33.58
N MET B 65 -23.22 -28.81 34.11
CA MET B 65 -22.02 -28.70 33.28
C MET B 65 -20.92 -29.54 33.86
N VAL B 66 -20.39 -30.48 33.04
CA VAL B 66 -19.31 -31.40 33.42
C VAL B 66 -18.10 -31.13 32.54
N CYS B 67 -16.90 -31.30 33.14
CA CYS B 67 -15.63 -31.16 32.43
C CYS B 67 -14.82 -32.43 32.52
N VAL B 68 -14.37 -32.95 31.35
CA VAL B 68 -13.58 -34.18 31.22
C VAL B 68 -12.30 -33.96 30.43
N MET B 69 -11.33 -34.87 30.59
CA MET B 69 -10.03 -34.75 29.96
C MET B 69 -9.42 -36.12 29.64
N LEU B 70 -10.26 -37.17 29.60
CA LEU B 70 -9.77 -38.52 29.29
C LEU B 70 -10.35 -39.07 28.00
N PRO B 71 -9.55 -39.78 27.15
CA PRO B 71 -10.11 -40.39 25.93
C PRO B 71 -11.21 -41.41 26.23
N GLU B 72 -11.09 -42.14 27.35
CA GLU B 72 -12.12 -43.10 27.75
C GLU B 72 -13.51 -42.44 27.87
N ASP B 73 -13.52 -41.15 28.28
CA ASP B 73 -14.72 -40.33 28.45
C ASP B 73 -15.25 -39.82 27.13
N VAL B 74 -14.38 -39.67 26.13
CA VAL B 74 -14.77 -39.23 24.78
C VAL B 74 -15.52 -40.39 24.13
N GLU B 75 -15.01 -41.63 24.31
CA GLU B 75 -15.57 -42.88 23.79
C GLU B 75 -17.01 -43.04 24.24
N LYS B 76 -17.26 -42.81 25.56
CA LYS B 76 -18.58 -42.89 26.21
C LYS B 76 -19.52 -41.79 25.68
N LEU B 77 -18.94 -40.63 25.31
CA LEU B 77 -19.68 -39.50 24.78
C LEU B 77 -20.21 -39.76 23.37
N GLN B 78 -19.42 -40.47 22.52
CA GLN B 78 -19.81 -40.83 21.15
C GLN B 78 -20.92 -41.87 21.20
N GLN B 79 -20.90 -42.73 22.23
CA GLN B 79 -21.92 -43.76 22.39
C GLN B 79 -23.31 -43.09 22.53
N VAL B 80 -23.36 -42.01 23.30
CA VAL B 80 -24.55 -41.22 23.56
C VAL B 80 -24.90 -40.31 22.37
N ASP B 81 -23.89 -39.92 21.53
CA ASP B 81 -24.04 -39.10 20.29
C ASP B 81 -25.19 -39.71 19.52
N SER B 82 -26.31 -38.99 19.46
CA SER B 82 -27.53 -39.45 18.80
C SER B 82 -27.43 -39.31 17.29
N LEU B 83 -28.57 -39.44 16.60
CA LEU B 83 -28.69 -39.22 15.18
C LEU B 83 -28.42 -37.73 14.92
N HIS B 84 -28.70 -36.88 15.92
CA HIS B 84 -28.51 -35.44 15.91
C HIS B 84 -27.72 -35.00 17.15
N PRO B 85 -26.35 -35.08 17.14
CA PRO B 85 -25.58 -34.62 18.31
C PRO B 85 -25.76 -33.12 18.48
N CYS B 86 -26.15 -32.68 19.66
CA CYS B 86 -26.30 -31.24 19.66
C CYS B 86 -25.35 -30.59 20.68
N ARG B 87 -24.88 -29.39 20.31
CA ARG B 87 -23.90 -28.58 21.03
C ARG B 87 -24.59 -27.38 21.70
N MET B 88 -23.82 -26.48 22.33
CA MET B 88 -24.43 -25.30 22.92
C MET B 88 -24.72 -24.26 21.84
N ILE B 89 -25.89 -23.63 21.91
CA ILE B 89 -26.29 -22.58 20.97
C ILE B 89 -25.35 -21.37 21.21
N LEU B 90 -24.49 -21.02 20.21
CA LEU B 90 -23.56 -19.89 20.31
C LEU B 90 -24.36 -18.62 20.04
N GLU B 91 -25.06 -18.15 21.09
CA GLU B 91 -25.97 -17.01 21.12
C GLU B 91 -25.47 -15.77 20.36
N PRO B 92 -24.23 -15.25 20.57
CA PRO B 92 -23.82 -14.04 19.84
C PRO B 92 -23.79 -14.18 18.32
N TRP B 93 -23.27 -15.32 17.83
CA TRP B 93 -23.15 -15.63 16.41
C TRP B 93 -24.54 -15.73 15.79
N VAL B 94 -25.39 -16.56 16.41
CA VAL B 94 -26.77 -16.82 16.05
C VAL B 94 -27.50 -15.47 15.95
N ALA B 95 -27.34 -14.59 16.96
CA ALA B 95 -27.92 -13.25 17.04
C ALA B 95 -27.64 -12.40 15.80
N TYR B 96 -26.42 -12.48 15.23
CA TYR B 96 -26.06 -11.73 14.03
C TYR B 96 -26.86 -12.19 12.82
N ARG B 97 -26.88 -13.53 12.58
CA ARG B 97 -27.59 -14.17 11.49
C ARG B 97 -29.08 -13.87 11.56
N GLN B 98 -29.73 -13.94 12.75
CA GLN B 98 -31.16 -13.61 12.77
C GLN B 98 -31.39 -12.10 12.60
N HIS B 99 -30.43 -11.25 13.02
CA HIS B 99 -30.55 -9.81 12.83
C HIS B 99 -30.46 -9.45 11.33
N ARG B 100 -29.46 -9.99 10.61
CA ARG B 100 -29.24 -9.69 9.20
C ARG B 100 -30.03 -10.61 8.24
N GLY B 101 -30.80 -11.55 8.80
CA GLY B 101 -31.64 -12.48 8.04
C GLY B 101 -30.91 -13.56 7.24
N HIS B 102 -29.84 -14.12 7.80
CA HIS B 102 -29.07 -15.19 7.16
C HIS B 102 -29.42 -16.54 7.78
N LYS B 103 -29.30 -17.61 7.00
CA LYS B 103 -29.51 -18.96 7.49
C LYS B 103 -28.25 -19.35 8.28
N CYS B 104 -28.33 -20.39 9.12
CA CYS B 104 -27.16 -20.83 9.88
C CYS B 104 -26.43 -21.93 9.14
N GLY B 105 -25.12 -21.96 9.32
CA GLY B 105 -24.26 -22.99 8.76
C GLY B 105 -24.27 -24.19 9.67
N VAL B 106 -23.58 -25.30 9.31
CA VAL B 106 -23.55 -26.53 10.14
C VAL B 106 -23.17 -26.24 11.58
N PHE B 107 -21.99 -25.63 11.81
CA PHE B 107 -21.48 -25.32 13.14
C PHE B 107 -22.53 -24.69 14.10
N LEU B 108 -23.39 -23.79 13.60
CA LEU B 108 -24.43 -23.11 14.39
C LEU B 108 -25.81 -23.81 14.37
N LEU B 109 -25.95 -24.88 13.58
CA LEU B 109 -27.21 -25.63 13.48
C LEU B 109 -27.24 -26.80 14.42
N ASN B 110 -28.45 -27.19 14.83
CA ASN B 110 -28.69 -28.34 15.71
C ASN B 110 -29.91 -29.13 15.22
N GLY B 111 -29.96 -30.41 15.54
CA GLY B 111 -31.09 -31.25 15.20
C GLY B 111 -31.22 -31.64 13.75
N PRO B 112 -32.48 -31.86 13.28
CA PRO B 112 -32.69 -32.28 11.88
C PRO B 112 -32.13 -31.32 10.84
N GLU B 113 -32.27 -29.99 11.07
CA GLU B 113 -31.73 -28.98 10.14
C GLU B 113 -30.21 -29.17 9.98
N TRP B 114 -29.51 -29.52 11.10
CA TRP B 114 -28.06 -29.77 11.06
C TRP B 114 -27.76 -30.98 10.19
N ARG B 115 -28.46 -32.12 10.42
CA ARG B 115 -28.24 -33.38 9.70
C ARG B 115 -28.47 -33.24 8.20
N PHE B 116 -29.49 -32.47 7.82
CA PHE B 116 -29.81 -32.20 6.43
C PHE B 116 -28.66 -31.45 5.76
N ASN B 117 -28.15 -30.38 6.40
CA ASN B 117 -27.04 -29.60 5.87
C ASN B 117 -25.78 -30.47 5.77
N ARG B 118 -25.41 -31.13 6.90
CA ARG B 118 -24.23 -31.99 7.05
C ARG B 118 -24.07 -33.10 5.99
N LEU B 119 -25.14 -33.86 5.72
CA LEU B 119 -25.09 -34.93 4.74
C LEU B 119 -24.88 -34.45 3.31
N ARG B 120 -25.31 -33.21 2.99
CA ARG B 120 -25.15 -32.61 1.66
C ARG B 120 -23.78 -31.92 1.48
N LEU B 121 -23.07 -31.69 2.61
CA LEU B 121 -21.76 -31.06 2.67
C LEU B 121 -20.61 -32.08 2.67
N ASN B 122 -20.72 -33.13 3.49
CA ASN B 122 -19.69 -34.18 3.61
C ASN B 122 -19.10 -34.70 2.28
N PRO B 123 -19.89 -35.03 1.22
CA PRO B 123 -19.26 -35.57 0.00
C PRO B 123 -18.30 -34.64 -0.74
N ASP B 124 -18.55 -33.33 -0.67
CA ASP B 124 -17.77 -32.34 -1.42
C ASP B 124 -16.73 -31.59 -0.61
N VAL B 125 -16.83 -31.62 0.75
CA VAL B 125 -15.90 -30.94 1.66
C VAL B 125 -14.95 -31.92 2.35
N LEU B 126 -15.49 -33.05 2.84
CA LEU B 126 -14.74 -34.00 3.67
C LEU B 126 -14.37 -35.36 3.04
N SER B 127 -15.21 -35.91 2.13
CA SER B 127 -15.00 -37.23 1.50
C SER B 127 -13.62 -37.41 0.85
N PRO B 128 -13.07 -38.65 0.84
CA PRO B 128 -11.74 -38.85 0.22
C PRO B 128 -11.72 -38.55 -1.27
N LYS B 129 -12.86 -38.74 -1.94
CA LYS B 129 -13.04 -38.48 -3.36
C LYS B 129 -12.88 -36.99 -3.63
N ALA B 130 -13.37 -36.15 -2.69
CA ALA B 130 -13.27 -34.69 -2.77
C ALA B 130 -11.84 -34.25 -2.55
N VAL B 131 -11.12 -34.94 -1.65
CA VAL B 131 -9.72 -34.69 -1.29
C VAL B 131 -8.83 -34.97 -2.48
N GLN B 132 -9.18 -35.97 -3.29
CA GLN B 132 -8.43 -36.34 -4.50
C GLN B 132 -8.53 -35.22 -5.52
N ARG B 133 -9.68 -34.52 -5.52
CA ARG B 133 -9.97 -33.44 -6.44
C ARG B 133 -9.32 -32.09 -6.04
N PHE B 134 -9.44 -31.66 -4.77
CA PHE B 134 -8.88 -30.37 -4.37
C PHE B 134 -7.39 -30.41 -3.96
N LEU B 135 -6.84 -31.59 -3.59
CA LEU B 135 -5.44 -31.74 -3.19
C LEU B 135 -4.44 -31.19 -4.24
N PRO B 136 -4.57 -31.45 -5.57
CA PRO B 136 -3.62 -30.88 -6.53
C PRO B 136 -3.62 -29.35 -6.52
N MET B 137 -4.80 -28.73 -6.25
CA MET B 137 -4.97 -27.28 -6.15
C MET B 137 -4.18 -26.74 -4.93
N VAL B 138 -4.34 -27.41 -3.76
CA VAL B 138 -3.63 -27.02 -2.52
C VAL B 138 -2.11 -27.08 -2.73
N ASP B 139 -1.63 -28.20 -3.33
CA ASP B 139 -0.23 -28.44 -3.64
C ASP B 139 0.33 -27.29 -4.50
N ALA B 140 -0.45 -26.81 -5.50
CA ALA B 140 -0.05 -25.68 -6.37
C ALA B 140 0.30 -24.42 -5.59
N VAL B 141 -0.50 -24.10 -4.54
CA VAL B 141 -0.32 -22.95 -3.67
C VAL B 141 0.85 -23.22 -2.73
N ALA B 142 0.97 -24.47 -2.22
CA ALA B 142 2.05 -24.89 -1.33
C ALA B 142 3.40 -24.72 -2.01
N ARG B 143 3.48 -25.09 -3.31
CA ARG B 143 4.68 -24.95 -4.13
C ARG B 143 5.04 -23.47 -4.24
N ASP B 144 4.06 -22.61 -4.68
CA ASP B 144 4.19 -21.16 -4.83
C ASP B 144 4.70 -20.46 -3.56
N PHE B 145 4.34 -21.01 -2.36
CA PHE B 145 4.80 -20.48 -1.08
C PHE B 145 6.30 -20.68 -0.95
N SER B 146 6.79 -21.92 -1.14
CA SER B 146 8.21 -22.22 -1.03
C SER B 146 9.03 -21.50 -2.09
N GLN B 147 8.54 -21.48 -3.35
CA GLN B 147 9.30 -20.84 -4.43
C GLN B 147 9.38 -19.32 -4.27
N ALA B 148 8.36 -18.71 -3.65
CA ALA B 148 8.37 -17.27 -3.36
C ALA B 148 9.38 -17.00 -2.28
N LEU B 149 9.42 -17.87 -1.25
CA LEU B 149 10.35 -17.81 -0.13
C LEU B 149 11.79 -17.99 -0.62
N LYS B 150 12.04 -19.05 -1.43
CA LYS B 150 13.34 -19.37 -2.04
C LYS B 150 13.91 -18.16 -2.77
N LYS B 151 13.08 -17.46 -3.58
CA LYS B 151 13.44 -16.23 -4.32
C LYS B 151 13.97 -15.16 -3.38
N LYS B 152 13.26 -14.90 -2.24
CA LYS B 152 13.59 -13.90 -1.21
C LYS B 152 14.87 -14.30 -0.47
N VAL B 153 14.99 -15.60 -0.15
CA VAL B 153 16.11 -16.24 0.55
C VAL B 153 17.41 -16.07 -0.25
N LEU B 154 17.36 -16.28 -1.56
CA LEU B 154 18.54 -16.25 -2.42
C LEU B 154 19.07 -14.83 -2.70
N GLN B 155 18.26 -13.79 -2.48
CA GLN B 155 18.66 -12.38 -2.64
C GLN B 155 19.68 -11.96 -1.54
N ASN B 156 19.56 -12.56 -0.33
CA ASN B 156 20.44 -12.33 0.82
C ASN B 156 21.73 -13.16 0.70
N ALA B 157 22.86 -12.55 1.10
CA ALA B 157 24.20 -13.13 1.04
C ALA B 157 24.35 -14.49 1.76
N ARG B 158 23.79 -14.62 2.98
CA ARG B 158 23.87 -15.85 3.76
C ARG B 158 22.88 -16.92 3.31
N GLY B 159 22.26 -16.71 2.13
CA GLY B 159 21.29 -17.62 1.52
C GLY B 159 20.23 -18.15 2.47
N SER B 160 19.66 -17.22 3.26
CA SER B 160 18.64 -17.50 4.27
C SER B 160 17.88 -16.21 4.61
N LEU B 161 16.60 -16.37 4.97
CA LEU B 161 15.74 -15.25 5.37
C LEU B 161 15.22 -15.51 6.78
N THR B 162 15.38 -14.51 7.67
CA THR B 162 14.91 -14.59 9.06
C THR B 162 13.73 -13.66 9.21
N LEU B 163 12.57 -14.20 9.67
CA LEU B 163 11.32 -13.42 9.75
C LEU B 163 10.25 -13.99 10.68
N ASP B 164 9.16 -13.24 10.83
CA ASP B 164 7.93 -13.63 11.49
C ASP B 164 7.15 -14.27 10.34
N VAL B 165 6.97 -15.60 10.38
CA VAL B 165 6.30 -16.28 9.28
C VAL B 165 4.81 -16.13 9.32
N GLN B 166 4.23 -15.82 10.50
CA GLN B 166 2.79 -15.69 10.72
C GLN B 166 2.04 -14.99 9.58
N PRO B 167 2.42 -13.75 9.15
CA PRO B 167 1.68 -13.11 8.05
C PRO B 167 1.64 -13.95 6.77
N SER B 168 2.79 -14.52 6.36
CA SER B 168 2.95 -15.36 5.18
C SER B 168 2.03 -16.60 5.27
N ILE B 169 2.08 -17.30 6.41
CA ILE B 169 1.28 -18.50 6.71
C ILE B 169 -0.24 -18.19 6.64
N PHE B 170 -0.66 -17.01 7.11
CA PHE B 170 -2.05 -16.59 7.05
C PHE B 170 -2.49 -16.34 5.61
N HIS B 171 -1.63 -15.68 4.82
CA HIS B 171 -1.93 -15.39 3.43
C HIS B 171 -1.88 -16.67 2.59
N TYR B 172 -1.19 -17.70 3.10
CA TYR B 172 -1.16 -19.01 2.46
C TYR B 172 -2.51 -19.70 2.70
N THR B 173 -2.99 -19.73 3.99
CA THR B 173 -4.24 -20.37 4.37
C THR B 173 -5.42 -19.70 3.67
N ILE B 174 -5.38 -18.36 3.48
CA ILE B 174 -6.42 -17.63 2.73
C ILE B 174 -6.41 -18.06 1.26
N GLU B 175 -5.22 -18.06 0.63
CA GLU B 175 -5.06 -18.42 -0.79
C GLU B 175 -5.44 -19.89 -1.04
N ALA B 176 -4.86 -20.83 -0.25
CA ALA B 176 -5.09 -22.27 -0.37
C ALA B 176 -6.55 -22.65 -0.20
N SER B 177 -7.24 -22.03 0.79
CA SER B 177 -8.66 -22.26 1.06
C SER B 177 -9.53 -21.70 -0.05
N ASN B 178 -9.23 -20.47 -0.53
CA ASN B 178 -9.98 -19.83 -1.61
C ASN B 178 -9.92 -20.65 -2.89
N LEU B 179 -8.73 -21.16 -3.22
CA LEU B 179 -8.54 -21.98 -4.41
C LEU B 179 -9.29 -23.32 -4.26
N ALA B 180 -9.33 -23.86 -3.02
CA ALA B 180 -9.99 -25.14 -2.77
C ALA B 180 -11.51 -25.03 -2.77
N LEU B 181 -12.04 -23.88 -2.30
CA LEU B 181 -13.47 -23.65 -2.19
C LEU B 181 -14.08 -23.08 -3.45
N PHE B 182 -13.50 -21.99 -3.94
CA PHE B 182 -14.00 -21.25 -5.09
C PHE B 182 -13.23 -21.43 -6.38
N GLY B 183 -12.04 -22.01 -6.30
CA GLY B 183 -11.18 -22.20 -7.48
C GLY B 183 -10.67 -20.89 -8.04
N GLU B 184 -10.32 -19.93 -7.14
CA GLU B 184 -9.80 -18.61 -7.52
C GLU B 184 -8.48 -18.32 -6.86
N ARG B 185 -7.51 -17.87 -7.68
CA ARG B 185 -6.22 -17.45 -7.17
C ARG B 185 -6.35 -16.00 -6.77
N LEU B 186 -6.16 -15.72 -5.46
CA LEU B 186 -6.25 -14.37 -4.90
C LEU B 186 -4.97 -13.52 -5.08
N GLY B 187 -3.84 -14.17 -5.37
CA GLY B 187 -2.54 -13.54 -5.59
C GLY B 187 -1.84 -13.06 -4.32
N LEU B 188 -2.25 -13.60 -3.17
CA LEU B 188 -1.71 -13.26 -1.86
C LEU B 188 -0.35 -13.88 -1.60
N VAL B 189 -0.17 -15.17 -1.97
CA VAL B 189 1.08 -15.93 -1.79
C VAL B 189 2.14 -15.36 -2.74
N GLY B 190 3.21 -14.83 -2.15
CA GLY B 190 4.35 -14.24 -2.86
C GLY B 190 4.25 -12.77 -3.14
N HIS B 191 3.14 -12.12 -2.76
CA HIS B 191 2.96 -10.68 -2.98
C HIS B 191 2.53 -9.93 -1.74
N SER B 192 2.50 -8.57 -1.83
CA SER B 192 2.09 -7.70 -0.75
C SER B 192 0.62 -8.00 -0.35
N PRO B 193 0.31 -8.11 0.96
CA PRO B 193 -1.06 -8.42 1.38
C PRO B 193 -2.08 -7.39 0.93
N SER B 194 -3.27 -7.87 0.55
CA SER B 194 -4.39 -7.06 0.11
C SER B 194 -4.99 -6.34 1.31
N SER B 195 -5.65 -5.19 1.06
CA SER B 195 -6.34 -4.42 2.09
C SER B 195 -7.52 -5.25 2.56
N ALA B 196 -8.19 -5.94 1.60
CA ALA B 196 -9.31 -6.84 1.84
C ALA B 196 -8.92 -7.96 2.77
N SER B 197 -7.75 -8.61 2.49
CA SER B 197 -7.18 -9.73 3.27
C SER B 197 -6.88 -9.33 4.70
N LEU B 198 -6.18 -8.21 4.89
CA LEU B 198 -5.79 -7.66 6.18
C LEU B 198 -6.99 -7.22 7.07
N ASN B 199 -8.02 -6.64 6.44
CA ASN B 199 -9.27 -6.23 7.11
C ASN B 199 -10.09 -7.45 7.51
N PHE B 200 -10.06 -8.51 6.67
CA PHE B 200 -10.72 -9.79 6.92
C PHE B 200 -10.10 -10.45 8.14
N LEU B 201 -8.76 -10.55 8.16
CA LEU B 201 -7.98 -11.13 9.26
C LEU B 201 -8.22 -10.37 10.54
N HIS B 202 -8.28 -9.03 10.46
CA HIS B 202 -8.53 -8.19 11.62
C HIS B 202 -9.95 -8.40 12.13
N ALA B 203 -10.95 -8.44 11.21
CA ALA B 203 -12.37 -8.67 11.54
C ALA B 203 -12.53 -9.97 12.34
N LEU B 204 -11.86 -11.06 11.92
CA LEU B 204 -11.91 -12.37 12.59
C LEU B 204 -11.37 -12.25 14.02
N GLU B 205 -10.18 -11.63 14.17
CA GLU B 205 -9.49 -11.38 15.44
C GLU B 205 -10.44 -10.70 16.43
N VAL B 206 -11.14 -9.63 15.96
CA VAL B 206 -12.13 -8.83 16.72
C VAL B 206 -13.36 -9.70 17.07
N MET B 207 -13.94 -10.38 16.06
CA MET B 207 -15.09 -11.27 16.22
C MET B 207 -14.83 -12.30 17.31
N PHE B 208 -13.65 -12.96 17.27
CA PHE B 208 -13.25 -13.97 18.24
C PHE B 208 -13.12 -13.37 19.63
N LYS B 209 -12.50 -12.17 19.74
CA LYS B 209 -12.30 -11.43 20.99
C LYS B 209 -13.65 -11.10 21.65
N SER B 210 -14.57 -10.46 20.86
CA SER B 210 -15.93 -10.09 21.29
C SER B 210 -16.80 -11.31 21.61
N THR B 211 -16.52 -12.48 20.97
CA THR B 211 -17.27 -13.71 21.24
C THR B 211 -17.07 -14.06 22.72
N VAL B 212 -15.80 -14.25 23.16
CA VAL B 212 -15.37 -14.56 24.53
C VAL B 212 -16.01 -13.59 25.56
N GLN B 213 -16.11 -12.31 25.18
CA GLN B 213 -16.70 -11.26 26.01
C GLN B 213 -18.21 -11.42 26.21
N LEU B 214 -18.94 -11.87 25.18
CA LEU B 214 -20.40 -12.01 25.22
C LEU B 214 -20.95 -13.42 25.54
N MET B 215 -20.17 -14.48 25.24
CA MET B 215 -20.59 -15.88 25.38
C MET B 215 -20.62 -16.43 26.80
N PHE B 216 -20.12 -15.69 27.81
CA PHE B 216 -20.10 -16.18 29.19
C PHE B 216 -21.20 -15.56 30.09
N MET B 217 -22.15 -14.85 29.45
CA MET B 217 -23.27 -14.20 30.12
C MET B 217 -24.51 -14.14 29.22
N PRO B 218 -25.73 -14.21 29.80
CA PRO B 218 -26.95 -14.17 28.95
C PRO B 218 -27.18 -12.84 28.26
N ARG B 219 -28.01 -12.83 27.18
CA ARG B 219 -28.36 -11.60 26.44
C ARG B 219 -28.92 -10.55 27.41
N SER B 220 -29.64 -10.98 28.47
CA SER B 220 -30.24 -10.17 29.54
C SER B 220 -29.20 -9.40 30.35
N LEU B 221 -27.94 -9.89 30.36
CA LEU B 221 -26.79 -9.29 31.05
C LEU B 221 -25.90 -8.47 30.14
N SER B 222 -25.44 -9.07 29.03
CA SER B 222 -24.55 -8.40 28.08
C SER B 222 -25.18 -7.17 27.41
N ARG B 223 -26.52 -7.09 27.31
CA ARG B 223 -27.19 -5.94 26.71
C ARG B 223 -27.00 -4.64 27.51
N TRP B 224 -26.64 -4.73 28.82
CA TRP B 224 -26.39 -3.53 29.63
C TRP B 224 -24.97 -3.44 30.21
N ILE B 225 -24.36 -4.60 30.51
CA ILE B 225 -23.00 -4.67 31.06
C ILE B 225 -22.01 -4.29 29.95
N SER B 226 -22.20 -4.86 28.74
CA SER B 226 -21.30 -4.62 27.61
C SER B 226 -22.04 -4.40 26.25
N PRO B 227 -22.89 -3.34 26.11
CA PRO B 227 -23.55 -3.11 24.82
C PRO B 227 -22.59 -2.69 23.70
N LYS B 228 -21.47 -2.06 24.08
CA LYS B 228 -20.42 -1.61 23.18
C LYS B 228 -19.75 -2.83 22.51
N VAL B 229 -19.69 -3.98 23.22
CA VAL B 229 -19.10 -5.23 22.74
C VAL B 229 -20.00 -5.85 21.71
N TRP B 230 -21.34 -5.75 21.88
CA TRP B 230 -22.32 -6.25 20.92
C TRP B 230 -22.18 -5.52 19.59
N LYS B 231 -21.97 -4.18 19.64
CA LYS B 231 -21.76 -3.36 18.46
C LYS B 231 -20.47 -3.80 17.75
N GLU B 232 -19.35 -3.84 18.50
CA GLU B 232 -18.00 -4.25 18.11
C GLU B 232 -18.01 -5.61 17.37
N HIS B 233 -18.81 -6.57 17.90
CA HIS B 233 -19.03 -7.94 17.42
C HIS B 233 -19.75 -7.96 16.07
N PHE B 234 -20.89 -7.24 15.97
CA PHE B 234 -21.70 -7.15 14.76
C PHE B 234 -21.00 -6.39 13.65
N GLU B 235 -20.26 -5.30 14.00
CA GLU B 235 -19.45 -4.52 13.06
C GLU B 235 -18.37 -5.41 12.46
N ALA B 236 -17.78 -6.30 13.30
CA ALA B 236 -16.78 -7.29 12.90
C ALA B 236 -17.39 -8.30 11.92
N TRP B 237 -18.56 -8.88 12.27
CA TRP B 237 -19.27 -9.85 11.41
C TRP B 237 -19.62 -9.23 10.07
N ASP B 238 -19.97 -7.92 10.06
CA ASP B 238 -20.32 -7.14 8.87
C ASP B 238 -19.20 -7.20 7.84
N CYS B 239 -17.94 -7.11 8.31
CA CYS B 239 -16.74 -7.19 7.48
C CYS B 239 -16.47 -8.63 6.97
N ILE B 240 -16.66 -9.65 7.85
CA ILE B 240 -16.49 -11.07 7.55
C ILE B 240 -17.50 -11.49 6.46
N PHE B 241 -18.76 -11.05 6.60
CA PHE B 241 -19.84 -11.34 5.66
C PHE B 241 -19.69 -10.59 4.34
N GLN B 242 -19.12 -9.37 4.39
CA GLN B 242 -18.83 -8.54 3.21
C GLN B 242 -17.81 -9.27 2.35
N TYR B 243 -16.77 -9.87 3.01
CA TYR B 243 -15.72 -10.64 2.34
C TYR B 243 -16.32 -11.91 1.74
N GLY B 244 -17.04 -12.64 2.58
CA GLY B 244 -17.69 -13.89 2.20
C GLY B 244 -18.69 -13.79 1.07
N ASP B 245 -19.57 -12.76 1.12
CA ASP B 245 -20.59 -12.55 0.08
C ASP B 245 -19.97 -12.23 -1.28
N ASN B 246 -18.85 -11.50 -1.29
CA ASN B 246 -18.11 -11.16 -2.50
C ASN B 246 -17.65 -12.46 -3.20
N CYS B 247 -17.16 -13.44 -2.42
CA CYS B 247 -16.71 -14.75 -2.89
C CYS B 247 -17.85 -15.49 -3.56
N ILE B 248 -19.01 -15.56 -2.88
CA ILE B 248 -20.17 -16.31 -3.35
C ILE B 248 -20.86 -15.62 -4.57
N GLN B 249 -20.94 -14.26 -4.58
CA GLN B 249 -21.54 -13.52 -5.69
C GLN B 249 -20.78 -13.75 -6.99
N LYS B 250 -19.43 -13.88 -6.91
CA LYS B 250 -18.53 -14.16 -8.04
C LYS B 250 -18.81 -15.55 -8.63
N ILE B 251 -18.66 -16.63 -7.82
CA ILE B 251 -18.86 -18.03 -8.23
C ILE B 251 -20.31 -18.29 -8.71
N TYR B 252 -21.32 -17.67 -8.06
CA TYR B 252 -22.71 -17.84 -8.44
C TYR B 252 -22.99 -17.27 -9.81
N GLN B 253 -22.36 -16.12 -10.16
CA GLN B 253 -22.50 -15.49 -11.47
C GLN B 253 -21.77 -16.32 -12.54
N GLU B 254 -20.51 -16.75 -12.24
CA GLU B 254 -19.64 -17.54 -13.12
C GLU B 254 -20.33 -18.83 -13.56
N LEU B 255 -20.92 -19.57 -12.60
CA LEU B 255 -21.63 -20.84 -12.85
C LEU B 255 -22.96 -20.65 -13.55
N ALA B 256 -23.61 -19.51 -13.33
CA ALA B 256 -24.91 -19.20 -13.94
C ALA B 256 -24.84 -19.14 -15.46
N PHE B 257 -23.68 -18.68 -16.00
CA PHE B 257 -23.45 -18.54 -17.44
C PHE B 257 -22.76 -19.73 -18.10
N ASN B 258 -22.02 -20.53 -17.32
CA ASN B 258 -21.32 -21.71 -17.81
C ASN B 258 -21.04 -22.71 -16.70
N ARG B 259 -21.64 -23.92 -16.83
CA ARG B 259 -21.46 -25.03 -15.90
C ARG B 259 -20.17 -25.76 -16.38
N PRO B 260 -19.06 -25.70 -15.61
CA PRO B 260 -17.81 -26.31 -16.10
C PRO B 260 -17.79 -27.83 -16.10
N GLN B 261 -16.95 -28.40 -16.97
CA GLN B 261 -16.76 -29.84 -17.10
C GLN B 261 -15.90 -30.36 -15.94
N HIS B 262 -14.72 -29.73 -15.73
CA HIS B 262 -13.74 -30.05 -14.70
C HIS B 262 -14.09 -29.50 -13.29
N TYR B 263 -13.28 -29.89 -12.30
CA TYR B 263 -13.39 -29.45 -10.91
C TYR B 263 -12.82 -28.04 -10.77
N THR B 264 -13.63 -27.13 -10.19
CA THR B 264 -13.26 -25.74 -9.98
C THR B 264 -13.58 -25.29 -8.54
N GLY B 265 -13.41 -26.21 -7.59
CA GLY B 265 -13.64 -25.93 -6.17
C GLY B 265 -14.81 -26.65 -5.53
N ILE B 266 -14.83 -26.65 -4.18
CA ILE B 266 -15.85 -27.29 -3.32
C ILE B 266 -17.22 -26.65 -3.53
N VAL B 267 -17.29 -25.30 -3.33
CA VAL B 267 -18.48 -24.47 -3.41
C VAL B 267 -19.14 -24.58 -4.81
N ALA B 268 -18.33 -24.74 -5.87
CA ALA B 268 -18.84 -24.93 -7.24
C ALA B 268 -19.68 -26.21 -7.32
N GLU B 269 -19.19 -27.30 -6.71
CA GLU B 269 -19.86 -28.62 -6.69
C GLU B 269 -21.19 -28.56 -5.94
N LEU B 270 -21.22 -27.83 -4.80
CA LEU B 270 -22.43 -27.63 -3.99
C LEU B 270 -23.48 -26.88 -4.79
N LEU B 271 -23.06 -25.80 -5.48
CA LEU B 271 -23.90 -24.97 -6.32
C LEU B 271 -24.44 -25.73 -7.52
N LEU B 272 -23.58 -26.57 -8.14
CA LEU B 272 -23.97 -27.37 -9.31
C LEU B 272 -24.95 -28.47 -8.92
N LYS B 273 -24.73 -29.13 -7.76
CA LYS B 273 -25.59 -30.19 -7.26
C LYS B 273 -26.98 -29.67 -6.89
N ALA B 274 -27.04 -28.41 -6.37
CA ALA B 274 -28.27 -27.70 -5.94
C ALA B 274 -29.13 -28.56 -5.00
N GLU B 275 -28.47 -29.36 -4.13
CA GLU B 275 -29.13 -30.22 -3.14
C GLU B 275 -29.60 -29.36 -1.98
N LEU B 276 -28.85 -28.28 -1.69
CA LEU B 276 -29.15 -27.29 -0.66
C LEU B 276 -29.66 -25.99 -1.32
N SER B 277 -30.39 -25.15 -0.55
CA SER B 277 -30.88 -23.85 -1.04
C SER B 277 -29.73 -22.87 -1.17
N LEU B 278 -29.90 -21.81 -1.98
CA LEU B 278 -28.82 -20.83 -2.15
C LEU B 278 -28.47 -20.23 -0.80
N GLU B 279 -29.50 -19.96 0.04
CA GLU B 279 -29.31 -19.40 1.37
C GLU B 279 -28.56 -20.36 2.31
N ALA B 280 -28.73 -21.70 2.12
CA ALA B 280 -28.04 -22.75 2.87
C ALA B 280 -26.59 -22.85 2.40
N ILE B 281 -26.39 -22.79 1.06
CA ILE B 281 -25.06 -22.83 0.45
C ILE B 281 -24.28 -21.57 0.89
N LYS B 282 -24.94 -20.40 0.90
CA LYS B 282 -24.34 -19.13 1.32
C LYS B 282 -23.84 -19.22 2.77
N ALA B 283 -24.70 -19.75 3.66
CA ALA B 283 -24.43 -19.91 5.09
C ALA B 283 -23.22 -20.81 5.37
N ASN B 284 -23.20 -21.99 4.76
CA ASN B 284 -22.13 -22.98 4.89
C ASN B 284 -20.85 -22.53 4.21
N SER B 285 -20.98 -21.81 3.07
CA SER B 285 -19.87 -21.27 2.30
C SER B 285 -19.14 -20.24 3.15
N MET B 286 -19.90 -19.44 3.91
CA MET B 286 -19.37 -18.43 4.82
C MET B 286 -18.50 -19.14 5.91
N GLU B 287 -19.11 -20.13 6.64
CA GLU B 287 -18.45 -20.92 7.68
C GLU B 287 -17.14 -21.50 7.18
N LEU B 288 -17.11 -22.01 5.94
CA LEU B 288 -15.91 -22.59 5.34
C LEU B 288 -14.87 -21.53 4.96
N THR B 289 -15.29 -20.35 4.46
CA THR B 289 -14.37 -19.27 4.05
C THR B 289 -13.65 -18.63 5.25
N ALA B 290 -14.40 -18.37 6.33
CA ALA B 290 -13.89 -17.74 7.55
C ALA B 290 -13.28 -18.75 8.51
N GLY B 291 -13.81 -19.96 8.49
CA GLY B 291 -13.33 -21.03 9.36
C GLY B 291 -12.08 -21.75 8.91
N SER B 292 -11.53 -21.36 7.75
CA SER B 292 -10.35 -22.01 7.19
C SER B 292 -9.12 -21.14 7.29
N VAL B 293 -9.28 -19.92 7.82
CA VAL B 293 -8.17 -18.98 7.94
C VAL B 293 -7.32 -19.26 9.19
N ASP B 294 -7.81 -18.83 10.39
CA ASP B 294 -7.11 -18.93 11.67
C ASP B 294 -6.89 -20.35 12.14
N THR B 295 -7.76 -21.29 11.74
CA THR B 295 -7.69 -22.69 12.16
C THR B 295 -6.47 -23.43 11.64
N THR B 296 -6.27 -23.45 10.31
CA THR B 296 -5.14 -24.13 9.69
C THR B 296 -3.86 -23.35 9.97
N ALA B 297 -3.97 -22.02 10.06
CA ALA B 297 -2.86 -21.09 10.22
C ALA B 297 -2.05 -21.25 11.52
N PHE B 298 -2.70 -21.31 12.69
CA PHE B 298 -1.98 -21.40 13.98
C PHE B 298 -1.25 -22.73 14.20
N PRO B 299 -1.81 -23.95 13.91
CA PRO B 299 -1.03 -25.18 14.14
C PRO B 299 0.15 -25.31 13.19
N LEU B 300 -0.01 -24.80 11.94
CA LEU B 300 1.02 -24.80 10.92
C LEU B 300 2.25 -24.05 11.40
N LEU B 301 2.02 -22.97 12.13
CA LEU B 301 3.07 -22.12 12.70
C LEU B 301 3.73 -22.84 13.86
N MET B 302 2.91 -23.50 14.69
CA MET B 302 3.41 -24.24 15.85
C MET B 302 4.21 -25.44 15.41
N THR B 303 3.93 -25.97 14.22
CA THR B 303 4.70 -27.05 13.67
C THR B 303 6.06 -26.48 13.29
N LEU B 304 6.09 -25.37 12.50
CA LEU B 304 7.33 -24.71 12.07
C LEU B 304 8.23 -24.40 13.28
N PHE B 305 7.61 -23.90 14.37
CA PHE B 305 8.30 -23.60 15.62
C PHE B 305 8.90 -24.85 16.26
N GLU B 306 8.07 -25.89 16.50
CA GLU B 306 8.49 -27.14 17.12
C GLU B 306 9.60 -27.86 16.33
N LEU B 307 9.60 -27.72 14.99
CA LEU B 307 10.61 -28.32 14.13
C LEU B 307 11.93 -27.56 14.22
N ALA B 308 11.81 -26.24 14.40
CA ALA B 308 12.95 -25.34 14.55
C ALA B 308 13.63 -25.60 15.92
N ARG B 309 12.80 -26.05 16.88
CA ARG B 309 13.18 -26.42 18.24
C ARG B 309 13.70 -27.83 18.30
N ASN B 310 13.16 -28.75 17.49
CA ASN B 310 13.54 -30.15 17.46
C ASN B 310 14.24 -30.48 16.12
N PRO B 311 15.55 -30.13 15.96
CA PRO B 311 16.24 -30.40 14.68
C PRO B 311 16.32 -31.87 14.29
N ASP B 312 16.48 -32.74 15.30
CA ASP B 312 16.54 -34.20 15.15
C ASP B 312 15.29 -34.74 14.43
N VAL B 313 14.08 -34.31 14.89
CA VAL B 313 12.75 -34.64 14.35
C VAL B 313 12.66 -34.07 12.92
N GLN B 314 13.07 -32.80 12.73
CA GLN B 314 13.06 -32.09 11.45
C GLN B 314 13.81 -32.88 10.35
N GLN B 315 15.03 -33.39 10.66
CA GLN B 315 15.84 -34.15 9.70
C GLN B 315 15.18 -35.48 9.32
N ILE B 316 14.45 -36.12 10.26
CA ILE B 316 13.70 -37.37 10.05
C ILE B 316 12.56 -37.09 9.06
N LEU B 317 11.79 -35.98 9.27
CA LEU B 317 10.68 -35.55 8.43
C LEU B 317 11.17 -35.08 7.07
N ARG B 318 12.35 -34.43 7.02
CA ARG B 318 12.96 -33.96 5.78
C ARG B 318 13.41 -35.15 4.94
N GLN B 319 14.09 -36.14 5.57
CA GLN B 319 14.55 -37.36 4.91
C GLN B 319 13.37 -38.07 4.23
N GLU B 320 12.22 -38.15 4.92
CA GLU B 320 10.97 -38.74 4.44
C GLU B 320 10.43 -37.95 3.25
N SER B 321 10.28 -36.62 3.43
CA SER B 321 9.78 -35.69 2.40
C SER B 321 10.68 -35.63 1.17
N LEU B 322 11.99 -35.93 1.30
CA LEU B 322 12.92 -35.94 0.16
C LEU B 322 12.82 -37.24 -0.62
N ALA B 323 12.63 -38.38 0.08
CA ALA B 323 12.47 -39.71 -0.53
C ALA B 323 11.18 -39.75 -1.35
N ALA B 324 10.06 -39.34 -0.74
CA ALA B 324 8.73 -39.31 -1.35
C ALA B 324 8.51 -38.10 -2.28
N ALA B 325 9.50 -37.19 -2.38
CA ALA B 325 9.43 -35.95 -3.18
C ALA B 325 8.99 -36.16 -4.62
N ALA B 326 9.59 -37.17 -5.29
CA ALA B 326 9.35 -37.51 -6.69
C ALA B 326 7.93 -38.00 -6.97
N SER B 327 7.41 -38.95 -6.16
CA SER B 327 6.05 -39.48 -6.32
C SER B 327 4.96 -38.44 -6.05
N ILE B 328 5.20 -37.53 -5.07
CA ILE B 328 4.29 -36.43 -4.73
C ILE B 328 4.31 -35.38 -5.85
N SER B 329 5.46 -35.22 -6.54
CA SER B 329 5.59 -34.29 -7.67
C SER B 329 4.73 -34.78 -8.84
N GLU B 330 4.75 -36.11 -9.09
CA GLU B 330 3.97 -36.77 -10.14
C GLU B 330 2.49 -36.80 -9.78
N HIS B 331 2.16 -37.18 -8.52
CA HIS B 331 0.79 -37.24 -8.02
C HIS B 331 0.70 -36.65 -6.61
N PRO B 332 0.19 -35.40 -6.49
CA PRO B 332 0.10 -34.75 -5.17
C PRO B 332 -0.72 -35.50 -4.14
N GLN B 333 -1.81 -36.19 -4.57
CA GLN B 333 -2.70 -36.95 -3.66
C GLN B 333 -2.00 -38.10 -2.91
N LYS B 334 -0.75 -38.41 -3.33
CA LYS B 334 0.10 -39.43 -2.70
C LYS B 334 0.68 -38.91 -1.39
N ALA B 335 0.68 -37.56 -1.16
CA ALA B 335 1.21 -36.94 0.05
C ALA B 335 0.52 -37.41 1.34
N THR B 336 -0.77 -37.77 1.25
CA THR B 336 -1.57 -38.25 2.37
C THR B 336 -1.06 -39.60 2.89
N THR B 337 -0.71 -40.50 1.96
CA THR B 337 -0.26 -41.86 2.24
C THR B 337 1.25 -42.01 2.37
N GLU B 338 2.04 -41.26 1.58
CA GLU B 338 3.51 -41.37 1.53
C GLU B 338 4.26 -40.45 2.54
N LEU B 339 3.53 -39.73 3.41
CA LEU B 339 4.15 -38.90 4.45
C LEU B 339 3.59 -39.30 5.84
N PRO B 340 3.80 -40.56 6.32
CA PRO B 340 3.23 -40.95 7.62
C PRO B 340 3.77 -40.22 8.86
N LEU B 341 5.08 -39.84 8.81
CA LEU B 341 5.75 -39.13 9.89
C LEU B 341 5.29 -37.69 9.94
N LEU B 342 5.21 -37.01 8.75
CA LEU B 342 4.76 -35.62 8.69
C LEU B 342 3.32 -35.52 9.18
N ARG B 343 2.48 -36.55 8.89
CA ARG B 343 1.10 -36.61 9.35
C ARG B 343 1.09 -36.72 10.87
N ALA B 344 1.96 -37.58 11.43
CA ALA B 344 2.04 -37.78 12.87
C ALA B 344 2.62 -36.55 13.58
N ALA B 345 3.49 -35.78 12.90
CA ALA B 345 4.05 -34.54 13.46
C ALA B 345 2.91 -33.55 13.69
N LEU B 346 1.94 -33.50 12.76
CA LEU B 346 0.75 -32.66 12.87
C LEU B 346 -0.15 -33.14 14.02
N LYS B 347 -0.23 -34.47 14.26
CA LYS B 347 -1.03 -35.04 15.36
C LYS B 347 -0.47 -34.55 16.69
N GLU B 348 0.90 -34.47 16.76
CA GLU B 348 1.72 -34.04 17.91
C GLU B 348 1.57 -32.54 18.15
N THR B 349 1.49 -31.75 17.06
CA THR B 349 1.31 -30.30 17.15
C THR B 349 -0.07 -30.01 17.73
N LEU B 350 -1.11 -30.74 17.29
CA LEU B 350 -2.48 -30.56 17.78
C LEU B 350 -2.68 -31.12 19.19
N ARG B 351 -1.85 -32.12 19.59
CA ARG B 351 -1.91 -32.70 20.93
C ARG B 351 -1.50 -31.65 21.98
N LEU B 352 -0.36 -30.99 21.72
CA LEU B 352 0.21 -29.99 22.59
C LEU B 352 -0.59 -28.70 22.47
N TYR B 353 -0.77 -28.21 21.21
CA TYR B 353 -1.42 -26.95 20.87
C TYR B 353 -2.78 -27.14 20.13
N PRO B 354 -3.88 -27.47 20.85
CA PRO B 354 -5.18 -27.64 20.16
C PRO B 354 -5.84 -26.29 19.90
N VAL B 355 -6.09 -25.95 18.61
CA VAL B 355 -6.79 -24.71 18.26
C VAL B 355 -8.26 -24.77 18.72
N GLY B 356 -8.74 -26.01 18.90
CA GLY B 356 -10.07 -26.33 19.41
C GLY B 356 -10.22 -25.96 20.86
N LEU B 357 -9.42 -26.58 21.76
CA LEU B 357 -9.40 -26.39 23.23
C LEU B 357 -10.34 -27.32 23.92
N PHE B 358 -11.61 -27.31 23.50
CA PHE B 358 -12.64 -28.18 24.04
C PHE B 358 -13.71 -28.58 23.03
N LEU B 359 -14.44 -29.64 23.38
CA LEU B 359 -15.52 -30.21 22.59
C LEU B 359 -16.75 -30.13 23.48
N GLU B 360 -17.84 -29.53 22.99
CA GLU B 360 -19.10 -29.43 23.75
C GLU B 360 -20.03 -30.48 23.22
N ARG B 361 -20.95 -30.93 24.07
CA ARG B 361 -22.03 -31.82 23.72
C ARG B 361 -23.10 -31.65 24.76
N VAL B 362 -24.28 -31.19 24.37
CA VAL B 362 -25.38 -31.10 25.32
C VAL B 362 -26.12 -32.44 25.15
N VAL B 363 -25.56 -33.50 25.84
CA VAL B 363 -25.93 -34.91 25.93
C VAL B 363 -27.45 -35.15 25.77
N SER B 364 -27.84 -36.08 24.87
CA SER B 364 -29.23 -36.41 24.50
C SER B 364 -29.93 -37.41 25.41
N SER B 365 -29.16 -38.32 26.03
CA SER B 365 -29.62 -39.37 26.94
C SER B 365 -28.60 -39.63 28.06
N ASP B 366 -29.08 -40.07 29.26
CA ASP B 366 -28.26 -40.34 30.45
C ASP B 366 -27.03 -41.19 30.12
N LEU B 367 -25.90 -40.89 30.78
CA LEU B 367 -24.66 -41.65 30.64
C LEU B 367 -23.88 -41.66 31.96
N VAL B 368 -22.82 -42.46 32.03
CA VAL B 368 -21.98 -42.52 33.22
C VAL B 368 -20.57 -42.24 32.79
N LEU B 369 -19.95 -41.21 33.38
CA LEU B 369 -18.56 -40.82 33.09
C LEU B 369 -17.78 -40.83 34.39
N GLN B 370 -16.66 -41.58 34.44
CA GLN B 370 -15.82 -41.69 35.63
C GLN B 370 -16.63 -42.07 36.90
N ASN B 371 -17.52 -43.07 36.76
CA ASN B 371 -18.43 -43.62 37.77
C ASN B 371 -19.47 -42.58 38.30
N TYR B 372 -19.63 -41.45 37.59
CA TYR B 372 -20.62 -40.45 37.95
C TYR B 372 -21.79 -40.49 37.00
N HIS B 373 -23.00 -40.31 37.53
CA HIS B 373 -24.19 -40.26 36.72
C HIS B 373 -24.26 -38.88 36.04
N ILE B 374 -24.32 -38.87 34.70
CA ILE B 374 -24.42 -37.68 33.86
C ILE B 374 -25.82 -37.70 33.22
N PRO B 375 -26.79 -36.90 33.75
CA PRO B 375 -28.16 -36.91 33.21
C PRO B 375 -28.28 -36.34 31.81
N ALA B 376 -29.42 -36.64 31.16
CA ALA B 376 -29.74 -36.13 29.83
C ALA B 376 -29.89 -34.61 29.91
N GLY B 377 -29.35 -33.91 28.91
CA GLY B 377 -29.40 -32.45 28.82
C GLY B 377 -28.20 -31.76 29.44
N THR B 378 -27.30 -32.53 30.07
CA THR B 378 -26.07 -32.02 30.70
C THR B 378 -25.05 -31.61 29.62
N LEU B 379 -24.45 -30.40 29.75
CA LEU B 379 -23.38 -29.98 28.86
C LEU B 379 -22.10 -30.68 29.33
N VAL B 380 -21.40 -31.35 28.43
CA VAL B 380 -20.14 -32.05 28.69
C VAL B 380 -19.06 -31.39 27.82
N GLN B 381 -17.94 -30.93 28.44
CA GLN B 381 -16.82 -30.27 27.77
C GLN B 381 -15.53 -31.06 27.91
N VAL B 382 -14.95 -31.49 26.78
CA VAL B 382 -13.70 -32.26 26.77
C VAL B 382 -12.54 -31.30 26.55
N PHE B 383 -11.75 -31.01 27.60
CA PHE B 383 -10.61 -30.08 27.49
C PHE B 383 -9.36 -30.78 26.93
N LEU B 384 -9.12 -30.53 25.64
CA LEU B 384 -8.05 -31.12 24.83
C LEU B 384 -6.65 -30.73 25.26
N TYR B 385 -6.51 -29.53 25.89
CA TYR B 385 -5.23 -29.03 26.39
C TYR B 385 -4.73 -30.02 27.43
N SER B 386 -5.56 -30.21 28.49
CA SER B 386 -5.34 -31.10 29.63
C SER B 386 -5.21 -32.55 29.19
N LEU B 387 -6.07 -33.00 28.25
CA LEU B 387 -6.07 -34.35 27.68
C LEU B 387 -4.71 -34.69 27.06
N GLY B 388 -4.19 -33.78 26.24
CA GLY B 388 -2.91 -33.95 25.53
C GLY B 388 -1.66 -33.80 26.38
N ARG B 389 -1.76 -33.09 27.51
CA ARG B 389 -0.61 -32.87 28.40
C ARG B 389 -0.53 -33.93 29.53
N ASN B 390 -1.51 -34.83 29.60
CA ASN B 390 -1.57 -35.90 30.60
C ASN B 390 -0.46 -36.93 30.36
N ALA B 391 0.49 -37.04 31.34
CA ALA B 391 1.64 -37.92 31.27
C ALA B 391 1.32 -39.40 31.16
N ALA B 392 0.19 -39.83 31.72
CA ALA B 392 -0.24 -41.23 31.68
C ALA B 392 -0.80 -41.65 30.31
N LEU B 393 -1.36 -40.68 29.56
CA LEU B 393 -1.91 -40.87 28.22
C LEU B 393 -0.76 -40.78 27.23
N PHE B 394 0.12 -39.78 27.43
CA PHE B 394 1.28 -39.52 26.58
C PHE B 394 2.58 -39.46 27.41
N PRO B 395 3.31 -40.60 27.50
CA PRO B 395 4.56 -40.64 28.27
C PRO B 395 5.54 -39.57 27.78
N ARG B 396 6.04 -38.75 28.72
CA ARG B 396 6.90 -37.58 28.47
C ARG B 396 6.06 -36.65 27.57
N PRO B 397 4.98 -36.05 28.13
CA PRO B 397 4.08 -35.24 27.29
C PRO B 397 4.68 -33.98 26.72
N GLU B 398 5.67 -33.39 27.41
CA GLU B 398 6.35 -32.17 26.98
C GLU B 398 7.24 -32.42 25.74
N ARG B 399 7.64 -33.70 25.51
CA ARG B 399 8.47 -34.12 24.40
C ARG B 399 7.68 -34.10 23.09
N TYR B 400 8.20 -33.38 22.06
CA TYR B 400 7.59 -33.34 20.73
C TYR B 400 8.14 -34.57 19.99
N ASN B 401 7.29 -35.62 19.89
CA ASN B 401 7.68 -36.86 19.24
C ASN B 401 6.60 -37.42 18.33
N PRO B 402 6.76 -37.29 17.00
CA PRO B 402 5.76 -37.82 16.08
C PRO B 402 5.69 -39.34 16.07
N GLN B 403 6.79 -40.03 16.44
CA GLN B 403 6.90 -41.48 16.47
C GLN B 403 5.90 -42.16 17.42
N ARG B 404 5.35 -41.40 18.40
CA ARG B 404 4.36 -41.95 19.34
C ARG B 404 3.04 -42.31 18.65
N TRP B 405 2.76 -41.72 17.48
CA TRP B 405 1.55 -41.95 16.70
C TRP B 405 1.71 -43.04 15.64
N LEU B 406 2.89 -43.67 15.54
CA LEU B 406 3.08 -44.66 14.47
C LEU B 406 2.69 -46.10 14.84
N ASP B 407 3.38 -46.77 15.76
CA ASP B 407 2.99 -48.16 16.02
C ASP B 407 1.99 -48.29 17.20
N ILE B 408 0.86 -47.58 17.04
CA ILE B 408 -0.28 -47.57 17.98
C ILE B 408 -1.52 -48.11 17.25
N ARG B 409 -1.30 -48.63 16.03
CA ARG B 409 -2.31 -49.21 15.17
C ARG B 409 -2.75 -50.55 15.78
N GLY B 410 -3.99 -50.59 16.26
CA GLY B 410 -4.53 -51.75 16.96
C GLY B 410 -3.95 -51.89 18.36
N SER B 411 -3.83 -50.73 19.08
CA SER B 411 -3.30 -50.63 20.46
C SER B 411 -4.31 -49.91 21.41
N GLY B 412 -5.49 -49.57 20.88
CA GLY B 412 -6.58 -48.95 21.62
C GLY B 412 -6.59 -47.43 21.69
N ARG B 413 -5.50 -46.79 21.25
CA ARG B 413 -5.37 -45.35 21.29
C ARG B 413 -6.11 -44.65 20.15
N ASN B 414 -7.34 -45.11 19.88
CA ASN B 414 -8.21 -44.58 18.82
C ASN B 414 -8.80 -43.21 19.23
N PHE B 415 -8.99 -42.99 20.56
CA PHE B 415 -9.59 -41.77 21.11
C PHE B 415 -8.59 -40.75 21.66
N HIS B 416 -7.28 -40.97 21.46
CA HIS B 416 -6.22 -40.05 21.90
C HIS B 416 -6.03 -38.89 20.92
N HIS B 417 -6.31 -39.11 19.61
CA HIS B 417 -6.26 -38.06 18.59
C HIS B 417 -7.69 -37.63 18.27
N VAL B 418 -8.16 -36.59 18.99
CA VAL B 418 -9.49 -36.03 18.81
C VAL B 418 -9.46 -34.49 18.60
N PRO B 419 -8.45 -33.88 17.91
CA PRO B 419 -8.47 -32.41 17.76
C PRO B 419 -9.51 -31.89 16.79
N PHE B 420 -10.03 -32.76 15.90
CA PHE B 420 -11.06 -32.40 14.93
C PHE B 420 -12.44 -32.90 15.39
N GLY B 421 -12.51 -33.33 16.65
CA GLY B 421 -13.74 -33.82 17.25
C GLY B 421 -13.91 -35.29 17.04
N PHE B 422 -15.15 -35.74 17.03
CA PHE B 422 -15.51 -37.15 16.89
C PHE B 422 -16.92 -37.27 16.31
N GLY B 423 -17.20 -38.44 15.73
CA GLY B 423 -18.54 -38.74 15.20
C GLY B 423 -18.95 -37.96 13.98
N MET B 424 -20.27 -37.87 13.78
CA MET B 424 -20.92 -37.21 12.64
C MET B 424 -20.64 -35.72 12.58
N ARG B 425 -20.57 -35.07 13.77
CA ARG B 425 -20.31 -33.66 13.99
C ARG B 425 -18.79 -33.33 14.01
N GLN B 426 -17.92 -34.31 13.66
CA GLN B 426 -16.47 -34.11 13.58
C GLN B 426 -16.21 -33.08 12.49
N CYS B 427 -15.24 -32.17 12.73
CA CYS B 427 -14.79 -31.11 11.85
C CYS B 427 -14.99 -31.42 10.36
N LEU B 428 -15.74 -30.54 9.68
CA LEU B 428 -16.04 -30.66 8.27
C LEU B 428 -14.81 -30.37 7.41
N GLY B 429 -14.01 -29.40 7.83
CA GLY B 429 -12.80 -28.99 7.12
C GLY B 429 -11.54 -29.70 7.52
N ARG B 430 -11.67 -30.83 8.27
CA ARG B 430 -10.59 -31.66 8.79
C ARG B 430 -9.58 -32.02 7.69
N ARG B 431 -10.08 -32.65 6.61
CA ARG B 431 -9.23 -33.14 5.52
C ARG B 431 -8.64 -32.02 4.66
N LEU B 432 -9.33 -30.86 4.55
CA LEU B 432 -8.78 -29.71 3.81
C LEU B 432 -7.62 -29.09 4.63
N ALA B 433 -7.81 -28.91 5.95
CA ALA B 433 -6.81 -28.36 6.87
C ALA B 433 -5.55 -29.23 6.83
N GLU B 434 -5.69 -30.57 7.05
CA GLU B 434 -4.60 -31.54 7.01
C GLU B 434 -3.82 -31.44 5.69
N ALA B 435 -4.53 -31.28 4.55
CA ALA B 435 -3.95 -31.17 3.21
C ALA B 435 -3.11 -29.90 3.06
N GLU B 436 -3.64 -28.74 3.53
CA GLU B 436 -2.94 -27.45 3.49
C GLU B 436 -1.68 -27.52 4.34
N MET B 437 -1.80 -28.10 5.55
CA MET B 437 -0.71 -28.26 6.50
C MET B 437 0.39 -29.18 6.00
N LEU B 438 0.04 -30.43 5.56
CA LEU B 438 1.01 -31.41 5.04
C LEU B 438 1.82 -30.88 3.87
N LEU B 439 1.14 -30.32 2.88
CA LEU B 439 1.75 -29.85 1.65
C LEU B 439 2.64 -28.63 1.82
N LEU B 440 2.28 -27.67 2.72
CA LEU B 440 3.14 -26.51 2.93
C LEU B 440 4.48 -27.01 3.48
N LEU B 441 4.40 -27.83 4.55
CA LEU B 441 5.52 -28.43 5.26
C LEU B 441 6.36 -29.33 4.38
N HIS B 442 5.73 -30.13 3.49
CA HIS B 442 6.48 -31.01 2.58
C HIS B 442 7.36 -30.18 1.65
N HIS B 443 6.79 -29.11 1.09
CA HIS B 443 7.49 -28.23 0.18
C HIS B 443 8.53 -27.37 0.87
N VAL B 444 8.31 -27.03 2.16
CA VAL B 444 9.25 -26.26 2.96
C VAL B 444 10.43 -27.14 3.33
N LEU B 445 10.18 -28.37 3.84
CA LEU B 445 11.22 -29.33 4.24
C LEU B 445 12.17 -29.68 3.09
N LYS B 446 11.62 -29.79 1.87
CA LYS B 446 12.35 -30.10 0.65
C LYS B 446 13.44 -29.08 0.30
N HIS B 447 13.25 -27.78 0.63
CA HIS B 447 14.18 -26.71 0.25
C HIS B 447 14.83 -25.94 1.38
N PHE B 448 14.20 -25.88 2.55
CA PHE B 448 14.73 -25.09 3.65
C PHE B 448 14.99 -25.84 4.93
N LEU B 449 15.86 -25.23 5.77
CA LEU B 449 16.19 -25.64 7.11
C LEU B 449 15.56 -24.60 8.02
N VAL B 450 14.62 -25.01 8.89
CA VAL B 450 13.96 -24.08 9.81
C VAL B 450 14.78 -24.05 11.11
N GLU B 451 15.26 -22.84 11.51
CA GLU B 451 16.10 -22.65 12.70
C GLU B 451 15.62 -21.52 13.59
N THR B 452 15.81 -21.64 14.92
CA THR B 452 15.45 -20.59 15.88
C THR B 452 16.23 -20.67 17.17
N LEU B 453 16.63 -19.49 17.69
CA LEU B 453 17.33 -19.33 18.97
C LEU B 453 16.32 -19.26 20.11
N THR B 454 15.03 -19.00 19.77
CA THR B 454 13.90 -18.95 20.71
C THR B 454 13.57 -20.40 21.08
N GLN B 455 14.23 -20.92 22.12
CA GLN B 455 13.97 -22.29 22.53
C GLN B 455 12.87 -22.35 23.58
N GLU B 456 12.56 -21.20 24.22
CA GLU B 456 11.53 -21.12 25.24
C GLU B 456 10.14 -21.28 24.68
N ASP B 457 9.31 -22.06 25.41
CA ASP B 457 7.92 -22.41 25.08
C ASP B 457 7.10 -21.18 24.80
N ILE B 458 6.29 -21.20 23.73
CA ILE B 458 5.43 -20.05 23.44
C ILE B 458 4.17 -20.19 24.30
N LYS B 459 3.80 -19.10 25.00
CA LYS B 459 2.58 -19.08 25.82
C LYS B 459 1.38 -19.10 24.88
N MET B 460 0.34 -19.85 25.26
CA MET B 460 -0.89 -19.96 24.47
C MET B 460 -1.94 -19.05 25.09
N VAL B 461 -2.79 -18.43 24.23
CA VAL B 461 -3.84 -17.47 24.59
C VAL B 461 -5.23 -17.97 24.17
N TYR B 462 -6.25 -17.87 25.05
CA TYR B 462 -7.60 -18.24 24.67
C TYR B 462 -8.41 -17.04 24.20
N SER B 463 -8.69 -16.98 22.88
CA SER B 463 -9.51 -15.95 22.24
C SER B 463 -10.44 -16.70 21.28
N PHE B 464 -11.28 -17.62 21.84
CA PHE B 464 -12.19 -18.56 21.16
C PHE B 464 -11.40 -19.73 20.54
N ILE B 465 -10.31 -19.41 19.83
CA ILE B 465 -9.32 -20.31 19.25
C ILE B 465 -8.13 -20.27 20.21
N LEU B 466 -7.38 -21.38 20.34
CA LEU B 466 -6.17 -21.33 21.18
C LEU B 466 -4.99 -20.98 20.28
N ARG B 467 -4.63 -19.70 20.31
CA ARG B 467 -3.57 -19.14 19.49
C ARG B 467 -2.32 -18.84 20.27
N PRO B 468 -1.12 -18.86 19.64
CA PRO B 468 0.09 -18.46 20.39
C PRO B 468 0.01 -16.98 20.73
N GLY B 469 0.62 -16.64 21.87
CA GLY B 469 0.70 -15.27 22.37
C GLY B 469 1.68 -14.45 21.55
N THR B 470 2.85 -15.04 21.26
CA THR B 470 3.91 -14.43 20.49
C THR B 470 4.27 -15.26 19.23
N SER B 471 4.76 -14.60 18.18
CA SER B 471 5.21 -15.27 16.97
C SER B 471 6.75 -15.24 17.00
N PRO B 472 7.46 -16.40 16.87
CA PRO B 472 8.92 -16.37 16.98
C PRO B 472 9.60 -16.00 15.67
N LEU B 473 10.88 -15.61 15.77
CA LEU B 473 11.71 -15.27 14.63
C LEU B 473 12.27 -16.57 14.12
N LEU B 474 11.95 -16.92 12.88
CA LEU B 474 12.38 -18.18 12.27
C LEU B 474 13.28 -17.95 11.07
N THR B 475 14.43 -18.62 11.05
CA THR B 475 15.37 -18.55 9.93
C THR B 475 15.00 -19.68 8.95
N PHE B 476 15.06 -19.40 7.65
CA PHE B 476 14.79 -20.37 6.59
C PHE B 476 16.05 -20.46 5.73
N ARG B 477 16.96 -21.39 6.04
CA ARG B 477 18.19 -21.52 5.28
C ARG B 477 17.99 -22.41 4.09
N ALA B 478 18.41 -21.92 2.91
CA ALA B 478 18.34 -22.69 1.67
C ALA B 478 19.29 -23.87 1.78
N ILE B 479 18.77 -25.10 1.59
CA ILE B 479 19.56 -26.34 1.67
C ILE B 479 20.48 -26.40 0.44
N ASN B 480 19.90 -26.11 -0.76
CA ASN B 480 20.59 -26.11 -2.06
C ASN B 480 21.41 -24.81 -2.22
N GLY B 481 20.76 -23.74 -2.68
CA GLY B 481 21.37 -22.43 -2.88
C GLY B 481 22.39 -22.39 -4.00
N THR C 11 -49.31 31.54 -36.32
CA THR C 11 -49.06 32.70 -35.47
C THR C 11 -48.21 32.26 -34.28
N VAL C 12 -47.14 33.03 -33.96
CA VAL C 12 -46.22 32.70 -32.85
C VAL C 12 -46.77 33.13 -31.48
N LEU C 13 -46.60 32.23 -30.51
CA LEU C 13 -47.07 32.37 -29.13
C LEU C 13 -46.04 33.08 -28.27
N PRO C 14 -46.47 33.91 -27.29
CA PRO C 14 -45.47 34.60 -26.44
C PRO C 14 -44.75 33.65 -25.50
N PHE C 15 -43.64 34.11 -24.91
CA PHE C 15 -42.83 33.33 -23.96
C PHE C 15 -43.68 32.85 -22.80
N GLU C 16 -44.49 33.74 -22.22
CA GLU C 16 -45.36 33.51 -21.06
C GLU C 16 -46.41 32.41 -21.28
N ALA C 17 -46.79 32.14 -22.55
CA ALA C 17 -47.79 31.12 -22.91
C ALA C 17 -47.33 29.67 -22.66
N MET C 18 -46.00 29.47 -22.67
CA MET C 18 -45.30 28.20 -22.44
C MET C 18 -45.65 27.62 -21.09
N PRO C 19 -45.87 26.29 -20.94
CA PRO C 19 -46.11 25.73 -19.60
C PRO C 19 -44.90 25.94 -18.70
N GLN C 20 -45.17 26.19 -17.42
CA GLN C 20 -44.19 26.53 -16.39
C GLN C 20 -43.92 25.35 -15.49
N HIS C 21 -42.65 25.19 -15.05
CA HIS C 21 -42.25 24.13 -14.13
C HIS C 21 -43.00 24.32 -12.80
N PRO C 22 -43.63 23.25 -12.24
CA PRO C 22 -44.41 23.38 -10.99
C PRO C 22 -43.66 23.94 -9.77
N GLY C 23 -42.39 23.58 -9.63
CA GLY C 23 -41.55 24.00 -8.52
C GLY C 23 -41.15 25.46 -8.51
N ASN C 24 -40.09 25.77 -7.76
CA ASN C 24 -39.56 27.13 -7.61
C ASN C 24 -38.09 27.15 -7.23
N ARG C 25 -37.42 28.28 -7.57
CA ARG C 25 -36.01 28.61 -7.33
C ARG C 25 -35.56 28.29 -5.88
N TRP C 26 -36.40 28.64 -4.91
CA TRP C 26 -36.13 28.53 -3.48
C TRP C 26 -36.31 27.15 -2.88
N LEU C 27 -37.37 26.41 -3.27
CA LEU C 27 -37.60 25.06 -2.75
C LEU C 27 -36.55 24.12 -3.33
N ARG C 28 -36.07 24.45 -4.55
CA ARG C 28 -35.01 23.72 -5.23
C ARG C 28 -33.79 23.90 -4.34
N LEU C 29 -33.35 25.15 -4.17
CA LEU C 29 -32.24 25.63 -3.35
C LEU C 29 -32.16 24.96 -1.97
N LEU C 30 -33.30 24.84 -1.28
CA LEU C 30 -33.38 24.26 0.05
C LEU C 30 -33.27 22.75 0.04
N GLN C 31 -33.81 22.09 -0.99
CA GLN C 31 -33.74 20.64 -1.14
C GLN C 31 -32.28 20.22 -1.40
N ILE C 32 -31.53 21.06 -2.16
CA ILE C 32 -30.10 20.91 -2.46
C ILE C 32 -29.31 21.17 -1.19
N TRP C 33 -29.78 22.12 -0.37
CA TRP C 33 -29.17 22.42 0.90
C TRP C 33 -29.29 21.19 1.83
N ARG C 34 -30.53 20.67 2.00
CA ARG C 34 -30.86 19.49 2.83
C ARG C 34 -30.19 18.16 2.37
N GLU C 35 -30.42 17.77 1.10
CA GLU C 35 -29.87 16.53 0.54
C GLU C 35 -28.39 16.61 0.19
N GLN C 36 -27.78 17.83 0.18
CA GLN C 36 -26.37 18.09 -0.19
C GLN C 36 -26.07 17.63 -1.63
N GLY C 37 -27.09 17.72 -2.49
CA GLY C 37 -27.04 17.32 -3.89
C GLY C 37 -28.40 17.32 -4.56
N TYR C 38 -28.41 17.02 -5.86
CA TYR C 38 -29.58 16.98 -6.73
C TYR C 38 -29.45 15.72 -7.59
N GLU C 39 -29.27 14.54 -6.95
CA GLU C 39 -29.08 13.23 -7.60
C GLU C 39 -30.18 12.81 -8.57
N HIS C 40 -31.42 13.26 -8.33
CA HIS C 40 -32.62 12.94 -9.11
C HIS C 40 -33.00 13.96 -10.22
N LEU C 41 -32.18 15.03 -10.45
CA LEU C 41 -32.44 16.11 -11.42
C LEU C 41 -32.96 15.59 -12.75
N HIS C 42 -32.27 14.59 -13.33
CA HIS C 42 -32.59 13.96 -14.62
C HIS C 42 -33.98 13.38 -14.66
N LEU C 43 -34.37 12.68 -13.58
CA LEU C 43 -35.68 12.06 -13.42
C LEU C 43 -36.74 13.11 -13.15
N GLU C 44 -36.36 14.22 -12.46
CA GLU C 44 -37.28 15.31 -12.16
C GLU C 44 -37.68 15.97 -13.48
N MET C 45 -36.69 16.37 -14.31
CA MET C 45 -36.91 17.01 -15.60
C MET C 45 -37.63 16.10 -16.57
N HIS C 46 -37.27 14.78 -16.59
CA HIS C 46 -37.90 13.79 -17.46
C HIS C 46 -39.40 13.64 -17.17
N GLN C 47 -39.77 13.68 -15.87
CA GLN C 47 -41.15 13.62 -15.39
C GLN C 47 -41.89 14.88 -15.80
N THR C 48 -41.23 16.07 -15.68
CA THR C 48 -41.80 17.37 -16.04
C THR C 48 -42.16 17.41 -17.53
N PHE C 49 -41.31 16.83 -18.39
CA PHE C 49 -41.54 16.76 -19.84
C PHE C 49 -42.72 15.85 -20.16
N GLN C 50 -42.86 14.74 -19.40
CA GLN C 50 -43.95 13.78 -19.55
C GLN C 50 -45.28 14.46 -19.21
N GLU C 51 -45.28 15.28 -18.15
CA GLU C 51 -46.44 16.01 -17.63
C GLU C 51 -46.80 17.29 -18.39
N LEU C 52 -45.79 18.04 -18.89
CA LEU C 52 -46.05 19.34 -19.52
C LEU C 52 -45.94 19.43 -21.04
N GLY C 53 -45.09 18.61 -21.64
CA GLY C 53 -44.86 18.66 -23.08
C GLY C 53 -43.38 18.70 -23.41
N PRO C 54 -42.98 18.91 -24.69
CA PRO C 54 -41.54 18.89 -25.02
C PRO C 54 -40.78 20.22 -24.85
N ILE C 55 -41.48 21.21 -24.26
CA ILE C 55 -40.99 22.54 -23.96
C ILE C 55 -41.71 23.09 -22.72
N PHE C 56 -40.93 23.66 -21.78
CA PHE C 56 -41.41 24.29 -20.57
C PHE C 56 -40.42 25.36 -20.06
N ARG C 57 -40.91 26.34 -19.28
CA ARG C 57 -40.11 27.42 -18.71
C ARG C 57 -39.92 27.31 -17.18
N TYR C 58 -38.67 27.47 -16.70
CA TYR C 58 -38.33 27.44 -15.27
C TYR C 58 -38.31 28.86 -14.71
N ASN C 59 -39.03 29.06 -13.60
CA ASN C 59 -39.11 30.36 -12.95
C ASN C 59 -37.86 30.65 -12.14
N LEU C 60 -37.05 31.58 -12.62
CA LEU C 60 -35.81 32.02 -11.97
C LEU C 60 -36.02 33.35 -11.26
N GLY C 61 -37.28 33.81 -11.28
CA GLY C 61 -37.74 35.05 -10.65
C GLY C 61 -37.24 36.33 -11.30
N GLY C 62 -36.84 36.23 -12.56
CA GLY C 62 -36.30 37.33 -13.36
C GLY C 62 -35.81 36.79 -14.69
N PRO C 63 -34.66 36.05 -14.72
CA PRO C 63 -34.17 35.48 -15.98
C PRO C 63 -35.12 34.46 -16.64
N ARG C 64 -35.01 34.34 -17.96
CA ARG C 64 -35.83 33.43 -18.77
C ARG C 64 -35.07 32.14 -18.96
N MET C 65 -35.69 31.03 -18.59
CA MET C 65 -35.09 29.72 -18.72
C MET C 65 -36.06 28.75 -19.37
N VAL C 66 -35.65 28.16 -20.50
CA VAL C 66 -36.47 27.22 -21.28
C VAL C 66 -35.79 25.86 -21.28
N CYS C 67 -36.61 24.80 -21.27
CA CYS C 67 -36.14 23.43 -21.34
C CYS C 67 -36.73 22.71 -22.54
N VAL C 68 -35.86 22.10 -23.37
CA VAL C 68 -36.22 21.37 -24.58
C VAL C 68 -35.66 19.97 -24.60
N MET C 69 -36.26 19.11 -25.42
CA MET C 69 -35.88 17.70 -25.49
C MET C 69 -36.06 17.14 -26.90
N LEU C 70 -36.20 18.01 -27.92
CA LEU C 70 -36.38 17.55 -29.28
C LEU C 70 -35.21 17.92 -30.20
N PRO C 71 -34.81 17.02 -31.14
CA PRO C 71 -33.72 17.36 -32.07
C PRO C 71 -34.07 18.55 -32.96
N GLU C 72 -35.37 18.71 -33.32
CA GLU C 72 -35.82 19.85 -34.13
C GLU C 72 -35.49 21.18 -33.45
N ASP C 73 -35.51 21.21 -32.10
CA ASP C 73 -35.20 22.37 -31.27
C ASP C 73 -33.69 22.62 -31.16
N VAL C 74 -32.88 21.55 -31.31
CA VAL C 74 -31.42 21.66 -31.28
C VAL C 74 -30.99 22.33 -32.59
N GLU C 75 -31.64 21.92 -33.71
CA GLU C 75 -31.40 22.44 -35.06
C GLU C 75 -31.60 23.96 -35.09
N LYS C 76 -32.69 24.45 -34.47
CA LYS C 76 -33.06 25.86 -34.36
C LYS C 76 -32.08 26.63 -33.47
N LEU C 77 -31.50 25.93 -32.48
CA LEU C 77 -30.53 26.49 -31.53
C LEU C 77 -29.18 26.73 -32.23
N GLN C 78 -28.78 25.80 -33.15
CA GLN C 78 -27.55 25.85 -33.96
C GLN C 78 -27.47 27.08 -34.86
N GLN C 79 -28.61 27.50 -35.37
CA GLN C 79 -28.71 28.63 -36.28
C GLN C 79 -28.60 29.93 -35.54
N VAL C 80 -29.06 29.96 -34.27
CA VAL C 80 -28.93 31.15 -33.44
C VAL C 80 -27.46 31.26 -32.91
N ASP C 81 -26.72 30.09 -32.87
CA ASP C 81 -25.31 30.03 -32.46
C ASP C 81 -24.58 31.08 -33.26
N SER C 82 -24.03 32.06 -32.55
CA SER C 82 -23.31 33.18 -33.16
C SER C 82 -21.87 32.72 -33.50
N LEU C 83 -20.95 33.69 -33.82
CA LEU C 83 -19.50 33.44 -34.04
C LEU C 83 -18.92 32.99 -32.70
N HIS C 84 -19.56 33.48 -31.63
CA HIS C 84 -19.22 33.24 -30.24
C HIS C 84 -20.43 32.67 -29.46
N PRO C 85 -20.70 31.34 -29.54
CA PRO C 85 -21.81 30.76 -28.76
C PRO C 85 -21.53 30.86 -27.26
N CYS C 86 -22.55 31.33 -26.52
CA CYS C 86 -22.52 31.58 -25.08
C CYS C 86 -23.10 30.47 -24.25
N ARG C 87 -22.47 30.21 -23.11
CA ARG C 87 -22.92 29.26 -22.12
C ARG C 87 -23.06 30.05 -20.83
N MET C 88 -23.68 29.48 -19.78
CA MET C 88 -23.80 30.17 -18.50
C MET C 88 -22.45 30.18 -17.80
N ILE C 89 -22.10 31.32 -17.19
CA ILE C 89 -20.85 31.43 -16.45
C ILE C 89 -20.93 30.53 -15.19
N LEU C 90 -20.07 29.49 -15.14
CA LEU C 90 -20.03 28.55 -14.00
C LEU C 90 -19.27 29.22 -12.85
N GLU C 91 -19.99 30.09 -12.14
CA GLU C 91 -19.54 30.94 -11.04
C GLU C 91 -18.58 30.25 -10.04
N PRO C 92 -18.87 29.04 -9.47
CA PRO C 92 -17.94 28.45 -8.51
C PRO C 92 -16.55 28.13 -9.06
N TRP C 93 -16.49 27.60 -10.29
CA TRP C 93 -15.27 27.24 -11.00
C TRP C 93 -14.45 28.50 -11.28
N VAL C 94 -15.11 29.51 -11.91
CA VAL C 94 -14.53 30.82 -12.25
C VAL C 94 -13.99 31.53 -10.98
N ALA C 95 -14.71 31.39 -9.86
CA ALA C 95 -14.31 31.92 -8.56
C ALA C 95 -12.96 31.36 -8.08
N TYR C 96 -12.67 30.06 -8.32
CA TYR C 96 -11.40 29.44 -7.94
C TYR C 96 -10.25 30.03 -8.73
N ARG C 97 -10.39 30.08 -10.08
CA ARG C 97 -9.42 30.62 -11.02
C ARG C 97 -9.13 32.08 -10.71
N GLN C 98 -10.18 32.88 -10.40
CA GLN C 98 -10.04 34.28 -10.04
C GLN C 98 -9.25 34.41 -8.76
N HIS C 99 -9.57 33.56 -7.77
CA HIS C 99 -8.92 33.55 -6.45
C HIS C 99 -7.44 33.19 -6.53
N ARG C 100 -7.10 32.09 -7.24
CA ARG C 100 -5.72 31.62 -7.36
C ARG C 100 -4.93 32.27 -8.53
N GLY C 101 -5.57 33.15 -9.29
CA GLY C 101 -4.96 33.88 -10.40
C GLY C 101 -4.62 33.06 -11.64
N HIS C 102 -5.51 32.12 -12.02
CA HIS C 102 -5.34 31.29 -13.20
C HIS C 102 -6.23 31.79 -14.32
N LYS C 103 -5.80 31.56 -15.57
CA LYS C 103 -6.58 31.92 -16.75
C LYS C 103 -7.67 30.86 -16.89
N CYS C 104 -8.73 31.15 -17.66
CA CYS C 104 -9.79 30.17 -17.87
C CYS C 104 -9.52 29.36 -19.12
N GLY C 105 -9.96 28.10 -19.09
CA GLY C 105 -9.87 27.20 -20.21
C GLY C 105 -11.01 27.47 -21.15
N VAL C 106 -11.02 26.83 -22.30
CA VAL C 106 -12.02 27.03 -23.33
C VAL C 106 -13.48 26.75 -22.84
N PHE C 107 -13.69 25.83 -21.88
CA PHE C 107 -15.03 25.52 -21.34
C PHE C 107 -15.62 26.71 -20.59
N LEU C 108 -14.82 27.30 -19.68
CA LEU C 108 -15.19 28.42 -18.83
C LEU C 108 -15.09 29.80 -19.52
N LEU C 109 -14.61 29.84 -20.77
CA LEU C 109 -14.49 31.09 -21.52
C LEU C 109 -15.69 31.34 -22.38
N ASN C 110 -15.94 32.61 -22.67
CA ASN C 110 -17.04 33.07 -23.53
C ASN C 110 -16.57 34.21 -24.43
N GLY C 111 -17.21 34.37 -25.56
CA GLY C 111 -16.90 35.45 -26.49
C GLY C 111 -15.60 35.32 -27.28
N PRO C 112 -14.98 36.48 -27.62
CA PRO C 112 -13.74 36.43 -28.41
C PRO C 112 -12.60 35.65 -27.76
N GLU C 113 -12.44 35.78 -26.42
CA GLU C 113 -11.38 35.04 -25.72
C GLU C 113 -11.58 33.53 -25.90
N TRP C 114 -12.86 33.06 -25.92
CA TRP C 114 -13.16 31.65 -26.15
C TRP C 114 -12.72 31.22 -27.56
N ARG C 115 -13.12 32.00 -28.59
CA ARG C 115 -12.83 31.68 -29.99
C ARG C 115 -11.33 31.62 -30.27
N PHE C 116 -10.56 32.53 -29.64
CA PHE C 116 -9.11 32.59 -29.76
C PHE C 116 -8.48 31.32 -29.22
N ASN C 117 -8.90 30.89 -28.00
CA ASN C 117 -8.38 29.68 -27.38
C ASN C 117 -8.75 28.47 -28.23
N ARG C 118 -10.06 28.37 -28.57
CA ARG C 118 -10.64 27.28 -29.33
C ARG C 118 -9.91 26.94 -30.61
N LEU C 119 -9.75 27.93 -31.50
CA LEU C 119 -9.11 27.76 -32.80
C LEU C 119 -7.64 27.29 -32.72
N ARG C 120 -6.94 27.61 -31.63
CA ARG C 120 -5.56 27.19 -31.40
C ARG C 120 -5.45 25.77 -30.76
N LEU C 121 -6.59 25.27 -30.22
CA LEU C 121 -6.73 23.97 -29.58
C LEU C 121 -7.24 22.90 -30.55
N ASN C 122 -8.28 23.20 -31.35
CA ASN C 122 -8.86 22.27 -32.31
C ASN C 122 -7.85 21.45 -33.15
N PRO C 123 -6.79 22.03 -33.76
CA PRO C 123 -5.89 21.22 -34.60
C PRO C 123 -5.12 20.12 -33.89
N ASP C 124 -4.77 20.32 -32.61
CA ASP C 124 -3.97 19.33 -31.87
C ASP C 124 -4.79 18.39 -30.97
N VAL C 125 -6.01 18.80 -30.57
CA VAL C 125 -6.89 18.01 -29.68
C VAL C 125 -7.98 17.25 -30.43
N LEU C 126 -8.64 17.93 -31.40
CA LEU C 126 -9.82 17.41 -32.09
C LEU C 126 -9.64 17.00 -33.57
N SER C 127 -8.77 17.68 -34.34
CA SER C 127 -8.56 17.41 -35.77
C SER C 127 -8.27 15.95 -36.10
N PRO C 128 -8.68 15.44 -37.29
CA PRO C 128 -8.41 14.03 -37.63
C PRO C 128 -6.93 13.72 -37.73
N LYS C 129 -6.11 14.74 -38.13
CA LYS C 129 -4.66 14.63 -38.25
C LYS C 129 -4.05 14.38 -36.87
N ALA C 130 -4.60 15.01 -35.83
CA ALA C 130 -4.18 14.83 -34.44
C ALA C 130 -4.56 13.44 -33.93
N VAL C 131 -5.77 12.96 -34.31
CA VAL C 131 -6.32 11.64 -33.99
C VAL C 131 -5.41 10.53 -34.58
N GLN C 132 -4.81 10.76 -35.76
CA GLN C 132 -3.91 9.82 -36.43
C GLN C 132 -2.62 9.69 -35.62
N ARG C 133 -2.23 10.78 -34.95
CA ARG C 133 -1.02 10.84 -34.16
C ARG C 133 -1.18 10.21 -32.75
N PHE C 134 -2.25 10.53 -31.98
CA PHE C 134 -2.45 9.98 -30.62
C PHE C 134 -3.18 8.61 -30.53
N LEU C 135 -3.82 8.17 -31.64
CA LEU C 135 -4.52 6.87 -31.67
C LEU C 135 -3.58 5.68 -31.40
N PRO C 136 -2.36 5.58 -32.02
CA PRO C 136 -1.49 4.42 -31.72
C PRO C 136 -1.09 4.34 -30.25
N MET C 137 -0.94 5.53 -29.58
CA MET C 137 -0.63 5.66 -28.15
C MET C 137 -1.79 5.09 -27.32
N VAL C 138 -3.05 5.48 -27.64
CA VAL C 138 -4.25 5.01 -26.93
C VAL C 138 -4.38 3.48 -27.05
N ASP C 139 -4.19 2.95 -28.28
CA ASP C 139 -4.24 1.52 -28.57
C ASP C 139 -3.25 0.76 -27.69
N ALA C 140 -2.02 1.29 -27.50
CA ALA C 140 -0.99 0.68 -26.66
C ALA C 140 -1.47 0.44 -25.24
N VAL C 141 -2.21 1.42 -24.65
CA VAL C 141 -2.78 1.35 -23.29
C VAL C 141 -3.97 0.41 -23.29
N ALA C 142 -4.79 0.45 -24.36
CA ALA C 142 -5.96 -0.42 -24.51
C ALA C 142 -5.55 -1.89 -24.52
N ARG C 143 -4.43 -2.22 -25.22
CA ARG C 143 -3.85 -3.56 -25.29
C ARG C 143 -3.44 -3.99 -23.88
N ASP C 144 -2.62 -3.16 -23.19
CA ASP C 144 -2.13 -3.42 -21.85
C ASP C 144 -3.23 -3.72 -20.86
N PHE C 145 -4.42 -3.08 -21.03
CA PHE C 145 -5.59 -3.30 -20.19
C PHE C 145 -6.08 -4.74 -20.31
N SER C 146 -6.34 -5.20 -21.56
CA SER C 146 -6.81 -6.55 -21.82
C SER C 146 -5.79 -7.60 -21.40
N GLN C 147 -4.50 -7.37 -21.71
CA GLN C 147 -3.49 -8.38 -21.38
C GLN C 147 -3.25 -8.49 -19.88
N ALA C 148 -3.46 -7.42 -19.13
CA ALA C 148 -3.36 -7.43 -17.66
C ALA C 148 -4.52 -8.25 -17.09
N LEU C 149 -5.73 -8.03 -17.66
CA LEU C 149 -6.97 -8.71 -17.31
C LEU C 149 -6.85 -10.21 -17.61
N LYS C 150 -6.41 -10.56 -18.85
CA LYS C 150 -6.20 -11.94 -19.32
C LYS C 150 -5.33 -12.71 -18.34
N LYS C 151 -4.22 -12.09 -17.87
CA LYS C 151 -3.28 -12.68 -16.92
C LYS C 151 -3.97 -13.10 -15.63
N LYS C 152 -4.80 -12.19 -15.07
CA LYS C 152 -5.55 -12.44 -13.84
C LYS C 152 -6.64 -13.50 -14.06
N VAL C 153 -7.37 -13.42 -15.21
CA VAL C 153 -8.43 -14.34 -15.65
C VAL C 153 -7.92 -15.78 -15.73
N LEU C 154 -6.73 -15.97 -16.29
CA LEU C 154 -6.16 -17.32 -16.49
C LEU C 154 -5.66 -17.99 -15.22
N GLN C 155 -5.41 -17.22 -14.14
CA GLN C 155 -4.95 -17.76 -12.85
C GLN C 155 -6.09 -18.50 -12.12
N ASN C 156 -7.36 -18.10 -12.38
CA ASN C 156 -8.57 -18.71 -11.83
C ASN C 156 -8.96 -19.95 -12.63
N ALA C 157 -9.45 -20.98 -11.92
CA ALA C 157 -9.86 -22.27 -12.46
C ALA C 157 -10.90 -22.20 -13.58
N ARG C 158 -11.97 -21.41 -13.40
CA ARG C 158 -13.02 -21.30 -14.41
C ARG C 158 -12.67 -20.37 -15.58
N GLY C 159 -11.37 -20.01 -15.68
CA GLY C 159 -10.82 -19.14 -16.72
C GLY C 159 -11.63 -17.89 -16.98
N SER C 160 -12.02 -17.22 -15.88
CA SER C 160 -12.81 -16.00 -15.87
C SER C 160 -12.63 -15.26 -14.55
N LEU C 161 -12.72 -13.91 -14.61
CA LEU C 161 -12.63 -13.04 -13.44
C LEU C 161 -13.90 -12.24 -13.31
N THR C 162 -14.51 -12.28 -12.11
CA THR C 162 -15.72 -11.52 -11.81
C THR C 162 -15.35 -10.38 -10.86
N LEU C 163 -15.67 -9.13 -11.26
CA LEU C 163 -15.28 -7.94 -10.50
C LEU C 163 -16.07 -6.67 -10.80
N ASP C 164 -15.76 -5.61 -10.03
CA ASP C 164 -16.24 -4.25 -10.20
C ASP C 164 -15.17 -3.68 -11.13
N VAL C 165 -15.51 -3.43 -12.41
CA VAL C 165 -14.52 -2.95 -13.38
C VAL C 165 -14.20 -1.50 -13.22
N GLN C 166 -15.13 -0.72 -12.61
CA GLN C 166 -15.03 0.73 -12.44
C GLN C 166 -13.63 1.21 -12.06
N PRO C 167 -12.96 0.70 -10.98
CA PRO C 167 -11.60 1.19 -10.66
C PRO C 167 -10.59 1.04 -11.81
N SER C 168 -10.58 -0.16 -12.47
CA SER C 168 -9.73 -0.50 -13.61
C SER C 168 -9.96 0.46 -14.77
N ILE C 169 -11.23 0.67 -15.15
CA ILE C 169 -11.67 1.58 -16.22
C ILE C 169 -11.22 3.03 -15.94
N PHE C 170 -11.24 3.44 -14.68
CA PHE C 170 -10.80 4.77 -14.29
C PHE C 170 -9.31 4.91 -14.48
N HIS C 171 -8.54 3.91 -14.04
CA HIS C 171 -7.08 3.92 -14.16
C HIS C 171 -6.66 3.77 -15.61
N TYR C 172 -7.56 3.28 -16.46
CA TYR C 172 -7.33 3.20 -17.88
C TYR C 172 -7.47 4.60 -18.50
N THR C 173 -8.59 5.29 -18.23
CA THR C 173 -8.85 6.65 -18.72
C THR C 173 -7.71 7.58 -18.29
N ILE C 174 -7.25 7.49 -17.02
CA ILE C 174 -6.13 8.31 -16.51
C ILE C 174 -4.87 8.05 -17.31
N GLU C 175 -4.51 6.77 -17.50
CA GLU C 175 -3.31 6.35 -18.22
C GLU C 175 -3.38 6.77 -19.70
N ALA C 176 -4.50 6.39 -20.39
CA ALA C 176 -4.73 6.65 -21.82
C ALA C 176 -4.69 8.14 -22.13
N SER C 177 -5.34 8.97 -21.26
CA SER C 177 -5.38 10.43 -21.42
C SER C 177 -4.00 11.05 -21.20
N ASN C 178 -3.29 10.61 -20.14
CA ASN C 178 -1.95 11.13 -19.82
C ASN C 178 -0.97 10.87 -20.95
N LEU C 179 -1.03 9.66 -21.54
CA LEU C 179 -0.16 9.29 -22.66
C LEU C 179 -0.53 10.11 -23.89
N ALA C 180 -1.82 10.42 -24.09
CA ALA C 180 -2.28 11.18 -25.24
C ALA C 180 -1.94 12.65 -25.14
N LEU C 181 -1.97 13.20 -23.92
CA LEU C 181 -1.74 14.63 -23.68
C LEU C 181 -0.27 14.96 -23.47
N PHE C 182 0.38 14.24 -22.55
CA PHE C 182 1.76 14.49 -22.15
C PHE C 182 2.78 13.48 -22.67
N GLY C 183 2.31 12.37 -23.20
CA GLY C 183 3.20 11.32 -23.69
C GLY C 183 3.98 10.64 -22.58
N GLU C 184 3.32 10.42 -21.42
CA GLU C 184 3.94 9.78 -20.27
C GLU C 184 3.13 8.58 -19.80
N ARG C 185 3.84 7.45 -19.59
CA ARG C 185 3.20 6.27 -19.06
C ARG C 185 3.24 6.39 -17.54
N LEU C 186 2.06 6.44 -16.91
CA LEU C 186 1.90 6.56 -15.46
C LEU C 186 2.05 5.22 -14.68
N GLY C 187 1.95 4.09 -15.41
CA GLY C 187 2.06 2.75 -14.86
C GLY C 187 0.86 2.28 -14.06
N LEU C 188 -0.30 2.92 -14.27
CA LEU C 188 -1.55 2.60 -13.58
C LEU C 188 -2.24 1.35 -14.11
N VAL C 189 -2.27 1.16 -15.44
CA VAL C 189 -2.87 0.00 -16.09
C VAL C 189 -2.01 -1.23 -15.81
N GLY C 190 -2.60 -2.22 -15.15
CA GLY C 190 -1.94 -3.47 -14.81
C GLY C 190 -1.25 -3.50 -13.46
N HIS C 191 -1.26 -2.37 -12.73
CA HIS C 191 -0.63 -2.29 -11.40
C HIS C 191 -1.53 -1.67 -10.34
N SER C 192 -1.08 -1.73 -9.07
CA SER C 192 -1.82 -1.18 -7.94
C SER C 192 -1.99 0.36 -8.11
N PRO C 193 -3.21 0.90 -7.85
CA PRO C 193 -3.42 2.35 -8.03
C PRO C 193 -2.53 3.21 -7.17
N SER C 194 -2.07 4.32 -7.75
CA SER C 194 -1.21 5.32 -7.13
C SER C 194 -2.01 6.10 -6.10
N SER C 195 -1.30 6.64 -5.09
CA SER C 195 -1.90 7.49 -4.05
C SER C 195 -2.36 8.77 -4.73
N ALA C 196 -1.55 9.27 -5.68
CA ALA C 196 -1.80 10.46 -6.48
C ALA C 196 -3.07 10.29 -7.29
N SER C 197 -3.24 9.13 -7.96
CA SER C 197 -4.40 8.86 -8.80
C SER C 197 -5.67 8.78 -8.00
N LEU C 198 -5.65 8.05 -6.85
CA LEU C 198 -6.82 7.91 -5.96
C LEU C 198 -7.28 9.24 -5.38
N ASN C 199 -6.31 10.07 -4.94
CA ASN C 199 -6.57 11.41 -4.41
C ASN C 199 -7.13 12.34 -5.49
N PHE C 200 -6.63 12.18 -6.74
CA PHE C 200 -7.10 12.93 -7.91
C PHE C 200 -8.56 12.59 -8.20
N LEU C 201 -8.86 11.28 -8.26
CA LEU C 201 -10.20 10.74 -8.50
C LEU C 201 -11.15 11.20 -7.43
N HIS C 202 -10.69 11.19 -6.16
CA HIS C 202 -11.50 11.63 -5.04
C HIS C 202 -11.77 13.13 -5.13
N ALA C 203 -10.72 13.93 -5.43
CA ALA C 203 -10.82 15.38 -5.59
C ALA C 203 -11.90 15.76 -6.62
N LEU C 204 -11.93 15.05 -7.78
CA LEU C 204 -12.90 15.27 -8.86
C LEU C 204 -14.33 15.02 -8.36
N GLU C 205 -14.54 13.86 -7.71
CA GLU C 205 -15.78 13.41 -7.10
C GLU C 205 -16.34 14.51 -6.20
N VAL C 206 -15.49 15.06 -5.31
CA VAL C 206 -15.79 16.14 -4.34
C VAL C 206 -16.11 17.44 -5.10
N MET C 207 -15.23 17.86 -6.02
CA MET C 207 -15.40 19.06 -6.84
C MET C 207 -16.76 19.04 -7.53
N PHE C 208 -17.13 17.90 -8.16
CA PHE C 208 -18.41 17.74 -8.86
C PHE C 208 -19.58 17.83 -7.91
N LYS C 209 -19.47 17.18 -6.71
CA LYS C 209 -20.49 17.20 -5.65
C LYS C 209 -20.73 18.62 -5.16
N SER C 210 -19.63 19.33 -4.83
CA SER C 210 -19.59 20.70 -4.32
C SER C 210 -19.95 21.74 -5.38
N THR C 211 -19.93 21.36 -6.68
CA THR C 211 -20.37 22.22 -7.77
C THR C 211 -21.89 22.32 -7.70
N VAL C 212 -22.60 21.15 -7.78
CA VAL C 212 -24.06 20.99 -7.68
C VAL C 212 -24.63 21.77 -6.47
N GLN C 213 -23.91 21.74 -5.33
CA GLN C 213 -24.28 22.41 -4.10
C GLN C 213 -24.23 23.94 -4.20
N LEU C 214 -23.23 24.50 -4.91
CA LEU C 214 -23.04 25.95 -5.04
C LEU C 214 -23.64 26.58 -6.30
N MET C 215 -23.90 25.74 -7.32
CA MET C 215 -24.40 25.95 -8.68
C MET C 215 -25.80 26.52 -8.78
N PHE C 216 -26.67 26.17 -7.83
CA PHE C 216 -28.08 26.54 -7.94
C PHE C 216 -28.49 27.74 -7.07
N MET C 217 -27.50 28.53 -6.64
CA MET C 217 -27.70 29.74 -5.85
C MET C 217 -26.58 30.76 -6.08
N PRO C 218 -26.86 32.08 -5.98
CA PRO C 218 -25.81 33.08 -6.21
C PRO C 218 -24.73 33.08 -5.14
N ARG C 219 -23.52 33.57 -5.49
CA ARG C 219 -22.39 33.67 -4.56
C ARG C 219 -22.83 34.48 -3.32
N SER C 220 -23.69 35.51 -3.53
CA SER C 220 -24.23 36.38 -2.49
C SER C 220 -24.99 35.60 -1.41
N LEU C 221 -25.53 34.44 -1.79
CA LEU C 221 -26.30 33.57 -0.92
C LEU C 221 -25.45 32.37 -0.47
N SER C 222 -24.92 31.55 -1.42
CA SER C 222 -24.09 30.39 -1.12
C SER C 222 -22.97 30.68 -0.11
N ARG C 223 -22.40 31.89 -0.12
CA ARG C 223 -21.34 32.30 0.81
C ARG C 223 -21.73 32.23 2.30
N TRP C 224 -23.03 32.38 2.65
CA TRP C 224 -23.44 32.32 4.06
C TRP C 224 -24.36 31.14 4.40
N ILE C 225 -25.08 30.60 3.41
CA ILE C 225 -25.98 29.46 3.58
C ILE C 225 -25.17 28.11 3.58
N SER C 226 -24.03 28.07 2.84
CA SER C 226 -23.13 26.92 2.73
C SER C 226 -21.63 27.35 2.57
N PRO C 227 -21.03 28.09 3.55
CA PRO C 227 -19.61 28.49 3.41
C PRO C 227 -18.65 27.31 3.48
N LYS C 228 -19.05 26.24 4.20
CA LYS C 228 -18.28 25.03 4.37
C LYS C 228 -18.11 24.33 3.03
N VAL C 229 -19.12 24.46 2.14
CA VAL C 229 -19.14 23.87 0.80
C VAL C 229 -18.14 24.60 -0.11
N TRP C 230 -18.02 25.93 0.04
CA TRP C 230 -17.07 26.75 -0.72
C TRP C 230 -15.65 26.32 -0.38
N LYS C 231 -15.38 26.05 0.92
CA LYS C 231 -14.07 25.60 1.38
C LYS C 231 -13.75 24.25 0.76
N GLU C 232 -14.65 23.24 0.92
CA GLU C 232 -14.44 21.89 0.38
C GLU C 232 -14.25 21.90 -1.15
N HIS C 233 -14.96 22.80 -1.86
CA HIS C 233 -14.86 22.98 -3.31
C HIS C 233 -13.46 23.45 -3.70
N PHE C 234 -12.96 24.52 -3.04
CA PHE C 234 -11.63 25.08 -3.30
C PHE C 234 -10.52 24.16 -2.89
N GLU C 235 -10.67 23.45 -1.74
CA GLU C 235 -9.72 22.45 -1.25
C GLU C 235 -9.64 21.30 -2.28
N ALA C 236 -10.79 20.92 -2.88
CA ALA C 236 -10.87 19.91 -3.93
C ALA C 236 -10.13 20.38 -5.18
N TRP C 237 -10.38 21.62 -5.65
CA TRP C 237 -9.70 22.20 -6.82
C TRP C 237 -8.19 22.27 -6.60
N ASP C 238 -7.75 22.59 -5.37
CA ASP C 238 -6.35 22.67 -5.01
C ASP C 238 -5.64 21.35 -5.33
N CYS C 239 -6.29 20.19 -5.03
CA CYS C 239 -5.76 18.85 -5.33
C CYS C 239 -5.72 18.57 -6.83
N ILE C 240 -6.79 18.96 -7.57
CA ILE C 240 -6.93 18.80 -9.03
C ILE C 240 -5.82 19.61 -9.74
N PHE C 241 -5.59 20.86 -9.29
CA PHE C 241 -4.57 21.75 -9.82
C PHE C 241 -3.15 21.32 -9.46
N GLN C 242 -2.97 20.70 -8.27
CA GLN C 242 -1.70 20.15 -7.79
C GLN C 242 -1.29 19.01 -8.73
N TYR C 243 -2.27 18.16 -9.11
CA TYR C 243 -2.06 17.04 -10.02
C TYR C 243 -1.71 17.57 -11.40
N GLY C 244 -2.55 18.48 -11.90
CA GLY C 244 -2.41 19.10 -13.21
C GLY C 244 -1.10 19.84 -13.40
N ASP C 245 -0.70 20.67 -12.41
CA ASP C 245 0.53 21.46 -12.47
C ASP C 245 1.76 20.58 -12.52
N ASN C 246 1.74 19.42 -11.83
CA ASN C 246 2.88 18.52 -11.89
C ASN C 246 3.10 17.99 -13.30
N CYS C 247 1.99 17.63 -13.98
CA CYS C 247 2.00 17.16 -15.35
C CYS C 247 2.69 18.20 -16.25
N ILE C 248 2.24 19.47 -16.17
CA ILE C 248 2.75 20.59 -16.93
C ILE C 248 4.24 20.86 -16.60
N GLN C 249 4.60 20.97 -15.30
CA GLN C 249 5.97 21.30 -14.87
C GLN C 249 7.00 20.31 -15.42
N LYS C 250 6.60 19.03 -15.55
CA LYS C 250 7.41 17.94 -16.12
C LYS C 250 7.64 18.20 -17.64
N ILE C 251 6.55 18.27 -18.46
CA ILE C 251 6.59 18.47 -19.92
C ILE C 251 7.26 19.80 -20.28
N TYR C 252 7.02 20.87 -19.50
CA TYR C 252 7.61 22.19 -19.77
C TYR C 252 9.13 22.16 -19.58
N GLN C 253 9.64 21.41 -18.58
CA GLN C 253 11.08 21.26 -18.34
C GLN C 253 11.71 20.36 -19.43
N GLU C 254 11.05 19.22 -19.76
CA GLU C 254 11.49 18.24 -20.78
C GLU C 254 11.68 18.89 -22.15
N LEU C 255 10.69 19.71 -22.59
CA LEU C 255 10.73 20.44 -23.87
C LEU C 255 11.72 21.59 -23.87
N ALA C 256 11.97 22.20 -22.69
CA ALA C 256 12.90 23.32 -22.56
C ALA C 256 14.34 22.94 -22.92
N PHE C 257 14.72 21.67 -22.66
CA PHE C 257 16.05 21.15 -22.92
C PHE C 257 16.21 20.43 -24.26
N ASN C 258 15.10 19.92 -24.82
CA ASN C 258 15.10 19.23 -26.12
C ASN C 258 13.70 19.25 -26.75
N ARG C 259 13.59 19.90 -27.93
CA ARG C 259 12.38 19.98 -28.75
C ARG C 259 12.36 18.69 -29.60
N PRO C 260 11.44 17.74 -29.33
CA PRO C 260 11.47 16.46 -30.04
C PRO C 260 11.07 16.50 -31.50
N GLN C 261 11.60 15.52 -32.25
CA GLN C 261 11.34 15.31 -33.66
C GLN C 261 9.96 14.65 -33.85
N HIS C 262 9.71 13.54 -33.14
CA HIS C 262 8.47 12.77 -33.15
C HIS C 262 7.33 13.36 -32.29
N TYR C 263 6.14 12.75 -32.36
CA TYR C 263 4.96 13.13 -31.59
C TYR C 263 5.08 12.57 -30.18
N THR C 264 4.94 13.45 -29.17
CA THR C 264 5.05 13.09 -27.75
C THR C 264 3.86 13.65 -26.95
N GLY C 265 2.69 13.70 -27.58
CA GLY C 265 1.46 14.18 -26.93
C GLY C 265 0.89 15.47 -27.45
N ILE C 266 -0.38 15.75 -27.09
CA ILE C 266 -1.16 16.93 -27.48
C ILE C 266 -0.53 18.21 -26.92
N VAL C 267 -0.35 18.26 -25.59
CA VAL C 267 0.19 19.38 -24.81
C VAL C 267 1.60 19.79 -25.30
N ALA C 268 2.41 18.80 -25.74
CA ALA C 268 3.75 19.06 -26.29
C ALA C 268 3.65 19.92 -27.56
N GLU C 269 2.68 19.61 -28.46
CA GLU C 269 2.45 20.32 -29.73
C GLU C 269 1.94 21.74 -29.53
N LEU C 270 1.14 21.97 -28.45
CA LEU C 270 0.63 23.28 -28.07
C LEU C 270 1.81 24.15 -27.56
N LEU C 271 2.66 23.57 -26.70
CA LEU C 271 3.83 24.22 -26.10
C LEU C 271 4.85 24.57 -27.18
N LEU C 272 5.06 23.66 -28.14
CA LEU C 272 6.03 23.87 -29.22
C LEU C 272 5.55 24.92 -30.21
N LYS C 273 4.23 24.93 -30.53
CA LYS C 273 3.65 25.92 -31.45
C LYS C 273 3.71 27.33 -30.87
N ALA C 274 3.56 27.44 -29.51
CA ALA C 274 3.55 28.70 -28.75
C ALA C 274 2.58 29.77 -29.34
N GLU C 275 1.43 29.30 -29.87
CA GLU C 275 0.39 30.17 -30.43
C GLU C 275 -0.40 30.78 -29.27
N LEU C 276 -0.52 30.01 -28.15
CA LEU C 276 -1.18 30.42 -26.91
C LEU C 276 -0.11 30.72 -25.86
N SER C 277 -0.45 31.57 -24.85
CA SER C 277 0.45 31.91 -23.76
C SER C 277 0.63 30.70 -22.82
N LEU C 278 1.71 30.68 -22.01
CA LEU C 278 1.94 29.54 -21.12
C LEU C 278 0.76 29.43 -20.17
N GLU C 279 0.21 30.57 -19.71
CA GLU C 279 -0.94 30.61 -18.80
C GLU C 279 -2.22 30.10 -19.47
N ALA C 280 -2.36 30.30 -20.80
CA ALA C 280 -3.49 29.80 -21.60
C ALA C 280 -3.34 28.29 -21.82
N ILE C 281 -2.09 27.83 -22.10
CA ILE C 281 -1.78 26.41 -22.30
C ILE C 281 -2.02 25.68 -20.97
N LYS C 282 -1.58 26.28 -19.84
CA LYS C 282 -1.75 25.72 -18.50
C LYS C 282 -3.25 25.51 -18.19
N ALA C 283 -4.08 26.55 -18.49
CA ALA C 283 -5.53 26.56 -18.26
C ALA C 283 -6.25 25.46 -19.02
N ASN C 284 -5.99 25.37 -20.34
CA ASN C 284 -6.59 24.39 -21.24
C ASN C 284 -6.06 22.99 -20.96
N SER C 285 -4.77 22.87 -20.59
CA SER C 285 -4.13 21.61 -20.22
C SER C 285 -4.81 21.02 -18.98
N MET C 286 -5.21 21.89 -18.03
CA MET C 286 -5.93 21.52 -16.80
C MET C 286 -7.33 20.98 -17.13
N GLU C 287 -8.07 21.66 -18.02
CA GLU C 287 -9.39 21.23 -18.46
C GLU C 287 -9.31 19.88 -19.15
N LEU C 288 -8.28 19.64 -19.98
CA LEU C 288 -8.10 18.37 -20.67
C LEU C 288 -7.67 17.21 -19.75
N THR C 289 -6.80 17.49 -18.74
CA THR C 289 -6.31 16.46 -17.81
C THR C 289 -7.42 15.94 -16.89
N ALA C 290 -8.22 16.86 -16.34
CA ALA C 290 -9.31 16.57 -15.40
C ALA C 290 -10.60 16.22 -16.12
N GLY C 291 -10.81 16.81 -17.29
CA GLY C 291 -12.01 16.61 -18.10
C GLY C 291 -12.06 15.34 -18.92
N SER C 292 -10.98 14.53 -18.89
CA SER C 292 -10.88 13.28 -19.65
C SER C 292 -10.97 12.02 -18.76
N VAL C 293 -11.01 12.19 -17.42
CA VAL C 293 -11.07 11.09 -16.47
C VAL C 293 -12.45 10.52 -16.36
N ASP C 294 -13.38 11.27 -15.76
CA ASP C 294 -14.74 10.80 -15.50
C ASP C 294 -15.58 10.66 -16.76
N THR C 295 -15.47 11.63 -17.69
CA THR C 295 -16.23 11.69 -18.93
C THR C 295 -16.12 10.42 -19.80
N THR C 296 -14.92 9.91 -20.04
CA THR C 296 -14.69 8.73 -20.87
C THR C 296 -15.06 7.45 -20.12
N ALA C 297 -14.81 7.42 -18.79
CA ALA C 297 -15.00 6.27 -17.90
C ALA C 297 -16.42 5.76 -17.79
N PHE C 298 -17.38 6.66 -17.52
CA PHE C 298 -18.77 6.25 -17.28
C PHE C 298 -19.45 5.66 -18.51
N PRO C 299 -19.37 6.26 -19.73
CA PRO C 299 -19.98 5.61 -20.89
C PRO C 299 -19.26 4.29 -21.20
N LEU C 300 -17.92 4.21 -20.89
CA LEU C 300 -17.14 2.99 -21.08
C LEU C 300 -17.65 1.88 -20.16
N LEU C 301 -17.84 2.20 -18.89
CA LEU C 301 -18.36 1.25 -17.92
C LEU C 301 -19.81 0.85 -18.28
N MET C 302 -20.63 1.82 -18.77
CA MET C 302 -22.02 1.57 -19.18
C MET C 302 -22.13 0.69 -20.41
N THR C 303 -21.17 0.82 -21.37
CA THR C 303 -21.15 0.00 -22.58
C THR C 303 -20.89 -1.44 -22.18
N LEU C 304 -19.92 -1.64 -21.27
CA LEU C 304 -19.61 -2.97 -20.75
C LEU C 304 -20.86 -3.59 -20.12
N PHE C 305 -21.63 -2.79 -19.33
CA PHE C 305 -22.87 -3.26 -18.70
C PHE C 305 -23.93 -3.68 -19.72
N GLU C 306 -24.26 -2.77 -20.67
CA GLU C 306 -25.27 -3.03 -21.70
C GLU C 306 -24.93 -4.22 -22.59
N LEU C 307 -23.62 -4.49 -22.82
CA LEU C 307 -23.17 -5.62 -23.63
C LEU C 307 -23.34 -6.94 -22.88
N ALA C 308 -23.10 -6.94 -21.57
CA ALA C 308 -23.28 -8.14 -20.75
C ALA C 308 -24.77 -8.51 -20.71
N ARG C 309 -25.67 -7.50 -20.64
CA ARG C 309 -27.10 -7.80 -20.62
C ARG C 309 -27.64 -7.97 -22.05
N ASN C 310 -26.89 -7.51 -23.08
CA ASN C 310 -27.30 -7.75 -24.48
C ASN C 310 -26.30 -8.71 -25.15
N PRO C 311 -26.38 -10.04 -24.86
CA PRO C 311 -25.38 -10.96 -25.43
C PRO C 311 -25.42 -11.04 -26.96
N ASP C 312 -26.63 -10.93 -27.53
CA ASP C 312 -26.89 -10.96 -28.97
C ASP C 312 -26.10 -9.86 -29.70
N VAL C 313 -26.17 -8.61 -29.16
CA VAL C 313 -25.48 -7.41 -29.64
C VAL C 313 -23.96 -7.62 -29.50
N GLN C 314 -23.53 -8.12 -28.33
CA GLN C 314 -22.13 -8.39 -28.01
C GLN C 314 -21.46 -9.32 -29.05
N GLN C 315 -22.13 -10.43 -29.45
CA GLN C 315 -21.60 -11.36 -30.44
C GLN C 315 -21.43 -10.72 -31.82
N ILE C 316 -22.35 -9.79 -32.18
CA ILE C 316 -22.33 -9.04 -33.45
C ILE C 316 -21.08 -8.14 -33.46
N LEU C 317 -20.85 -7.40 -32.34
CA LEU C 317 -19.71 -6.50 -32.15
C LEU C 317 -18.40 -7.27 -32.08
N ARG C 318 -18.42 -8.46 -31.44
CA ARG C 318 -17.25 -9.33 -31.33
C ARG C 318 -16.86 -9.88 -32.69
N GLN C 319 -17.85 -10.39 -33.47
CA GLN C 319 -17.62 -10.90 -34.83
C GLN C 319 -16.91 -9.85 -35.70
N GLU C 320 -17.37 -8.57 -35.59
CA GLU C 320 -16.83 -7.43 -36.31
C GLU C 320 -15.38 -7.17 -35.85
N SER C 321 -15.17 -7.05 -34.52
CA SER C 321 -13.87 -6.80 -33.90
C SER C 321 -12.86 -7.93 -34.17
N LEU C 322 -13.33 -9.16 -34.40
CA LEU C 322 -12.43 -10.28 -34.71
C LEU C 322 -11.99 -10.27 -36.18
N ALA C 323 -12.91 -9.90 -37.08
CA ALA C 323 -12.64 -9.81 -38.52
C ALA C 323 -11.62 -8.69 -38.80
N ALA C 324 -11.88 -7.49 -38.24
CA ALA C 324 -11.04 -6.32 -38.39
C ALA C 324 -9.80 -6.33 -37.45
N ALA C 325 -9.66 -7.37 -36.60
CA ALA C 325 -8.57 -7.50 -35.63
C ALA C 325 -7.18 -7.32 -36.21
N ALA C 326 -6.91 -7.99 -37.35
CA ALA C 326 -5.64 -7.99 -38.05
C ALA C 326 -5.23 -6.63 -38.61
N SER C 327 -6.15 -5.93 -39.31
CA SER C 327 -5.88 -4.60 -39.88
C SER C 327 -5.66 -3.52 -38.82
N ILE C 328 -6.37 -3.63 -37.67
CA ILE C 328 -6.24 -2.72 -36.53
C ILE C 328 -4.89 -2.99 -35.84
N SER C 329 -4.43 -4.25 -35.85
CA SER C 329 -3.14 -4.62 -35.26
C SER C 329 -2.00 -4.00 -36.05
N GLU C 330 -2.11 -4.00 -37.40
CA GLU C 330 -1.15 -3.40 -38.33
C GLU C 330 -1.20 -1.88 -38.26
N HIS C 331 -2.42 -1.31 -38.30
CA HIS C 331 -2.66 0.14 -38.22
C HIS C 331 -3.81 0.46 -37.28
N PRO C 332 -3.48 0.92 -36.04
CA PRO C 332 -4.54 1.24 -35.06
C PRO C 332 -5.56 2.27 -35.52
N GLN C 333 -5.13 3.29 -36.30
CA GLN C 333 -6.01 4.36 -36.78
C GLN C 333 -7.15 3.88 -37.69
N LYS C 334 -7.09 2.58 -38.10
CA LYS C 334 -8.11 1.91 -38.90
C LYS C 334 -9.34 1.55 -38.03
N ALA C 335 -9.19 1.54 -36.70
CA ALA C 335 -10.28 1.21 -35.77
C ALA C 335 -11.49 2.15 -35.88
N THR C 336 -11.23 3.43 -36.25
CA THR C 336 -12.26 4.47 -36.42
C THR C 336 -13.21 4.14 -37.59
N THR C 337 -12.63 3.65 -38.69
CA THR C 337 -13.33 3.32 -39.93
C THR C 337 -13.82 1.87 -40.03
N GLU C 338 -13.02 0.91 -39.51
CA GLU C 338 -13.30 -0.53 -39.62
C GLU C 338 -14.15 -1.12 -38.46
N LEU C 339 -14.64 -0.27 -37.53
CA LEU C 339 -15.53 -0.72 -36.46
C LEU C 339 -16.83 0.11 -36.48
N PRO C 340 -17.66 0.07 -37.55
CA PRO C 340 -18.87 0.91 -37.59
C PRO C 340 -19.95 0.55 -36.57
N LEU C 341 -20.07 -0.74 -36.22
CA LEU C 341 -21.05 -1.23 -35.24
C LEU C 341 -20.63 -0.85 -33.84
N LEU C 342 -19.33 -1.02 -33.50
CA LEU C 342 -18.81 -0.65 -32.18
C LEU C 342 -18.97 0.86 -31.95
N ARG C 343 -18.80 1.66 -33.02
CA ARG C 343 -18.98 3.11 -32.97
C ARG C 343 -20.45 3.42 -32.68
N ALA C 344 -21.37 2.66 -33.35
CA ALA C 344 -22.82 2.80 -33.22
C ALA C 344 -23.30 2.37 -31.84
N ALA C 345 -22.58 1.41 -31.21
CA ALA C 345 -22.90 0.93 -29.86
C ALA C 345 -22.63 2.05 -28.86
N LEU C 346 -21.55 2.83 -29.08
CA LEU C 346 -21.17 3.97 -28.25
C LEU C 346 -22.20 5.09 -28.38
N LYS C 347 -22.78 5.28 -29.60
CA LYS C 347 -23.82 6.28 -29.86
C LYS C 347 -25.06 5.96 -29.02
N GLU C 348 -25.37 4.63 -28.91
CA GLU C 348 -26.48 4.03 -28.17
C GLU C 348 -26.27 4.14 -26.66
N THR C 349 -25.02 3.97 -26.20
CA THR C 349 -24.66 4.10 -24.79
C THR C 349 -24.88 5.54 -24.36
N LEU C 350 -24.45 6.51 -25.18
CA LEU C 350 -24.59 7.93 -24.87
C LEU C 350 -26.03 8.42 -25.02
N ARG C 351 -26.84 7.76 -25.88
CA ARG C 351 -28.27 8.06 -26.06
C ARG C 351 -29.05 7.83 -24.73
N LEU C 352 -28.80 6.69 -24.08
CA LEU C 352 -29.45 6.31 -22.82
C LEU C 352 -28.69 6.83 -21.62
N TYR C 353 -27.36 6.90 -21.72
CA TYR C 353 -26.49 7.31 -20.59
C TYR C 353 -25.65 8.55 -20.94
N PRO C 354 -26.28 9.75 -21.07
CA PRO C 354 -25.46 10.92 -21.37
C PRO C 354 -24.71 11.45 -20.16
N VAL C 355 -23.37 11.42 -20.18
CA VAL C 355 -22.57 12.01 -19.10
C VAL C 355 -22.80 13.55 -19.06
N GLY C 356 -23.12 14.10 -20.22
CA GLY C 356 -23.45 15.50 -20.42
C GLY C 356 -24.71 15.88 -19.64
N LEU C 357 -25.83 15.21 -19.98
CA LEU C 357 -27.15 15.39 -19.39
C LEU C 357 -27.85 16.50 -20.09
N PHE C 358 -27.35 17.71 -20.01
CA PHE C 358 -27.99 18.80 -20.73
C PHE C 358 -27.00 19.68 -21.41
N LEU C 359 -27.34 20.05 -22.65
CA LEU C 359 -26.63 21.01 -23.48
C LEU C 359 -27.15 22.39 -23.05
N GLU C 360 -26.32 23.43 -23.04
CA GLU C 360 -26.81 24.75 -22.65
C GLU C 360 -26.22 25.87 -23.53
N ARG C 361 -27.08 26.88 -23.85
CA ARG C 361 -26.76 28.08 -24.63
C ARG C 361 -27.51 29.32 -24.14
N VAL C 362 -26.76 30.42 -23.81
CA VAL C 362 -27.38 31.69 -23.49
C VAL C 362 -27.53 32.41 -24.84
N VAL C 363 -28.71 32.18 -25.43
CA VAL C 363 -29.16 32.62 -26.75
C VAL C 363 -28.80 34.09 -26.99
N SER C 364 -28.11 34.38 -28.13
CA SER C 364 -27.58 35.69 -28.56
C SER C 364 -28.61 36.58 -29.26
N SER C 365 -29.60 35.98 -29.94
CA SER C 365 -30.68 36.64 -30.70
C SER C 365 -32.00 35.86 -30.61
N ASP C 366 -33.15 36.57 -30.68
CA ASP C 366 -34.51 36.00 -30.62
C ASP C 366 -34.66 34.78 -31.53
N LEU C 367 -35.41 33.78 -31.06
CA LEU C 367 -35.73 32.59 -31.84
C LEU C 367 -37.10 32.05 -31.48
N VAL C 368 -37.61 31.09 -32.25
CA VAL C 368 -38.89 30.48 -31.98
C VAL C 368 -38.67 28.98 -31.84
N LEU C 369 -39.04 28.41 -30.68
CA LEU C 369 -38.94 26.98 -30.40
C LEU C 369 -40.32 26.45 -30.04
N GLN C 370 -40.77 25.39 -30.74
CA GLN C 370 -42.09 24.79 -30.54
C GLN C 370 -43.23 25.84 -30.60
N ASN C 371 -43.16 26.73 -31.63
CA ASN C 371 -44.07 27.85 -31.92
C ASN C 371 -44.14 28.92 -30.78
N TYR C 372 -43.18 28.87 -29.85
CA TYR C 372 -43.10 29.80 -28.71
C TYR C 372 -41.95 30.78 -28.93
N HIS C 373 -42.19 32.07 -28.65
CA HIS C 373 -41.17 33.10 -28.79
C HIS C 373 -40.12 32.97 -27.66
N ILE C 374 -38.86 32.80 -28.04
CA ILE C 374 -37.71 32.68 -27.14
C ILE C 374 -36.84 33.94 -27.32
N PRO C 375 -36.97 34.94 -26.39
CA PRO C 375 -36.20 36.19 -26.53
C PRO C 375 -34.69 36.04 -26.39
N ALA C 376 -33.94 37.04 -26.86
CA ALA C 376 -32.48 37.09 -26.76
C ALA C 376 -32.11 37.17 -25.28
N GLY C 377 -31.07 36.45 -24.90
CA GLY C 377 -30.59 36.39 -23.51
C GLY C 377 -31.20 35.26 -22.68
N THR C 378 -32.19 34.53 -23.25
CA THR C 378 -32.86 33.42 -22.60
C THR C 378 -31.96 32.22 -22.52
N LEU C 379 -31.91 31.59 -21.33
CA LEU C 379 -31.11 30.38 -21.18
C LEU C 379 -31.94 29.22 -21.69
N VAL C 380 -31.38 28.43 -22.64
CA VAL C 380 -32.03 27.26 -23.25
C VAL C 380 -31.22 26.03 -22.87
N GLN C 381 -31.90 25.02 -22.25
CA GLN C 381 -31.27 23.75 -21.81
C GLN C 381 -31.87 22.55 -22.53
N VAL C 382 -31.04 21.81 -23.28
CA VAL C 382 -31.46 20.62 -24.03
C VAL C 382 -31.19 19.39 -23.16
N PHE C 383 -32.24 18.79 -22.56
CA PHE C 383 -32.10 17.61 -21.71
C PHE C 383 -31.98 16.33 -22.53
N LEU C 384 -30.73 15.86 -22.67
CA LEU C 384 -30.32 14.70 -23.45
C LEU C 384 -30.88 13.38 -22.95
N TYR C 385 -31.14 13.26 -21.64
CA TYR C 385 -31.70 12.05 -21.05
C TYR C 385 -33.09 11.81 -21.62
N SER C 386 -33.94 12.84 -21.55
CA SER C 386 -35.32 12.84 -22.06
C SER C 386 -35.34 12.72 -23.59
N LEU C 387 -34.44 13.45 -24.28
CA LEU C 387 -34.28 13.46 -25.74
C LEU C 387 -34.03 12.05 -26.28
N GLY C 388 -33.11 11.33 -25.66
CA GLY C 388 -32.72 9.98 -26.04
C GLY C 388 -33.75 8.91 -25.70
N ARG C 389 -34.63 9.23 -24.73
CA ARG C 389 -35.69 8.33 -24.24
C ARG C 389 -37.07 8.63 -24.82
N ASN C 390 -37.09 9.45 -25.89
CA ASN C 390 -38.31 9.80 -26.62
C ASN C 390 -38.66 8.65 -27.56
N ALA C 391 -39.76 7.97 -27.21
CA ALA C 391 -40.34 6.80 -27.87
C ALA C 391 -40.70 7.00 -29.34
N ALA C 392 -41.00 8.26 -29.73
CA ALA C 392 -41.41 8.62 -31.08
C ALA C 392 -40.25 8.77 -32.08
N LEU C 393 -39.05 9.14 -31.60
CA LEU C 393 -37.88 9.30 -32.48
C LEU C 393 -36.94 8.11 -32.35
N PHE C 394 -37.00 7.41 -31.19
CA PHE C 394 -36.20 6.22 -30.91
C PHE C 394 -37.18 5.08 -30.61
N PRO C 395 -37.66 4.39 -31.68
CA PRO C 395 -38.63 3.29 -31.47
C PRO C 395 -38.09 2.22 -30.52
N ARG C 396 -38.86 1.93 -29.45
CA ARG C 396 -38.50 1.06 -28.30
C ARG C 396 -37.20 1.65 -27.74
N PRO C 397 -37.31 2.84 -27.07
CA PRO C 397 -36.11 3.55 -26.62
C PRO C 397 -35.32 2.85 -25.54
N GLU C 398 -35.98 2.03 -24.70
CA GLU C 398 -35.33 1.29 -23.63
C GLU C 398 -34.45 0.12 -24.20
N ARG C 399 -34.69 -0.28 -25.46
CA ARG C 399 -33.93 -1.35 -26.15
C ARG C 399 -32.58 -0.84 -26.66
N TYR C 400 -31.49 -1.52 -26.26
CA TYR C 400 -30.13 -1.19 -26.67
C TYR C 400 -29.87 -1.82 -28.04
N ASN C 401 -29.90 -1.00 -29.09
CA ASN C 401 -29.70 -1.44 -30.46
C ASN C 401 -28.76 -0.52 -31.27
N PRO C 402 -27.50 -0.94 -31.50
CA PRO C 402 -26.58 -0.12 -32.29
C PRO C 402 -26.97 -0.01 -33.76
N GLN C 403 -27.73 -0.99 -34.29
CA GLN C 403 -28.16 -1.03 -35.68
C GLN C 403 -29.05 0.15 -36.10
N ARG C 404 -29.70 0.82 -35.12
CA ARG C 404 -30.57 1.97 -35.41
C ARG C 404 -29.78 3.19 -35.93
N TRP C 405 -28.44 3.23 -35.66
CA TRP C 405 -27.52 4.29 -36.10
C TRP C 405 -26.88 3.99 -37.48
N LEU C 406 -27.36 2.92 -38.15
CA LEU C 406 -26.82 2.47 -39.44
C LEU C 406 -27.83 2.54 -40.60
N ASP C 407 -29.16 2.53 -40.31
CA ASP C 407 -30.25 2.59 -41.32
C ASP C 407 -30.22 3.93 -42.10
N ILE C 408 -30.20 5.07 -41.34
CA ILE C 408 -30.12 6.49 -41.77
C ILE C 408 -31.28 6.92 -42.75
N ARG C 409 -32.06 7.94 -42.29
CA ARG C 409 -33.20 8.57 -42.99
C ARG C 409 -33.12 10.09 -42.79
N ASN C 414 -28.32 14.24 -38.75
CA ASN C 414 -29.73 14.61 -38.60
C ASN C 414 -30.12 14.98 -37.15
N PHE C 415 -29.18 15.57 -36.36
CA PHE C 415 -29.32 16.07 -34.97
C PHE C 415 -29.86 15.06 -33.93
N HIS C 416 -29.82 13.74 -34.23
CA HIS C 416 -30.27 12.70 -33.29
C HIS C 416 -29.16 12.35 -32.29
N HIS C 417 -27.90 12.46 -32.73
CA HIS C 417 -26.73 12.15 -31.92
C HIS C 417 -26.04 13.47 -31.56
N VAL C 418 -26.36 13.99 -30.37
CA VAL C 418 -25.78 15.24 -29.87
C VAL C 418 -25.15 15.08 -28.45
N PRO C 419 -24.52 13.93 -28.06
CA PRO C 419 -23.98 13.83 -26.69
C PRO C 419 -22.71 14.63 -26.45
N PHE C 420 -22.01 15.04 -27.53
CA PHE C 420 -20.80 15.84 -27.44
C PHE C 420 -21.13 17.31 -27.77
N GLY C 421 -22.41 17.63 -27.82
CA GLY C 421 -22.87 18.98 -28.14
C GLY C 421 -23.07 19.19 -29.62
N PHE C 422 -23.00 20.46 -30.06
CA PHE C 422 -23.18 20.85 -31.45
C PHE C 422 -22.41 22.13 -31.78
N GLY C 423 -22.08 22.29 -33.05
CA GLY C 423 -21.39 23.49 -33.52
C GLY C 423 -19.96 23.63 -33.09
N MET C 424 -19.47 24.88 -33.10
CA MET C 424 -18.09 25.25 -32.79
C MET C 424 -17.70 24.93 -31.38
N ARG C 425 -18.68 25.02 -30.47
CA ARG C 425 -18.58 24.77 -29.04
C ARG C 425 -18.70 23.29 -28.66
N GLN C 426 -18.85 22.39 -29.66
CA GLN C 426 -18.97 20.95 -29.45
C GLN C 426 -17.71 20.46 -28.79
N CYS C 427 -17.87 19.51 -27.84
CA CYS C 427 -16.81 18.86 -27.08
C CYS C 427 -15.45 18.80 -27.79
N LEU C 428 -14.43 19.38 -27.15
CA LEU C 428 -13.06 19.41 -27.67
C LEU C 428 -12.40 18.03 -27.59
N GLY C 429 -12.71 17.27 -26.55
CA GLY C 429 -12.14 15.94 -26.35
C GLY C 429 -12.96 14.81 -26.91
N ARG C 430 -13.94 15.13 -27.77
CA ARG C 430 -14.86 14.20 -28.43
C ARG C 430 -14.10 13.03 -29.06
N ARG C 431 -13.16 13.34 -29.97
CA ARG C 431 -12.42 12.33 -30.72
C ARG C 431 -11.42 11.54 -29.87
N LEU C 432 -10.86 12.15 -28.79
CA LEU C 432 -9.96 11.43 -27.87
C LEU C 432 -10.78 10.42 -27.05
N ALA C 433 -11.96 10.84 -26.53
CA ALA C 433 -12.87 10.00 -25.75
C ALA C 433 -13.31 8.79 -26.58
N GLU C 434 -13.84 9.03 -27.80
CA GLU C 434 -14.28 7.98 -28.74
C GLU C 434 -13.14 6.98 -29.00
N ALA C 435 -11.90 7.45 -29.15
CA ALA C 435 -10.71 6.62 -29.39
C ALA C 435 -10.40 5.72 -28.19
N GLU C 436 -10.42 6.27 -26.96
CA GLU C 436 -10.19 5.52 -25.73
C GLU C 436 -11.26 4.44 -25.55
N MET C 437 -12.53 4.83 -25.79
CA MET C 437 -13.67 3.94 -25.69
C MET C 437 -13.66 2.82 -26.71
N LEU C 438 -13.53 3.13 -28.03
CA LEU C 438 -13.49 2.14 -29.10
C LEU C 438 -12.40 1.09 -28.90
N LEU C 439 -11.17 1.55 -28.65
CA LEU C 439 -10.01 0.67 -28.52
C LEU C 439 -10.03 -0.22 -27.28
N LEU C 440 -10.56 0.25 -26.12
CA LEU C 440 -10.63 -0.60 -24.93
C LEU C 440 -11.56 -1.78 -25.26
N LEU C 441 -12.77 -1.45 -25.77
CA LEU C 441 -13.82 -2.38 -26.16
C LEU C 441 -13.39 -3.34 -27.26
N HIS C 442 -12.64 -2.85 -28.27
CA HIS C 442 -12.16 -3.72 -29.34
C HIS C 442 -11.23 -4.80 -28.79
N HIS C 443 -10.31 -4.41 -27.90
CA HIS C 443 -9.37 -5.32 -27.29
C HIS C 443 -10.00 -6.24 -26.27
N VAL C 444 -11.10 -5.78 -25.62
CA VAL C 444 -11.85 -6.59 -24.66
C VAL C 444 -12.67 -7.64 -25.41
N LEU C 445 -13.42 -7.23 -26.45
CA LEU C 445 -14.24 -8.13 -27.27
C LEU C 445 -13.45 -9.26 -27.92
N LYS C 446 -12.21 -8.96 -28.35
CA LYS C 446 -11.26 -9.89 -28.97
C LYS C 446 -10.88 -11.09 -28.06
N HIS C 447 -10.83 -10.88 -26.74
CA HIS C 447 -10.38 -11.92 -25.79
C HIS C 447 -11.40 -12.40 -24.76
N PHE C 448 -12.38 -11.54 -24.40
CA PHE C 448 -13.33 -11.88 -23.36
C PHE C 448 -14.76 -11.85 -23.74
N LEU C 449 -15.58 -12.54 -22.93
CA LEU C 449 -17.03 -12.57 -22.96
C LEU C 449 -17.50 -11.82 -21.72
N VAL C 450 -18.21 -10.69 -21.89
CA VAL C 450 -18.71 -9.92 -20.74
C VAL C 450 -20.10 -10.46 -20.36
N GLU C 451 -20.27 -10.90 -19.10
CA GLU C 451 -21.52 -11.50 -18.61
C GLU C 451 -21.96 -10.92 -17.27
N THR C 452 -23.29 -10.86 -17.02
CA THR C 452 -23.82 -10.40 -15.72
C THR C 452 -25.22 -10.93 -15.42
N LEU C 453 -25.46 -11.27 -14.13
CA LEU C 453 -26.75 -11.72 -13.61
C LEU C 453 -27.63 -10.50 -13.26
N THR C 454 -26.99 -9.30 -13.11
CA THR C 454 -27.63 -8.02 -12.83
C THR C 454 -28.31 -7.59 -14.13
N GLN C 455 -29.55 -8.00 -14.33
CA GLN C 455 -30.27 -7.63 -15.55
C GLN C 455 -31.05 -6.34 -15.36
N GLU C 456 -31.41 -6.01 -14.09
CA GLU C 456 -32.13 -4.80 -13.70
C GLU C 456 -31.29 -3.52 -14.00
N ASP C 457 -31.98 -2.49 -14.52
CA ASP C 457 -31.43 -1.20 -14.91
C ASP C 457 -30.66 -0.55 -13.76
N ILE C 458 -29.48 0.03 -14.04
CA ILE C 458 -28.72 0.73 -13.01
C ILE C 458 -29.34 2.11 -12.86
N LYS C 459 -29.58 2.57 -11.62
CA LYS C 459 -30.10 3.92 -11.38
C LYS C 459 -28.98 4.92 -11.73
N MET C 460 -29.32 6.03 -12.39
CA MET C 460 -28.32 7.04 -12.73
C MET C 460 -28.39 8.12 -11.71
N VAL C 461 -27.27 8.78 -11.46
CA VAL C 461 -27.21 9.83 -10.47
C VAL C 461 -26.67 11.12 -11.10
N TYR C 462 -27.20 12.28 -10.64
CA TYR C 462 -26.70 13.56 -11.11
C TYR C 462 -25.77 14.22 -10.07
N SER C 463 -24.46 14.23 -10.39
CA SER C 463 -23.41 14.86 -9.60
C SER C 463 -22.55 15.65 -10.60
N PHE C 464 -23.18 16.63 -11.31
CA PHE C 464 -22.63 17.45 -12.42
C PHE C 464 -22.53 16.62 -13.71
N ILE C 465 -21.97 15.40 -13.59
CA ILE C 465 -21.87 14.37 -14.62
C ILE C 465 -22.99 13.36 -14.30
N LEU C 466 -23.57 12.72 -15.32
CA LEU C 466 -24.54 11.67 -15.08
C LEU C 466 -23.79 10.30 -14.95
N ARG C 467 -23.58 9.89 -13.69
CA ARG C 467 -22.85 8.68 -13.39
C ARG C 467 -23.75 7.57 -12.85
N PRO C 468 -23.42 6.26 -13.05
CA PRO C 468 -24.25 5.20 -12.46
C PRO C 468 -24.11 5.17 -10.93
N GLY C 469 -25.26 5.00 -10.25
CA GLY C 469 -25.34 4.98 -8.79
C GLY C 469 -24.58 3.81 -8.20
N THR C 470 -24.72 2.65 -8.85
CA THR C 470 -24.09 1.41 -8.44
C THR C 470 -23.27 0.85 -9.60
N SER C 471 -22.17 0.14 -9.29
CA SER C 471 -21.32 -0.48 -10.30
C SER C 471 -21.66 -1.98 -10.28
N PRO C 472 -21.99 -2.62 -11.42
CA PRO C 472 -22.38 -4.03 -11.37
C PRO C 472 -21.18 -4.96 -11.38
N LEU C 473 -21.43 -6.20 -10.96
CA LEU C 473 -20.44 -7.26 -10.94
C LEU C 473 -20.42 -7.84 -12.34
N LEU C 474 -19.28 -7.73 -13.02
CA LEU C 474 -19.14 -8.20 -14.39
C LEU C 474 -18.14 -9.32 -14.50
N THR C 475 -18.55 -10.42 -15.17
CA THR C 475 -17.69 -11.56 -15.41
C THR C 475 -16.98 -11.34 -16.74
N PHE C 476 -15.70 -11.69 -16.82
CA PHE C 476 -14.90 -11.59 -18.04
C PHE C 476 -14.37 -12.99 -18.34
N ARG C 477 -15.11 -13.75 -19.16
CA ARG C 477 -14.68 -15.11 -19.48
C ARG C 477 -13.75 -15.12 -20.66
N ALA C 478 -12.60 -15.79 -20.50
CA ALA C 478 -11.61 -15.93 -21.56
C ALA C 478 -12.24 -16.78 -22.66
N ILE C 479 -12.26 -16.27 -23.90
CA ILE C 479 -12.92 -16.94 -25.02
C ILE C 479 -12.31 -18.33 -25.34
N ASN C 480 -10.97 -18.49 -25.40
CA ASN C 480 -10.40 -19.81 -25.72
C ASN C 480 -9.86 -20.55 -24.51
FE HEC D . 30.34 10.00 9.41
CHA HEC D . 31.81 10.83 12.29
CHB HEC D . 31.14 13.21 8.21
CHC HEC D . 28.78 9.35 6.39
CHD HEC D . 29.43 6.99 10.59
NA HEC D . 31.25 11.63 10.09
C1A HEC D . 31.82 11.78 11.32
C2A HEC D . 32.42 13.08 11.44
C3A HEC D . 32.24 13.74 10.30
C4A HEC D . 31.52 12.87 9.47
CMA HEC D . 32.73 15.12 10.00
CAA HEC D . 33.15 13.59 12.63
CBA HEC D . 34.50 12.88 12.81
CGA HEC D . 35.53 13.83 13.41
O1A HEC D . 35.11 14.64 14.24
O2A HEC D . 36.86 13.83 13.06
NB HEC D . 29.99 11.08 7.75
C1B HEC D . 30.43 12.35 7.41
C2B HEC D . 30.09 12.74 6.06
C3B HEC D . 29.34 11.67 5.55
C4B HEC D . 29.32 10.62 6.62
CMB HEC D . 30.44 14.06 5.38
CAB HEC D . 28.72 11.42 4.21
CBB HEC D . 29.07 12.10 3.07
NC HEC D . 29.31 8.52 8.68
C1C HEC D . 28.78 8.38 7.39
C2C HEC D . 28.24 7.08 7.21
C3C HEC D . 28.39 6.44 8.39
C4C HEC D . 29.06 7.33 9.29
CMC HEC D . 27.62 6.51 5.96
CAC HEC D . 27.98 5.08 8.69
CBC HEC D . 28.57 4.06 8.13
ND HEC D . 30.55 9.09 11.09
C1D HEC D . 30.11 7.85 11.43
C2D HEC D . 30.51 7.48 12.79
C3D HEC D . 31.22 8.53 13.23
C4D HEC D . 31.21 9.56 12.17
CMD HEC D . 30.20 6.17 13.44
CAD HEC D . 31.91 8.77 14.52
CBD HEC D . 33.44 8.58 14.31
CGD HEC D . 34.11 8.56 15.67
O1D HEC D . 35.19 8.05 15.85
O2D HEC D . 33.53 9.09 16.75
C1 O4T E . 26.35 10.38 14.60
C2 O4T E . 25.88 9.37 13.55
C3 O4T E . 26.96 8.26 13.46
C4 O4T E . 22.93 7.59 15.21
C5 O4T E . 21.93 8.03 14.35
C8 O4T E . 24.57 8.76 13.97
C9 O4T E . 23.58 9.21 13.07
C10 O4T E . 24.24 10.01 12.04
C14 O4T E . 26.51 10.77 11.53
C15 O4T E . 27.59 10.13 10.91
C17 O4T E . 28.34 12.18 10.14
C19 O4T E . 27.32 12.87 10.75
C20 O4T E . 27.28 14.36 10.63
N21 O4T E . 27.10 15.04 11.93
O23 O4T E . 27.79 15.42 14.22
C26 O4T E . 26.27 14.78 9.56
C6 O4T E . 22.25 8.84 13.27
C7 O4T E . 24.24 7.96 15.02
N11 O4T E . 25.59 10.05 12.27
O12 O4T E . 23.67 10.44 11.05
CL1 O4T E . 22.63 6.54 16.57
N16 O4T E . 28.47 10.85 10.25
C18 O4T E . 26.38 12.16 11.47
S22 O4T E . 28.40 15.34 12.94
O24 O4T E . 29.38 14.36 12.69
C25 O4T E . 29.08 16.97 12.52
FE HEC F . -12.96 -27.45 12.22
CHA HEC F . -15.97 -28.20 13.80
CHB HEC F . -11.25 -28.54 14.95
CHC HEC F . -10.08 -26.59 10.73
CHD HEC F . -14.70 -26.14 9.63
NA HEC F . -13.51 -28.18 13.95
C1A HEC F . -14.81 -28.46 14.47
C2A HEC F . -14.74 -29.13 15.75
C3A HEC F . -13.41 -29.20 16.10
C4A HEC F . -12.65 -28.64 14.99
CMA HEC F . -12.81 -29.75 17.36
CAA HEC F . -15.93 -29.56 16.58
CBA HEC F . -16.26 -31.05 16.43
CGA HEC F . -17.17 -31.65 17.51
O1A HEC F . -17.72 -30.95 18.37
O2A HEC F . -17.39 -32.98 17.54
NB HEC F . -11.06 -27.52 12.75
C1B HEC F . -10.50 -28.00 13.89
C2B HEC F . -9.06 -27.98 13.88
C3B HEC F . -8.72 -27.43 12.67
C4B HEC F . -10.01 -27.13 12.00
CMB HEC F . -8.16 -28.51 14.99
CAB HEC F . -7.42 -27.17 12.04
CBB HEC F . -6.31 -27.04 12.72
NC HEC F . -12.50 -26.50 10.55
C1C HEC F . -11.24 -26.28 10.07
C2C HEC F . -11.26 -25.75 8.80
C3C HEC F . -12.57 -25.53 8.51
C4C HEC F . -13.33 -26.03 9.58
CMC HEC F . -10.05 -25.42 8.00
CAC HEC F . -13.09 -24.97 7.26
CBC HEC F . -12.84 -25.59 6.09
ND HEC F . -14.89 -27.23 11.82
C1D HEC F . -15.42 -26.71 10.72
C2D HEC F . -16.89 -26.81 10.74
C3D HEC F . -17.22 -27.35 11.86
C4D HEC F . -15.98 -27.60 12.56
CMD HEC F . -17.85 -26.36 9.68
CAD HEC F . -18.58 -27.66 12.35
CBD HEC F . -18.98 -29.09 11.95
CGD HEC F . -20.26 -29.47 12.73
O1D HEC F . -21.33 -29.80 12.21
O2D HEC F . -20.19 -29.41 14.07
C1 O4T G . -16.65 -22.59 13.61
C2 O4T G . -15.82 -22.17 12.40
C3 O4T G . -16.13 -23.08 11.20
C4 O4T G . -17.40 -18.83 11.37
C5 O4T G . -16.25 -18.04 11.51
C8 O4T G . -16.19 -20.76 12.03
C9 O4T G . -15.02 -19.99 12.17
C10 O4T G . -13.95 -20.88 12.66
C14 O4T G . -13.69 -23.23 13.35
C15 O4T G . -13.53 -24.47 12.75
C17 O4T G . -12.36 -25.25 14.61
C19 O4T G . -12.49 -24.04 15.29
C20 O4T G . -11.96 -23.88 16.69
N21 O4T G . -12.63 -24.81 17.60
O23 O4T G . -14.33 -23.83 19.08
C26 O4T G . -12.10 -22.46 17.26
C6 O4T G . -15.07 -18.61 11.93
C7 O4T G . -17.36 -20.19 11.62
N11 O4T G . -14.40 -22.15 12.78
O12 O4T G . -12.82 -20.50 12.90
CL1 O4T G . -18.93 -18.18 10.85
N16 O4T G . -12.88 -25.43 13.40
C18 O4T G . -13.21 -23.04 14.66
S22 O4T G . -14.23 -24.81 18.06
O24 O4T G . -15.03 -24.74 16.89
C25 O4T G . -14.32 -26.45 18.84
FE HEC H . -16.51 16.94 -23.32
CHA HEC H . -17.49 20.11 -23.83
CHB HEC H . -19.73 15.90 -23.78
CHC HEC H . -15.50 13.70 -23.01
CHD HEC H . -13.23 18.01 -23.01
NA HEC H . -18.20 17.84 -23.71
C1A HEC H . -18.47 19.18 -23.88
C2A HEC H . -19.86 19.44 -24.04
C3A HEC H . -20.50 18.24 -24.01
C4A HEC H . -19.48 17.25 -23.83
CMA HEC H . -21.96 17.94 -24.16
CAA HEC H . -20.48 20.76 -24.22
CBA HEC H . -20.73 20.93 -25.70
CGA HEC H . -21.72 22.07 -26.04
O1A HEC H . -22.18 22.85 -25.16
O2A HEC H . -22.08 22.16 -27.36
NB HEC H . -17.41 15.19 -23.42
C1B HEC H . -18.74 14.94 -23.59
C2B HEC H . -19.04 13.53 -23.57
C3B HEC H . -17.86 12.88 -23.38
C4B HEC H . -16.83 13.97 -23.28
CMB HEC H . -20.44 12.92 -23.74
CAB HEC H . -17.54 11.45 -23.30
CBB HEC H . -18.42 10.53 -23.67
NC HEC H . -14.77 16.08 -23.01
C1C HEC H . -14.55 14.70 -22.92
C2C HEC H . -13.17 14.41 -22.90
C3C HEC H . -12.53 15.60 -22.84
C4C HEC H . -13.50 16.66 -22.94
CMC HEC H . -12.57 13.03 -22.89
CAC HEC H . -11.09 15.74 -22.86
CBC HEC H . -10.48 16.51 -22.00
ND HEC H . -15.58 18.66 -23.44
C1D HEC H . -14.25 18.93 -23.20
C2D HEC H . -13.98 20.39 -23.28
C3D HEC H . -15.16 20.97 -23.61
C4D HEC H . -16.13 19.86 -23.69
CMD HEC H . -12.67 21.03 -23.05
CAD HEC H . -15.49 22.44 -23.80
CBD HEC H . -15.52 22.95 -25.26
CGD HEC H . -15.99 24.41 -25.36
O1D HEC H . -15.46 25.21 -26.14
O2D HEC H . -17.01 24.84 -24.55
C1 O4T I . -15.82 20.82 -18.10
C2 O4T I . -14.73 19.76 -18.17
C3 O4T I . -13.86 20.05 -19.40
C4 O4T I . -12.27 20.39 -15.23
C5 O4T I . -12.53 19.23 -14.53
C8 O4T I . -13.86 19.77 -16.92
C9 O4T I . -14.11 18.58 -16.22
C10 O4T I . -15.07 17.79 -17.01
C14 O4T I . -16.29 17.94 -19.09
C15 O4T I . -15.89 17.67 -20.40
C17 O4T I . -18.01 16.94 -20.90
C19 O4T I . -18.48 17.19 -19.63
C20 O4T I . -19.91 16.83 -19.32
N21 O4T I . -20.59 17.90 -18.60
O23 O4T I . -21.80 19.94 -18.39
C26 O4T I . -19.91 15.55 -18.48
C6 O4T I . -13.43 18.32 -15.02
C7 O4T I . -12.94 20.67 -16.43
N11 O4T I . -15.38 18.44 -18.15
O12 O4T I . -15.41 16.66 -16.70
CL1 O4T I . -11.13 21.58 -14.68
N16 O4T I . -16.76 17.18 -21.26
C18 O4T I . -17.60 17.70 -18.69
S22 O4T I . -21.04 19.28 -19.38
O24 O4T I . -19.83 19.85 -19.88
C25 O4T I . -22.17 18.86 -20.74
#